data_7T5R
#
_entry.id   7T5R
#
_cell.length_a   79.310
_cell.length_b   82.280
_cell.length_c   221.350
_cell.angle_alpha   90.000
_cell.angle_beta   90.000
_cell.angle_gamma   90.000
#
_symmetry.space_group_name_H-M   'P 21 21 21'
#
loop_
_entity.id
_entity.type
_entity.pdbx_description
1 polymer 'Acyl-[acyl-carrier-protein]--UDP-N-acetylglucosamine O-acyltransferase'
2 non-polymer 3-bromo-N-[3-(1H-tetrazol-5-yl)phenyl]-1H-indole-5-carboxamide
3 non-polymer GLYCEROL
4 water water
#
_entity_poly.entity_id   1
_entity_poly.type   'polypeptide(L)'
_entity_poly.pdbx_seq_one_letter_code
;MSLIDPRAIIDPSARLAADVQVGPWSIVGAEVEIGEGTVIGPHVVLKGPTKIGKHNRIYQFSSVGEDTPDLKYKGEPTRL
VIGDHNVIREGVTIHRGTVQDRAETTIGDHNLIMAYAHIGHDSVIGNHCILVNNTALAGHVHVDDWAILSGYTLVHQYCR
IGAHSFSGMGSAIGKDVPAYVTVFGNPAEARSMNFEGMRRRGFSSEAIHALRRAYKVVYRQGHTVEEALAELAESAAQFP
EVAVFRDSIQSATRGITR
;
_entity_poly.pdbx_strand_id   A,B,C,D,E,F
#
loop_
_chem_comp.id
_chem_comp.type
_chem_comp.name
_chem_comp.formula
F30 non-polymer 3-bromo-N-[3-(1H-tetrazol-5-yl)phenyl]-1H-indole-5-carboxamide 'C16 H11 Br N6 O'
GOL non-polymer GLYCEROL 'C3 H8 O3'
#
# COMPACT_ATOMS: atom_id res chain seq x y z
N SER A 2 27.27 -27.34 -23.04
CA SER A 2 28.37 -28.02 -22.28
C SER A 2 28.18 -27.81 -20.76
N LEU A 3 28.54 -28.82 -19.98
CA LEU A 3 28.33 -28.85 -18.50
C LEU A 3 29.21 -27.81 -17.80
N ILE A 4 30.38 -27.51 -18.39
CA ILE A 4 31.38 -26.55 -17.85
C ILE A 4 31.24 -25.24 -18.64
N ASP A 5 30.75 -24.20 -17.98
CA ASP A 5 30.58 -22.88 -18.63
C ASP A 5 31.97 -22.34 -18.97
N PRO A 6 32.17 -21.82 -20.21
CA PRO A 6 33.49 -21.33 -20.61
C PRO A 6 33.90 -20.08 -19.82
N ARG A 7 32.97 -19.43 -19.13
CA ARG A 7 33.27 -18.22 -18.31
C ARG A 7 33.83 -18.63 -16.92
N ALA A 8 33.77 -19.90 -16.54
CA ALA A 8 34.39 -20.42 -15.29
C ALA A 8 35.90 -20.57 -15.51
N ILE A 9 36.67 -20.53 -14.42
CA ILE A 9 38.12 -20.79 -14.42
C ILE A 9 38.35 -22.14 -13.73
N ILE A 10 38.71 -23.17 -14.50
CA ILE A 10 39.05 -24.52 -13.98
C ILE A 10 40.58 -24.64 -13.97
N ASP A 11 41.20 -24.74 -12.80
CA ASP A 11 42.65 -25.02 -12.68
C ASP A 11 42.99 -26.35 -13.33
N PRO A 12 44.16 -26.46 -14.03
CA PRO A 12 44.60 -27.73 -14.61
C PRO A 12 44.69 -28.89 -13.61
N SER A 13 44.96 -28.64 -12.32
CA SER A 13 45.06 -29.71 -11.29
C SER A 13 43.66 -30.11 -10.76
N ALA A 14 42.61 -29.33 -11.07
CA ALA A 14 41.23 -29.66 -10.63
C ALA A 14 40.80 -30.95 -11.31
N ARG A 15 40.02 -31.79 -10.65
CA ARG A 15 39.51 -33.07 -11.21
C ARG A 15 37.98 -33.09 -11.15
N LEU A 16 37.31 -33.13 -12.30
CA LEU A 16 35.83 -33.09 -12.44
C LEU A 16 35.39 -34.48 -12.91
N ALA A 17 34.41 -35.08 -12.24
CA ALA A 17 33.83 -36.39 -12.61
C ALA A 17 32.68 -36.20 -13.62
N ALA A 18 32.11 -37.31 -14.08
CA ALA A 18 30.96 -37.37 -15.01
C ALA A 18 29.80 -36.50 -14.48
N ASP A 19 29.17 -35.73 -15.35
CA ASP A 19 27.90 -34.99 -15.08
C ASP A 19 28.10 -33.83 -14.12
N VAL A 20 29.34 -33.41 -13.88
CA VAL A 20 29.60 -32.19 -13.06
C VAL A 20 29.29 -30.96 -13.91
N GLN A 21 28.51 -30.03 -13.35
CA GLN A 21 28.21 -28.73 -13.97
C GLN A 21 28.93 -27.63 -13.19
N VAL A 22 29.49 -26.67 -13.91
CA VAL A 22 30.12 -25.47 -13.29
C VAL A 22 29.57 -24.25 -14.02
N GLY A 23 28.92 -23.37 -13.26
CA GLY A 23 28.24 -22.21 -13.83
C GLY A 23 29.25 -21.13 -14.16
N PRO A 24 28.77 -20.06 -14.83
CA PRO A 24 29.65 -18.98 -15.26
C PRO A 24 30.29 -18.24 -14.09
N TRP A 25 31.54 -17.81 -14.28
CA TRP A 25 32.29 -16.92 -13.38
C TRP A 25 32.57 -17.64 -12.05
N SER A 26 32.59 -18.97 -12.07
CA SER A 26 32.98 -19.78 -10.90
C SER A 26 34.46 -20.13 -11.02
N ILE A 27 35.15 -20.26 -9.89
CA ILE A 27 36.59 -20.65 -9.85
C ILE A 27 36.68 -22.02 -9.19
N VAL A 28 37.20 -23.00 -9.93
CA VAL A 28 37.56 -24.33 -9.39
C VAL A 28 39.09 -24.36 -9.32
N GLY A 29 39.65 -24.02 -8.16
CA GLY A 29 41.09 -23.85 -7.94
C GLY A 29 41.88 -25.16 -7.96
N ALA A 30 43.20 -25.05 -7.78
CA ALA A 30 44.13 -26.21 -7.77
C ALA A 30 43.70 -27.22 -6.71
N GLU A 31 43.88 -28.49 -7.02
CA GLU A 31 43.66 -29.65 -6.12
C GLU A 31 42.21 -29.61 -5.61
N VAL A 32 41.27 -29.13 -6.42
CA VAL A 32 39.83 -29.27 -6.08
C VAL A 32 39.34 -30.46 -6.87
N GLU A 33 38.83 -31.47 -6.17
CA GLU A 33 38.18 -32.67 -6.76
C GLU A 33 36.66 -32.54 -6.57
N ILE A 34 35.89 -32.72 -7.66
CA ILE A 34 34.40 -32.64 -7.68
C ILE A 34 33.82 -33.95 -8.20
N GLY A 35 32.96 -34.56 -7.40
CA GLY A 35 32.40 -35.90 -7.63
C GLY A 35 31.18 -35.87 -8.54
N GLU A 36 30.80 -37.05 -9.03
CA GLU A 36 29.74 -37.31 -10.06
C GLU A 36 28.46 -36.52 -9.73
N GLY A 37 27.97 -35.76 -10.70
CA GLY A 37 26.61 -35.18 -10.67
C GLY A 37 26.52 -33.96 -9.78
N THR A 38 27.64 -33.47 -9.23
CA THR A 38 27.69 -32.23 -8.41
C THR A 38 27.48 -31.03 -9.33
N VAL A 39 26.59 -30.13 -8.91
CA VAL A 39 26.31 -28.87 -9.62
C VAL A 39 26.93 -27.72 -8.84
N ILE A 40 27.91 -27.06 -9.45
CA ILE A 40 28.45 -25.78 -8.95
C ILE A 40 27.71 -24.64 -9.66
N GLY A 41 27.14 -23.73 -8.87
CA GLY A 41 26.37 -22.60 -9.38
C GLY A 41 27.29 -21.59 -10.04
N PRO A 42 26.74 -20.42 -10.47
CA PRO A 42 27.56 -19.33 -10.93
C PRO A 42 28.17 -18.56 -9.75
N HIS A 43 29.22 -17.79 -9.98
CA HIS A 43 29.86 -16.91 -8.96
C HIS A 43 30.25 -17.71 -7.70
N VAL A 44 30.70 -18.95 -7.86
CA VAL A 44 31.21 -19.77 -6.72
C VAL A 44 32.74 -19.76 -6.73
N VAL A 45 33.35 -19.62 -5.55
CA VAL A 45 34.83 -19.77 -5.38
C VAL A 45 35.10 -21.10 -4.67
N LEU A 46 35.74 -22.05 -5.34
CA LEU A 46 36.23 -23.30 -4.73
C LEU A 46 37.76 -23.22 -4.65
N LYS A 47 38.30 -23.43 -3.46
CA LYS A 47 39.76 -23.44 -3.24
C LYS A 47 40.09 -24.75 -2.55
N GLY A 48 41.29 -25.24 -2.82
CA GLY A 48 41.76 -26.59 -2.46
C GLY A 48 42.95 -26.49 -1.52
N PRO A 49 43.49 -27.62 -1.06
CA PRO A 49 43.01 -28.94 -1.45
C PRO A 49 41.66 -29.32 -0.83
N THR A 50 40.71 -29.69 -1.70
CA THR A 50 39.29 -29.93 -1.36
C THR A 50 38.77 -31.14 -2.15
N LYS A 51 38.07 -32.04 -1.47
CA LYS A 51 37.39 -33.22 -2.09
C LYS A 51 35.87 -33.08 -1.87
N ILE A 52 35.12 -32.91 -2.97
CA ILE A 52 33.63 -32.81 -2.97
C ILE A 52 33.10 -34.09 -3.63
N GLY A 53 32.16 -34.75 -2.97
CA GLY A 53 31.58 -36.02 -3.39
C GLY A 53 30.50 -35.82 -4.44
N LYS A 54 29.51 -36.68 -4.45
CA LYS A 54 28.54 -36.84 -5.56
C LYS A 54 27.22 -36.13 -5.24
N HIS A 55 26.56 -35.58 -6.27
CA HIS A 55 25.16 -35.10 -6.24
C HIS A 55 25.02 -33.99 -5.18
N ASN A 56 26.05 -33.16 -5.04
CA ASN A 56 26.06 -31.95 -4.18
C ASN A 56 25.52 -30.79 -5.02
N ARG A 57 25.01 -29.78 -4.36
CA ARG A 57 24.66 -28.52 -5.05
C ARG A 57 25.26 -27.36 -4.26
N ILE A 58 26.02 -26.50 -4.94
CA ILE A 58 26.66 -25.32 -4.31
C ILE A 58 26.18 -24.06 -5.02
N TYR A 59 25.51 -23.16 -4.27
CA TYR A 59 24.89 -21.94 -4.86
C TYR A 59 25.90 -20.81 -4.92
N GLN A 60 25.57 -19.83 -5.76
CA GLN A 60 26.28 -18.56 -6.03
C GLN A 60 26.73 -17.84 -4.76
N PHE A 61 27.90 -17.24 -4.88
CA PHE A 61 28.53 -16.34 -3.88
C PHE A 61 29.08 -17.12 -2.68
N SER A 62 29.11 -18.46 -2.72
CA SER A 62 29.75 -19.33 -1.73
C SER A 62 31.26 -19.30 -1.92
N SER A 63 32.00 -19.32 -0.81
CA SER A 63 33.46 -19.43 -0.76
C SER A 63 33.76 -20.72 -0.05
N VAL A 64 34.02 -21.78 -0.80
CA VAL A 64 34.22 -23.13 -0.22
C VAL A 64 35.71 -23.49 -0.32
N GLY A 65 36.36 -23.67 0.84
CA GLY A 65 37.76 -24.09 0.97
C GLY A 65 38.72 -22.92 1.08
N GLU A 66 38.24 -21.76 1.52
CA GLU A 66 39.13 -20.62 1.89
C GLU A 66 39.94 -20.99 3.16
N ASP A 67 41.05 -20.30 3.35
CA ASP A 67 41.93 -20.42 4.55
C ASP A 67 41.25 -19.61 5.64
N THR A 68 41.26 -20.09 6.89
CA THR A 68 40.76 -19.30 8.03
C THR A 68 41.56 -18.00 8.13
N PRO A 69 40.93 -16.85 8.46
CA PRO A 69 41.69 -15.65 8.78
C PRO A 69 42.18 -15.65 10.24
N ASP A 70 41.90 -16.73 11.00
CA ASP A 70 42.26 -16.86 12.45
C ASP A 70 43.79 -16.97 12.61
N LEU A 71 44.51 -17.52 11.62
CA LEU A 71 46.01 -17.55 11.59
C LEU A 71 46.48 -16.50 10.56
N LYS A 72 47.51 -15.71 10.91
CA LYS A 72 48.08 -14.69 10.00
C LYS A 72 48.79 -15.39 8.83
N TYR A 73 49.53 -16.47 9.11
CA TYR A 73 50.30 -17.26 8.11
C TYR A 73 49.71 -18.67 8.06
N LYS A 74 49.18 -19.03 6.89
CA LYS A 74 48.44 -20.32 6.68
C LYS A 74 49.45 -21.48 6.78
N GLY A 75 48.98 -22.62 7.28
CA GLY A 75 49.67 -23.90 7.10
C GLY A 75 49.21 -24.55 5.81
N GLU A 76 50.06 -25.34 5.18
CA GLU A 76 49.68 -26.17 4.01
C GLU A 76 50.44 -27.47 4.08
N PRO A 77 49.84 -28.58 3.60
CA PRO A 77 48.46 -28.61 3.14
C PRO A 77 47.46 -28.86 4.29
N THR A 78 46.30 -28.19 4.24
CA THR A 78 45.12 -28.45 5.12
C THR A 78 43.92 -28.62 4.19
N ARG A 79 43.03 -29.56 4.51
CA ARG A 79 42.03 -30.15 3.59
C ARG A 79 40.61 -29.70 3.94
N LEU A 80 39.71 -29.82 2.97
CA LEU A 80 38.24 -29.76 3.16
C LEU A 80 37.64 -30.97 2.45
N VAL A 81 36.83 -31.74 3.17
CA VAL A 81 36.20 -32.96 2.64
C VAL A 81 34.69 -32.80 2.79
N ILE A 82 33.97 -32.92 1.68
CA ILE A 82 32.49 -32.85 1.60
C ILE A 82 32.02 -34.13 0.94
N GLY A 83 31.07 -34.81 1.60
CA GLY A 83 30.47 -36.07 1.15
C GLY A 83 29.47 -35.82 0.02
N ASP A 84 28.33 -36.50 0.09
CA ASP A 84 27.39 -36.65 -1.04
C ASP A 84 26.03 -36.03 -0.67
N HIS A 85 25.28 -35.59 -1.69
CA HIS A 85 23.87 -35.18 -1.58
C HIS A 85 23.72 -34.02 -0.58
N ASN A 86 24.72 -33.14 -0.49
CA ASN A 86 24.69 -31.91 0.34
C ASN A 86 24.17 -30.74 -0.50
N VAL A 87 23.45 -29.83 0.14
CA VAL A 87 23.04 -28.55 -0.47
C VAL A 87 23.72 -27.46 0.33
N ILE A 88 24.49 -26.62 -0.36
CA ILE A 88 25.19 -25.44 0.20
C ILE A 88 24.57 -24.24 -0.49
N ARG A 89 23.86 -23.39 0.25
CA ARG A 89 23.03 -22.31 -0.33
C ARG A 89 23.88 -21.04 -0.55
N GLU A 90 23.23 -19.94 -0.86
CA GLU A 90 23.86 -18.69 -1.35
C GLU A 90 24.86 -18.17 -0.31
N GLY A 91 26.05 -17.77 -0.73
CA GLY A 91 26.97 -17.01 0.14
C GLY A 91 27.53 -17.79 1.35
N VAL A 92 27.43 -19.10 1.39
CA VAL A 92 28.00 -19.92 2.50
C VAL A 92 29.54 -19.83 2.48
N THR A 93 30.19 -19.69 3.65
CA THR A 93 31.66 -19.77 3.76
C THR A 93 32.02 -21.06 4.49
N ILE A 94 32.90 -21.86 3.90
CA ILE A 94 33.47 -23.08 4.53
C ILE A 94 34.99 -22.94 4.46
N HIS A 95 35.66 -22.99 5.62
CA HIS A 95 37.14 -22.87 5.72
C HIS A 95 37.76 -24.23 5.92
N ARG A 96 38.94 -24.44 5.33
CA ARG A 96 39.73 -25.69 5.42
C ARG A 96 40.23 -25.83 6.87
N GLY A 97 40.80 -26.98 7.20
CA GLY A 97 41.37 -27.29 8.53
C GLY A 97 42.63 -26.45 8.79
N THR A 98 43.25 -26.59 9.97
CA THR A 98 44.52 -25.92 10.37
C THR A 98 45.55 -27.01 10.71
N VAL A 99 46.82 -26.75 10.40
CA VAL A 99 47.91 -27.73 10.66
C VAL A 99 48.02 -28.05 12.17
N GLN A 100 47.69 -27.09 13.03
N GLN A 100 47.71 -27.10 13.03
CA GLN A 100 47.76 -27.24 14.52
CA GLN A 100 47.76 -27.25 14.52
C GLN A 100 46.79 -28.34 14.98
C GLN A 100 46.78 -28.35 14.97
N ASP A 101 45.55 -28.33 14.44
CA ASP A 101 44.42 -29.17 14.94
C ASP A 101 44.19 -30.33 13.97
N ARG A 102 43.03 -30.40 13.29
CA ARG A 102 42.64 -31.60 12.53
C ARG A 102 43.32 -31.62 11.16
N ALA A 103 43.80 -30.47 10.66
CA ALA A 103 44.25 -30.28 9.26
C ALA A 103 43.13 -30.58 8.25
N GLU A 104 41.87 -30.68 8.69
CA GLU A 104 40.72 -30.99 7.81
C GLU A 104 39.44 -30.46 8.44
N THR A 105 38.61 -29.84 7.59
CA THR A 105 37.19 -29.55 7.81
C THR A 105 36.40 -30.62 7.06
N THR A 106 35.49 -31.29 7.75
CA THR A 106 34.84 -32.53 7.29
C THR A 106 33.31 -32.34 7.31
N ILE A 107 32.65 -32.65 6.21
CA ILE A 107 31.16 -32.59 6.09
C ILE A 107 30.77 -33.94 5.48
N GLY A 108 29.80 -34.61 6.09
CA GLY A 108 29.29 -35.91 5.62
C GLY A 108 28.26 -35.74 4.51
N ASP A 109 27.13 -36.44 4.64
CA ASP A 109 26.12 -36.63 3.55
C ASP A 109 24.78 -36.01 3.93
N HIS A 110 24.02 -35.54 2.95
CA HIS A 110 22.57 -35.21 3.06
C HIS A 110 22.39 -34.02 4.00
N ASN A 111 23.38 -33.14 4.11
CA ASN A 111 23.33 -31.92 4.94
C ASN A 111 22.75 -30.79 4.09
N LEU A 112 22.05 -29.86 4.76
CA LEU A 112 21.49 -28.63 4.18
C LEU A 112 22.08 -27.45 4.95
N ILE A 113 22.93 -26.69 4.28
CA ILE A 113 23.63 -25.51 4.84
C ILE A 113 23.08 -24.28 4.11
N MET A 114 22.29 -23.47 4.81
CA MET A 114 21.45 -22.43 4.21
C MET A 114 22.26 -21.15 4.12
N ALA A 115 21.67 -20.14 3.47
CA ALA A 115 22.40 -18.97 2.98
C ALA A 115 23.22 -18.31 4.08
N TYR A 116 24.47 -17.97 3.73
CA TYR A 116 25.39 -17.16 4.56
C TYR A 116 25.77 -17.89 5.86
N ALA A 117 25.49 -19.18 6.01
CA ALA A 117 26.06 -19.97 7.13
C ALA A 117 27.60 -19.97 6.99
N HIS A 118 28.28 -20.15 8.10
CA HIS A 118 29.76 -20.20 8.21
C HIS A 118 30.18 -21.49 8.91
N ILE A 119 31.04 -22.27 8.28
CA ILE A 119 31.61 -23.51 8.87
C ILE A 119 33.10 -23.26 9.06
N GLY A 120 33.52 -23.02 10.30
CA GLY A 120 34.90 -22.61 10.61
C GLY A 120 35.87 -23.79 10.51
N HIS A 121 37.14 -23.46 10.34
CA HIS A 121 38.27 -24.42 10.26
C HIS A 121 38.10 -25.53 11.30
N ASP A 122 38.37 -26.73 10.84
CA ASP A 122 38.52 -27.97 11.65
C ASP A 122 37.16 -28.41 12.21
N SER A 123 36.05 -27.84 11.74
CA SER A 123 34.70 -28.30 12.16
C SER A 123 34.39 -29.64 11.49
N VAL A 124 33.49 -30.40 12.08
CA VAL A 124 33.08 -31.75 11.57
C VAL A 124 31.56 -31.79 11.59
N ILE A 125 30.94 -31.94 10.42
CA ILE A 125 29.46 -32.08 10.32
C ILE A 125 29.21 -33.53 9.90
N GLY A 126 28.28 -34.21 10.56
CA GLY A 126 27.93 -35.60 10.20
C GLY A 126 26.99 -35.62 9.00
N ASN A 127 25.86 -36.31 9.15
CA ASN A 127 24.87 -36.58 8.07
C ASN A 127 23.49 -36.04 8.47
N HIS A 128 22.71 -35.60 7.47
CA HIS A 128 21.28 -35.19 7.63
C HIS A 128 21.15 -34.00 8.58
N CYS A 129 22.14 -33.12 8.69
CA CYS A 129 22.09 -31.90 9.53
C CYS A 129 21.45 -30.77 8.72
N ILE A 130 20.89 -29.80 9.44
CA ILE A 130 20.36 -28.55 8.84
C ILE A 130 20.95 -27.38 9.60
N LEU A 131 21.74 -26.58 8.91
CA LEU A 131 22.23 -25.31 9.44
C LEU A 131 21.43 -24.23 8.72
N VAL A 132 20.58 -23.53 9.46
CA VAL A 132 19.66 -22.51 8.88
C VAL A 132 20.48 -21.23 8.69
N ASN A 133 19.94 -20.32 7.88
CA ASN A 133 20.58 -19.04 7.47
C ASN A 133 21.49 -18.47 8.57
N ASN A 134 22.74 -18.16 8.21
CA ASN A 134 23.68 -17.33 9.01
C ASN A 134 24.09 -18.04 10.31
N THR A 135 23.84 -19.35 10.43
CA THR A 135 24.46 -20.20 11.49
C THR A 135 25.98 -20.08 11.35
N ALA A 136 26.68 -19.87 12.45
CA ALA A 136 28.16 -19.75 12.43
C ALA A 136 28.78 -20.73 13.44
N LEU A 137 29.62 -21.63 12.92
CA LEU A 137 30.47 -22.56 13.68
C LEU A 137 31.87 -21.92 13.73
N ALA A 138 32.26 -21.39 14.89
CA ALA A 138 33.50 -20.58 15.02
C ALA A 138 34.75 -21.42 14.69
N GLY A 139 34.76 -22.71 14.99
CA GLY A 139 35.97 -23.52 14.79
C GLY A 139 35.95 -24.73 15.66
N HIS A 140 36.44 -25.85 15.14
CA HIS A 140 36.58 -27.16 15.82
C HIS A 140 35.22 -27.54 16.39
N VAL A 141 34.14 -27.18 15.70
CA VAL A 141 32.77 -27.59 16.13
C VAL A 141 32.41 -28.93 15.52
N HIS A 142 31.86 -29.83 16.34
CA HIS A 142 31.37 -31.17 15.93
C HIS A 142 29.84 -31.11 15.95
N VAL A 143 29.21 -31.31 14.79
CA VAL A 143 27.73 -31.39 14.66
C VAL A 143 27.40 -32.81 14.24
N ASP A 144 26.76 -33.55 15.14
CA ASP A 144 26.44 -34.97 14.92
C ASP A 144 25.11 -35.06 14.14
N ASP A 145 24.76 -36.27 13.71
CA ASP A 145 23.70 -36.58 12.71
C ASP A 145 22.35 -35.97 13.14
N TRP A 146 21.65 -35.34 12.19
CA TRP A 146 20.24 -34.92 12.34
C TRP A 146 20.11 -33.68 13.22
N ALA A 147 21.20 -33.05 13.67
CA ALA A 147 21.10 -31.81 14.45
C ALA A 147 20.48 -30.73 13.55
N ILE A 148 19.66 -29.86 14.14
CA ILE A 148 19.11 -28.66 13.45
C ILE A 148 19.58 -27.42 14.21
N LEU A 149 20.30 -26.54 13.56
CA LEU A 149 20.64 -25.23 14.16
C LEU A 149 19.83 -24.15 13.44
N SER A 150 18.90 -23.51 14.17
CA SER A 150 17.97 -22.50 13.60
C SER A 150 18.75 -21.24 13.23
N GLY A 151 18.06 -20.32 12.54
CA GLY A 151 18.72 -19.15 11.95
C GLY A 151 19.61 -18.44 12.96
N TYR A 152 20.80 -18.04 12.53
CA TYR A 152 21.68 -17.13 13.30
C TYR A 152 22.09 -17.78 14.63
N THR A 153 22.17 -19.10 14.67
CA THR A 153 22.78 -19.86 15.77
C THR A 153 24.27 -19.61 15.70
N LEU A 154 24.84 -19.12 16.79
CA LEU A 154 26.31 -18.92 16.96
C LEU A 154 26.85 -20.03 17.86
N VAL A 155 27.90 -20.73 17.41
CA VAL A 155 28.55 -21.80 18.17
C VAL A 155 30.02 -21.44 18.43
N HIS A 156 30.40 -21.37 19.70
CA HIS A 156 31.81 -21.18 20.15
C HIS A 156 32.71 -22.34 19.70
N GLN A 157 34.00 -22.06 19.64
CA GLN A 157 35.06 -23.06 19.31
C GLN A 157 34.96 -24.26 20.24
N TYR A 158 35.20 -25.43 19.65
CA TYR A 158 35.34 -26.76 20.29
C TYR A 158 34.01 -27.33 20.77
N CYS A 159 32.90 -26.60 20.71
CA CYS A 159 31.60 -27.14 21.18
C CYS A 159 31.11 -28.29 20.31
N ARG A 160 30.48 -29.27 20.96
CA ARG A 160 29.83 -30.45 20.34
C ARG A 160 28.32 -30.25 20.35
N ILE A 161 27.71 -30.39 19.18
CA ILE A 161 26.25 -30.33 18.97
C ILE A 161 25.79 -31.77 18.76
N GLY A 162 25.03 -32.30 19.70
CA GLY A 162 24.69 -33.74 19.77
C GLY A 162 23.70 -34.14 18.69
N ALA A 163 23.58 -35.42 18.41
CA ALA A 163 22.70 -35.96 17.36
C ALA A 163 21.26 -35.59 17.73
N HIS A 164 20.48 -35.14 16.74
CA HIS A 164 19.02 -34.89 16.88
C HIS A 164 18.76 -33.67 17.77
N SER A 165 19.78 -32.85 18.09
CA SER A 165 19.63 -31.68 18.96
C SER A 165 19.05 -30.55 18.11
N PHE A 166 18.57 -29.52 18.77
CA PHE A 166 17.85 -28.39 18.15
C PHE A 166 18.23 -27.12 18.89
N SER A 167 18.69 -26.14 18.14
CA SER A 167 18.92 -24.79 18.69
C SER A 167 17.86 -23.85 18.11
N GLY A 168 17.35 -22.98 18.97
CA GLY A 168 16.38 -21.96 18.58
C GLY A 168 17.05 -20.79 17.87
N MET A 169 16.26 -19.97 17.20
CA MET A 169 16.76 -18.83 16.42
C MET A 169 17.58 -17.89 17.31
N GLY A 170 18.79 -17.53 16.89
CA GLY A 170 19.62 -16.52 17.56
C GLY A 170 20.30 -17.09 18.80
N SER A 171 20.33 -18.40 18.99
CA SER A 171 21.00 -19.07 20.12
C SER A 171 22.51 -18.82 20.01
N ALA A 172 23.17 -18.55 21.14
CA ALA A 172 24.65 -18.47 21.25
C ALA A 172 25.12 -19.63 22.14
N ILE A 173 25.74 -20.64 21.56
CA ILE A 173 26.09 -21.92 22.23
C ILE A 173 27.54 -21.88 22.66
N GLY A 174 27.81 -21.99 23.97
CA GLY A 174 29.18 -21.91 24.52
C GLY A 174 29.60 -23.22 25.17
N LYS A 175 28.69 -24.16 25.34
CA LYS A 175 29.03 -25.48 25.94
C LYS A 175 28.27 -26.53 25.15
N ASP A 176 28.75 -27.77 25.23
CA ASP A 176 28.22 -28.94 24.46
C ASP A 176 26.70 -28.99 24.63
N VAL A 177 26.00 -29.27 23.53
CA VAL A 177 24.56 -29.61 23.51
C VAL A 177 24.43 -31.11 23.41
N PRO A 178 23.94 -31.79 24.47
CA PRO A 178 23.71 -33.22 24.40
C PRO A 178 22.78 -33.59 23.24
N ALA A 179 22.93 -34.80 22.72
CA ALA A 179 21.98 -35.39 21.77
C ALA A 179 20.56 -35.11 22.25
N TYR A 180 19.70 -34.74 21.31
CA TYR A 180 18.22 -34.61 21.43
C TYR A 180 17.85 -33.33 22.16
N VAL A 181 18.78 -32.59 22.78
CA VAL A 181 18.42 -31.46 23.68
C VAL A 181 18.08 -30.24 22.82
N THR A 182 17.08 -29.48 23.27
CA THR A 182 16.65 -28.18 22.71
C THR A 182 17.25 -27.07 23.55
N VAL A 183 17.92 -26.11 22.91
CA VAL A 183 18.60 -24.96 23.58
C VAL A 183 18.10 -23.67 22.94
N PHE A 184 17.99 -22.61 23.73
CA PHE A 184 17.49 -21.29 23.28
C PHE A 184 18.31 -20.21 23.95
N GLY A 185 18.52 -19.09 23.25
CA GLY A 185 18.93 -17.79 23.83
C GLY A 185 20.43 -17.57 23.79
N ASN A 186 20.85 -16.40 24.27
CA ASN A 186 22.28 -16.00 24.39
C ASN A 186 22.53 -15.53 25.82
N PRO A 187 23.21 -16.30 26.70
CA PRO A 187 23.80 -17.59 26.34
C PRO A 187 22.72 -18.67 26.33
N ALA A 188 22.97 -19.73 25.56
CA ALA A 188 22.00 -20.82 25.30
C ALA A 188 21.65 -21.51 26.63
N GLU A 189 20.39 -21.88 26.83
CA GLU A 189 19.89 -22.66 28.01
C GLU A 189 19.12 -23.87 27.50
N ALA A 190 19.33 -25.04 28.08
CA ALA A 190 18.56 -26.28 27.83
C ALA A 190 17.11 -26.00 28.22
N ARG A 191 16.17 -26.50 27.43
CA ARG A 191 14.73 -26.36 27.75
C ARG A 191 14.09 -27.74 27.80
N SER A 192 14.32 -28.56 26.78
CA SER A 192 13.70 -29.90 26.70
C SER A 192 14.43 -30.76 25.68
N MET A 193 13.72 -31.74 25.13
CA MET A 193 14.29 -32.56 24.05
C MET A 193 13.46 -32.38 22.76
N ASN A 194 14.01 -32.81 21.64
CA ASN A 194 13.43 -32.65 20.29
C ASN A 194 12.52 -33.86 20.05
N PHE A 195 11.41 -33.93 20.78
CA PHE A 195 10.41 -35.03 20.73
C PHE A 195 9.84 -35.06 19.32
N GLU A 196 9.58 -33.88 18.75
CA GLU A 196 9.12 -33.73 17.34
C GLU A 196 10.05 -34.54 16.43
N GLY A 197 11.36 -34.27 16.49
CA GLY A 197 12.37 -34.95 15.65
C GLY A 197 12.39 -36.44 15.89
N MET A 198 12.31 -36.90 17.14
CA MET A 198 12.30 -38.35 17.47
C MET A 198 11.13 -39.01 16.72
N ARG A 199 9.95 -38.40 16.75
CA ARG A 199 8.73 -39.01 16.14
C ARG A 199 8.95 -39.11 14.62
N ARG A 200 9.50 -38.07 14.00
CA ARG A 200 9.75 -38.02 12.53
C ARG A 200 10.87 -39.02 12.16
N ARG A 201 11.67 -39.49 13.12
CA ARG A 201 12.74 -40.49 12.88
C ARG A 201 12.22 -41.93 13.04
N GLY A 202 10.95 -42.09 13.45
CA GLY A 202 10.36 -43.40 13.76
C GLY A 202 10.90 -44.00 15.05
N PHE A 203 11.24 -43.17 16.04
CA PHE A 203 11.58 -43.64 17.42
C PHE A 203 10.33 -44.23 18.05
N SER A 204 10.46 -45.39 18.70
CA SER A 204 9.37 -46.04 19.44
C SER A 204 8.92 -45.11 20.56
N SER A 205 7.65 -45.18 20.96
CA SER A 205 7.12 -44.43 22.13
C SER A 205 7.95 -44.81 23.36
N GLU A 206 8.38 -46.07 23.44
CA GLU A 206 9.23 -46.63 24.52
C GLU A 206 10.57 -45.86 24.61
N ALA A 207 11.29 -45.73 23.50
CA ALA A 207 12.57 -44.98 23.39
C ALA A 207 12.37 -43.52 23.80
N ILE A 208 11.28 -42.91 23.34
CA ILE A 208 10.97 -41.48 23.60
C ILE A 208 10.70 -41.27 25.09
N HIS A 209 9.92 -42.17 25.70
CA HIS A 209 9.65 -42.14 27.16
C HIS A 209 10.98 -42.27 27.93
N ALA A 210 11.83 -43.22 27.56
CA ALA A 210 13.14 -43.45 28.21
C ALA A 210 14.01 -42.18 28.07
N LEU A 211 13.93 -41.48 26.93
CA LEU A 211 14.77 -40.27 26.74
C LEU A 211 14.22 -39.14 27.60
N ARG A 212 12.90 -39.04 27.78
CA ARG A 212 12.30 -38.02 28.68
C ARG A 212 12.89 -38.19 30.09
N ARG A 213 12.89 -39.43 30.60
CA ARG A 213 13.40 -39.80 31.95
C ARG A 213 14.90 -39.46 31.98
N ALA A 214 15.63 -39.74 30.90
CA ALA A 214 17.09 -39.49 30.81
C ALA A 214 17.40 -38.00 30.98
N TYR A 215 16.55 -37.14 30.41
CA TYR A 215 16.68 -35.66 30.52
C TYR A 215 16.64 -35.25 31.99
N LYS A 216 15.67 -35.79 32.73
CA LYS A 216 15.44 -35.47 34.17
C LYS A 216 16.63 -35.97 35.01
N VAL A 217 17.12 -37.17 34.72
CA VAL A 217 18.31 -37.73 35.43
C VAL A 217 19.48 -36.73 35.35
N VAL A 218 19.75 -36.21 34.16
CA VAL A 218 20.96 -35.35 33.93
C VAL A 218 20.73 -33.94 34.50
N TYR A 219 19.57 -33.33 34.24
CA TYR A 219 19.31 -31.87 34.45
C TYR A 219 18.55 -31.58 35.75
N ARG A 220 17.69 -32.49 36.21
CA ARG A 220 16.63 -32.11 37.18
C ARG A 220 16.86 -32.72 38.57
N GLN A 221 17.91 -33.50 38.81
CA GLN A 221 17.97 -34.39 40.03
C GLN A 221 19.30 -34.21 40.77
N GLY A 222 19.97 -33.07 40.59
CA GLY A 222 21.15 -32.63 41.36
C GLY A 222 22.32 -33.60 41.31
N HIS A 223 22.30 -34.59 40.40
CA HIS A 223 23.38 -35.60 40.22
C HIS A 223 24.65 -34.93 39.68
N THR A 224 25.81 -35.41 40.11
CA THR A 224 27.08 -35.25 39.36
C THR A 224 26.91 -35.92 37.99
N VAL A 225 27.81 -35.62 37.04
CA VAL A 225 27.75 -36.26 35.71
C VAL A 225 28.08 -37.74 35.87
N GLU A 226 29.15 -38.07 36.62
CA GLU A 226 29.51 -39.47 36.96
C GLU A 226 28.29 -40.18 37.55
N GLU A 227 27.55 -39.55 38.46
CA GLU A 227 26.32 -40.14 39.05
C GLU A 227 25.26 -40.30 37.96
N ALA A 228 25.08 -39.29 37.11
CA ALA A 228 24.11 -39.33 35.99
C ALA A 228 24.45 -40.52 35.07
N LEU A 229 25.73 -40.71 34.76
CA LEU A 229 26.19 -41.80 33.86
C LEU A 229 25.83 -43.14 34.49
N ALA A 230 26.04 -43.27 35.81
CA ALA A 230 25.71 -44.50 36.57
C ALA A 230 24.20 -44.75 36.50
N GLU A 231 23.39 -43.72 36.72
CA GLU A 231 21.90 -43.85 36.74
C GLU A 231 21.37 -44.23 35.34
N LEU A 232 22.01 -43.75 34.27
CA LEU A 232 21.59 -43.94 32.84
C LEU A 232 22.04 -45.31 32.27
N ALA A 233 23.00 -46.00 32.90
CA ALA A 233 23.64 -47.23 32.36
C ALA A 233 22.58 -48.27 31.93
N GLU A 234 21.60 -48.57 32.79
CA GLU A 234 20.55 -49.59 32.54
C GLU A 234 19.70 -49.19 31.31
N SER A 235 19.13 -47.99 31.29
CA SER A 235 18.33 -47.46 30.15
C SER A 235 19.16 -47.46 28.86
N ALA A 236 20.42 -47.01 28.93
CA ALA A 236 21.37 -46.97 27.78
C ALA A 236 21.60 -48.38 27.21
N ALA A 237 21.64 -49.42 28.05
CA ALA A 237 21.86 -50.81 27.59
C ALA A 237 20.59 -51.32 26.88
N GLN A 238 19.40 -50.90 27.33
CA GLN A 238 18.10 -51.31 26.72
C GLN A 238 17.87 -50.58 25.40
N PHE A 239 18.06 -49.25 25.39
CA PHE A 239 17.78 -48.34 24.25
C PHE A 239 19.06 -47.75 23.69
N PRO A 240 19.46 -48.12 22.46
CA PRO A 240 20.56 -47.44 21.76
C PRO A 240 20.36 -45.93 21.66
N GLU A 241 19.11 -45.48 21.60
CA GLU A 241 18.72 -44.05 21.52
C GLU A 241 19.17 -43.34 22.80
N VAL A 242 19.09 -44.02 23.95
CA VAL A 242 19.51 -43.45 25.26
C VAL A 242 21.04 -43.53 25.38
N ALA A 243 21.68 -44.58 24.83
CA ALA A 243 23.17 -44.70 24.76
C ALA A 243 23.72 -43.46 24.04
N VAL A 244 23.04 -43.00 23.00
CA VAL A 244 23.50 -41.83 22.18
C VAL A 244 23.50 -40.61 23.10
N PHE A 245 22.43 -40.47 23.90
CA PHE A 245 22.29 -39.41 24.91
C PHE A 245 23.42 -39.57 25.95
N ARG A 246 23.50 -40.73 26.59
CA ARG A 246 24.54 -40.99 27.63
C ARG A 246 25.94 -40.66 27.07
N ASP A 247 26.26 -41.08 25.84
CA ASP A 247 27.60 -40.92 25.25
C ASP A 247 27.91 -39.45 25.02
N SER A 248 26.92 -38.64 24.62
CA SER A 248 27.07 -37.18 24.43
C SER A 248 27.36 -36.53 25.77
N ILE A 249 26.83 -37.08 26.87
CA ILE A 249 27.10 -36.51 28.23
C ILE A 249 28.50 -36.91 28.67
N GLN A 250 28.84 -38.16 28.48
CA GLN A 250 30.15 -38.77 28.79
C GLN A 250 31.26 -38.02 28.05
N SER A 251 31.08 -37.65 26.78
CA SER A 251 32.15 -37.08 25.91
C SER A 251 32.36 -35.57 26.17
N ALA A 252 31.49 -34.95 26.97
CA ALA A 252 31.47 -33.49 27.24
C ALA A 252 32.41 -33.13 28.41
N THR A 253 33.72 -33.09 28.13
CA THR A 253 34.81 -32.75 29.09
C THR A 253 34.69 -31.32 29.67
N ARG A 254 34.22 -30.35 28.87
CA ARG A 254 34.15 -28.89 29.21
C ARG A 254 32.75 -28.48 29.71
N GLY A 255 31.93 -29.44 30.19
CA GLY A 255 30.57 -29.20 30.71
C GLY A 255 29.51 -29.24 29.62
N ILE A 256 28.24 -29.33 30.01
CA ILE A 256 27.09 -29.37 29.05
C ILE A 256 26.28 -28.08 29.21
N THR A 257 25.60 -27.66 28.15
CA THR A 257 24.60 -26.58 28.21
C THR A 257 23.56 -26.97 29.25
N ARG A 258 23.37 -26.13 30.27
CA ARG A 258 22.47 -26.35 31.42
C ARG A 258 21.21 -25.50 31.25
N SER B 2 25.55 -0.05 -24.65
CA SER B 2 24.08 -0.10 -24.47
C SER B 2 23.75 -0.26 -22.98
N LEU B 3 22.45 -0.27 -22.63
CA LEU B 3 21.92 -0.33 -21.23
C LEU B 3 22.08 -1.75 -20.66
N ILE B 4 22.01 -2.77 -21.52
CA ILE B 4 22.28 -4.17 -21.14
C ILE B 4 23.77 -4.41 -21.36
N ASP B 5 24.55 -4.56 -20.30
CA ASP B 5 25.99 -4.90 -20.41
C ASP B 5 26.13 -6.15 -21.27
N PRO B 6 27.07 -6.16 -22.23
CA PRO B 6 27.25 -7.33 -23.09
C PRO B 6 27.72 -8.57 -22.32
N ARG B 7 28.16 -8.41 -21.07
CA ARG B 7 28.64 -9.56 -20.24
C ARG B 7 27.50 -10.12 -19.39
N ALA B 8 26.30 -9.52 -19.43
CA ALA B 8 25.09 -10.05 -18.76
C ALA B 8 24.47 -11.20 -19.55
N ILE B 9 23.82 -12.15 -18.87
CA ILE B 9 23.07 -13.28 -19.48
C ILE B 9 21.59 -12.90 -19.44
N ILE B 10 20.96 -12.81 -20.62
CA ILE B 10 19.53 -12.43 -20.72
C ILE B 10 18.84 -13.61 -21.37
N ASP B 11 18.06 -14.38 -20.59
CA ASP B 11 17.35 -15.55 -21.15
C ASP B 11 16.45 -15.04 -22.26
N PRO B 12 16.41 -15.71 -23.42
CA PRO B 12 15.55 -15.25 -24.52
C PRO B 12 14.08 -15.14 -24.12
N SER B 13 13.60 -15.82 -23.06
CA SER B 13 12.20 -15.74 -22.57
C SER B 13 11.99 -14.53 -21.65
N ALA B 14 13.04 -13.78 -21.31
CA ALA B 14 12.94 -12.65 -20.35
C ALA B 14 12.25 -11.48 -21.05
N ARG B 15 11.45 -10.71 -20.31
CA ARG B 15 10.71 -9.51 -20.79
C ARG B 15 11.27 -8.27 -20.09
N LEU B 16 12.11 -7.49 -20.75
CA LEU B 16 12.68 -6.23 -20.21
C LEU B 16 12.04 -5.01 -20.90
N ALA B 17 11.46 -4.07 -20.15
CA ALA B 17 11.08 -2.74 -20.67
C ALA B 17 12.31 -2.04 -21.27
N ALA B 18 12.09 -1.09 -22.19
CA ALA B 18 13.11 -0.55 -23.13
C ALA B 18 14.30 0.12 -22.40
N ASP B 19 14.07 0.80 -21.26
CA ASP B 19 15.15 1.54 -20.56
C ASP B 19 15.74 0.76 -19.36
N VAL B 20 15.52 -0.54 -19.27
CA VAL B 20 16.07 -1.34 -18.14
C VAL B 20 17.58 -1.39 -18.31
N GLN B 21 18.33 -1.18 -17.22
CA GLN B 21 19.80 -1.39 -17.18
C GLN B 21 20.09 -2.72 -16.48
N VAL B 22 21.01 -3.48 -17.06
CA VAL B 22 21.55 -4.70 -16.41
C VAL B 22 23.07 -4.58 -16.48
N GLY B 23 23.74 -4.60 -15.33
CA GLY B 23 25.20 -4.53 -15.19
C GLY B 23 25.87 -5.83 -15.63
N PRO B 24 27.21 -5.82 -15.71
CA PRO B 24 27.97 -6.98 -16.14
C PRO B 24 27.89 -8.17 -15.17
N TRP B 25 28.00 -9.37 -15.72
CA TRP B 25 28.00 -10.67 -15.00
C TRP B 25 26.69 -10.85 -14.22
N SER B 26 25.61 -10.20 -14.62
CA SER B 26 24.27 -10.48 -14.07
C SER B 26 23.55 -11.48 -14.94
N ILE B 27 22.65 -12.25 -14.33
CA ILE B 27 21.76 -13.25 -14.97
C ILE B 27 20.29 -12.77 -14.84
N VAL B 28 19.64 -12.58 -15.97
CA VAL B 28 18.15 -12.44 -16.05
C VAL B 28 17.61 -13.76 -16.61
N GLY B 29 17.16 -14.64 -15.72
CA GLY B 29 16.78 -16.02 -16.07
C GLY B 29 15.46 -16.03 -16.84
N ALA B 30 15.06 -17.24 -17.23
CA ALA B 30 13.81 -17.51 -17.96
C ALA B 30 12.64 -16.99 -17.12
N GLU B 31 11.64 -16.38 -17.78
CA GLU B 31 10.33 -16.01 -17.17
C GLU B 31 10.58 -14.96 -16.10
N VAL B 32 11.62 -14.18 -16.28
CA VAL B 32 11.83 -12.97 -15.45
C VAL B 32 11.36 -11.76 -16.28
N GLU B 33 10.49 -10.95 -15.71
CA GLU B 33 9.98 -9.70 -16.32
C GLU B 33 10.50 -8.54 -15.49
N ILE B 34 11.03 -7.50 -16.12
CA ILE B 34 11.57 -6.27 -15.47
C ILE B 34 10.90 -5.04 -16.09
N GLY B 35 10.33 -4.17 -15.25
CA GLY B 35 9.57 -2.98 -15.69
C GLY B 35 10.48 -1.78 -15.87
N GLU B 36 9.95 -0.72 -16.47
CA GLU B 36 10.71 0.44 -16.96
C GLU B 36 11.41 1.11 -15.79
N GLY B 37 12.65 1.53 -16.02
CA GLY B 37 13.40 2.38 -15.09
C GLY B 37 14.19 1.55 -14.10
N THR B 38 14.02 0.23 -14.09
CA THR B 38 14.70 -0.62 -13.08
C THR B 38 16.17 -0.69 -13.47
N VAL B 39 17.04 -0.64 -12.46
CA VAL B 39 18.50 -0.82 -12.62
C VAL B 39 18.88 -2.11 -11.88
N ILE B 40 19.44 -3.07 -12.59
CA ILE B 40 20.07 -4.28 -12.01
C ILE B 40 21.57 -4.00 -12.00
N GLY B 41 22.19 -4.06 -10.82
CA GLY B 41 23.65 -3.92 -10.69
C GLY B 41 24.40 -5.06 -11.38
N PRO B 42 25.73 -5.12 -11.16
CA PRO B 42 26.56 -6.24 -11.59
C PRO B 42 26.39 -7.41 -10.61
N HIS B 43 26.73 -8.61 -11.05
CA HIS B 43 26.78 -9.83 -10.21
C HIS B 43 25.42 -10.08 -9.54
N VAL B 44 24.32 -9.82 -10.23
CA VAL B 44 22.97 -10.13 -9.69
C VAL B 44 22.45 -11.40 -10.34
N VAL B 45 21.84 -12.29 -9.56
CA VAL B 45 21.17 -13.52 -10.11
C VAL B 45 19.66 -13.34 -9.98
N LEU B 46 18.96 -13.22 -11.11
CA LEU B 46 17.47 -13.21 -11.13
C LEU B 46 16.99 -14.55 -11.69
N LYS B 47 16.15 -15.24 -10.94
CA LYS B 47 15.49 -16.50 -11.38
C LYS B 47 13.99 -16.26 -11.38
N GLY B 48 13.28 -16.96 -12.24
CA GLY B 48 11.81 -16.81 -12.41
C GLY B 48 11.09 -18.10 -12.07
N PRO B 49 9.75 -18.16 -12.25
CA PRO B 49 8.94 -17.02 -12.70
C PRO B 49 8.87 -15.85 -11.70
N THR B 50 9.35 -14.68 -12.11
CA THR B 50 9.48 -13.46 -11.27
C THR B 50 9.04 -12.24 -12.07
N LYS B 51 8.19 -11.40 -11.50
CA LYS B 51 7.85 -10.08 -12.05
C LYS B 51 8.44 -8.99 -11.17
N ILE B 52 9.25 -8.10 -11.76
CA ILE B 52 9.85 -6.93 -11.07
C ILE B 52 9.22 -5.71 -11.73
N GLY B 53 8.76 -4.75 -10.93
CA GLY B 53 8.09 -3.56 -11.47
C GLY B 53 9.06 -2.47 -11.90
N LYS B 54 8.62 -1.21 -11.77
CA LYS B 54 9.28 0.00 -12.34
C LYS B 54 10.14 0.68 -11.31
N HIS B 55 11.23 1.30 -11.77
CA HIS B 55 12.10 2.21 -10.98
C HIS B 55 12.66 1.46 -9.76
N ASN B 56 12.93 0.16 -9.86
CA ASN B 56 13.61 -0.59 -8.75
C ASN B 56 15.11 -0.48 -8.93
N ARG B 57 15.85 -0.79 -7.86
CA ARG B 57 17.31 -0.87 -7.93
C ARG B 57 17.72 -2.13 -7.16
N ILE B 58 18.41 -3.04 -7.85
CA ILE B 58 18.93 -4.27 -7.22
C ILE B 58 20.45 -4.26 -7.30
N TYR B 59 21.11 -4.29 -6.14
CA TYR B 59 22.58 -4.23 -5.96
C TYR B 59 23.23 -5.61 -6.15
N GLN B 60 24.53 -5.57 -6.39
CA GLN B 60 25.44 -6.72 -6.56
C GLN B 60 25.22 -7.78 -5.47
N PHE B 61 25.30 -9.02 -5.93
CA PHE B 61 25.47 -10.29 -5.16
C PHE B 61 24.11 -10.68 -4.57
N SER B 62 23.04 -10.00 -4.99
CA SER B 62 21.65 -10.41 -4.66
C SER B 62 21.23 -11.64 -5.49
N SER B 63 20.49 -12.56 -4.88
CA SER B 63 19.85 -13.75 -5.47
C SER B 63 18.35 -13.56 -5.31
N VAL B 64 17.69 -13.12 -6.39
CA VAL B 64 16.25 -12.77 -6.39
C VAL B 64 15.50 -13.79 -7.24
N GLY B 65 14.72 -14.65 -6.57
CA GLY B 65 13.82 -15.62 -7.22
C GLY B 65 14.28 -17.04 -7.13
N GLU B 66 15.22 -17.38 -6.21
CA GLU B 66 15.64 -18.80 -6.06
C GLU B 66 14.49 -19.62 -5.43
N ASP B 67 14.48 -20.92 -5.65
CA ASP B 67 13.65 -21.86 -4.86
C ASP B 67 14.06 -21.77 -3.38
N THR B 68 13.06 -21.91 -2.51
CA THR B 68 13.36 -22.06 -1.08
C THR B 68 14.02 -23.41 -0.88
N PRO B 69 14.96 -23.55 0.07
CA PRO B 69 15.55 -24.85 0.39
C PRO B 69 14.59 -25.67 1.26
N ASP B 70 13.51 -25.05 1.75
CA ASP B 70 12.50 -25.73 2.61
C ASP B 70 12.13 -27.09 1.98
N LEU B 71 12.24 -28.18 2.75
CA LEU B 71 12.02 -29.55 2.21
C LEU B 71 10.59 -29.74 1.69
N LYS B 72 9.64 -29.04 2.28
CA LYS B 72 8.23 -29.09 1.83
C LYS B 72 8.08 -28.60 0.36
N TYR B 73 9.02 -27.81 -0.18
CA TYR B 73 9.02 -27.41 -1.62
C TYR B 73 9.62 -28.56 -2.46
N LYS B 74 8.88 -29.02 -3.48
CA LYS B 74 9.30 -30.14 -4.36
C LYS B 74 9.25 -29.70 -5.83
N GLY B 75 9.69 -28.47 -6.13
CA GLY B 75 9.92 -27.99 -7.50
C GLY B 75 8.65 -27.51 -8.19
N GLU B 76 7.56 -27.25 -7.46
CA GLU B 76 6.27 -26.87 -8.09
C GLU B 76 6.43 -25.47 -8.71
N PRO B 77 5.59 -25.09 -9.73
CA PRO B 77 5.67 -23.76 -10.34
C PRO B 77 5.13 -22.69 -9.38
N THR B 78 6.00 -21.83 -8.87
CA THR B 78 5.67 -20.77 -7.89
C THR B 78 6.35 -19.48 -8.36
N ARG B 79 5.92 -18.34 -7.83
CA ARG B 79 6.21 -17.01 -8.38
C ARG B 79 6.79 -16.09 -7.30
N LEU B 80 7.51 -15.08 -7.74
CA LEU B 80 7.88 -13.89 -6.94
C LEU B 80 7.35 -12.66 -7.70
N VAL B 81 6.68 -11.74 -6.99
CA VAL B 81 6.21 -10.45 -7.55
C VAL B 81 6.78 -9.35 -6.67
N ILE B 82 7.49 -8.40 -7.28
CA ILE B 82 8.09 -7.19 -6.66
C ILE B 82 7.49 -5.98 -7.38
N GLY B 83 7.09 -4.96 -6.62
CA GLY B 83 6.39 -3.78 -7.19
C GLY B 83 7.36 -2.75 -7.70
N ASP B 84 7.17 -1.49 -7.31
CA ASP B 84 7.84 -0.31 -7.92
C ASP B 84 8.63 0.43 -6.87
N HIS B 85 9.72 1.10 -7.29
CA HIS B 85 10.49 2.04 -6.45
C HIS B 85 11.10 1.33 -5.22
N ASN B 86 11.44 0.05 -5.34
CA ASN B 86 12.11 -0.72 -4.27
C ASN B 86 13.62 -0.57 -4.41
N VAL B 87 14.32 -0.56 -3.29
CA VAL B 87 15.79 -0.68 -3.25
C VAL B 87 16.16 -1.99 -2.57
N ILE B 88 16.82 -2.89 -3.32
CA ILE B 88 17.39 -4.17 -2.81
C ILE B 88 18.92 -4.06 -2.77
N ARG B 89 19.50 -4.02 -1.57
CA ARG B 89 20.95 -3.76 -1.38
C ARG B 89 21.74 -5.05 -1.58
N GLU B 90 23.03 -5.00 -1.25
CA GLU B 90 24.05 -6.03 -1.54
C GLU B 90 23.63 -7.36 -0.89
N GLY B 91 23.70 -8.45 -1.64
CA GLY B 91 23.65 -9.82 -1.07
C GLY B 91 22.29 -10.20 -0.54
N VAL B 92 21.22 -9.51 -0.93
CA VAL B 92 19.84 -9.85 -0.48
C VAL B 92 19.40 -11.17 -1.13
N THR B 93 18.73 -12.04 -0.38
CA THR B 93 18.11 -13.29 -0.93
C THR B 93 16.58 -13.17 -0.82
N ILE B 94 15.87 -13.46 -1.91
CA ILE B 94 14.39 -13.46 -1.97
C ILE B 94 14.00 -14.75 -2.68
N HIS B 95 13.23 -15.61 -2.02
CA HIS B 95 12.78 -16.92 -2.57
C HIS B 95 11.33 -16.82 -3.01
N ARG B 96 10.98 -17.60 -4.04
CA ARG B 96 9.62 -17.72 -4.58
C ARG B 96 8.76 -18.48 -3.57
N GLY B 97 7.44 -18.51 -3.81
CA GLY B 97 6.48 -19.16 -2.92
C GLY B 97 6.51 -20.68 -2.97
N THR B 98 5.57 -21.29 -2.25
CA THR B 98 5.34 -22.75 -2.17
C THR B 98 3.86 -22.99 -2.50
N VAL B 99 3.52 -24.14 -3.07
CA VAL B 99 2.11 -24.45 -3.44
C VAL B 99 1.28 -24.58 -2.17
N GLN B 100 1.86 -24.96 -1.04
CA GLN B 100 1.10 -25.16 0.22
C GLN B 100 0.45 -23.86 0.70
N ASP B 101 0.97 -22.71 0.25
CA ASP B 101 0.37 -21.40 0.62
C ASP B 101 -0.39 -20.85 -0.59
N ARG B 102 0.16 -19.84 -1.26
CA ARG B 102 -0.51 -19.23 -2.44
C ARG B 102 0.46 -19.20 -3.63
N ALA B 103 1.53 -19.98 -3.56
CA ALA B 103 2.50 -20.08 -4.68
C ALA B 103 3.07 -18.70 -5.04
N GLU B 104 3.17 -17.79 -4.06
CA GLU B 104 3.78 -16.48 -4.36
C GLU B 104 4.43 -15.85 -3.13
N THR B 105 5.59 -15.24 -3.36
CA THR B 105 6.27 -14.26 -2.47
C THR B 105 5.99 -12.87 -3.08
N THR B 106 5.57 -11.89 -2.29
CA THR B 106 5.01 -10.63 -2.80
C THR B 106 5.69 -9.48 -2.07
N ILE B 107 6.17 -8.51 -2.83
CA ILE B 107 6.72 -7.25 -2.26
C ILE B 107 6.01 -6.10 -2.98
N GLY B 108 5.52 -5.11 -2.21
CA GLY B 108 4.84 -3.93 -2.78
C GLY B 108 5.82 -2.90 -3.32
N ASP B 109 5.67 -1.64 -2.90
CA ASP B 109 6.33 -0.46 -3.50
C ASP B 109 7.09 0.32 -2.43
N HIS B 110 8.12 1.07 -2.82
CA HIS B 110 8.89 2.02 -1.98
C HIS B 110 9.48 1.32 -0.73
N ASN B 111 9.90 0.06 -0.86
CA ASN B 111 10.57 -0.71 0.21
C ASN B 111 12.08 -0.57 0.09
N LEU B 112 12.76 -0.58 1.24
CA LEU B 112 14.23 -0.50 1.35
C LEU B 112 14.66 -1.78 2.08
N ILE B 113 15.40 -2.62 1.37
CA ILE B 113 15.82 -3.95 1.87
C ILE B 113 17.34 -3.92 1.81
N MET B 114 17.93 -3.77 2.98
CA MET B 114 19.37 -3.49 3.12
C MET B 114 20.15 -4.79 3.08
N ALA B 115 21.47 -4.65 3.10
CA ALA B 115 22.45 -5.70 2.78
C ALA B 115 22.19 -6.97 3.60
N TYR B 116 22.20 -8.09 2.89
CA TYR B 116 22.14 -9.47 3.45
C TYR B 116 20.79 -9.74 4.13
N ALA B 117 19.76 -8.94 3.91
CA ALA B 117 18.38 -9.29 4.30
C ALA B 117 17.95 -10.56 3.57
N HIS B 118 17.07 -11.32 4.18
CA HIS B 118 16.49 -12.58 3.67
C HIS B 118 14.96 -12.50 3.70
N ILE B 119 14.32 -12.70 2.54
CA ILE B 119 12.84 -12.70 2.41
C ILE B 119 12.44 -14.12 2.01
N GLY B 120 12.02 -14.92 2.98
CA GLY B 120 11.68 -16.33 2.77
C GLY B 120 10.41 -16.55 1.96
N HIS B 121 10.29 -17.75 1.42
CA HIS B 121 9.15 -18.19 0.58
C HIS B 121 7.82 -17.73 1.20
N ASP B 122 6.93 -17.19 0.36
CA ASP B 122 5.50 -16.90 0.70
C ASP B 122 5.41 -15.69 1.61
N SER B 123 6.51 -14.95 1.84
CA SER B 123 6.45 -13.66 2.57
C SER B 123 5.69 -12.64 1.71
N VAL B 124 4.98 -11.74 2.38
CA VAL B 124 4.21 -10.63 1.77
C VAL B 124 4.67 -9.35 2.44
N ILE B 125 5.38 -8.50 1.72
CA ILE B 125 5.81 -7.19 2.25
C ILE B 125 4.91 -6.13 1.59
N GLY B 126 4.33 -5.22 2.38
CA GLY B 126 3.49 -4.12 1.85
C GLY B 126 4.33 -3.03 1.20
N ASN B 127 4.12 -1.78 1.63
CA ASN B 127 4.66 -0.54 1.04
C ASN B 127 5.42 0.24 2.10
N HIS B 128 6.51 0.91 1.72
CA HIS B 128 7.28 1.88 2.55
C HIS B 128 7.94 1.20 3.76
N CYS B 129 8.23 -0.09 3.68
CA CYS B 129 8.90 -0.86 4.76
C CYS B 129 10.42 -0.68 4.64
N ILE B 130 11.11 -0.78 5.78
CA ILE B 130 12.58 -0.82 5.82
C ILE B 130 12.96 -2.11 6.55
N LEU B 131 13.68 -2.97 5.86
CA LEU B 131 14.35 -4.13 6.48
C LEU B 131 15.82 -3.79 6.51
N VAL B 132 16.38 -3.55 7.70
CA VAL B 132 17.81 -3.16 7.87
C VAL B 132 18.68 -4.41 7.74
N ASN B 133 19.99 -4.23 7.58
CA ASN B 133 20.99 -5.29 7.33
C ASN B 133 20.62 -6.57 8.08
N ASN B 134 20.60 -7.70 7.36
CA ASN B 134 20.61 -9.08 7.91
C ASN B 134 19.26 -9.36 8.59
N THR B 135 18.23 -8.58 8.32
CA THR B 135 16.86 -8.99 8.69
C THR B 135 16.49 -10.25 7.93
N ALA B 136 15.99 -11.25 8.61
CA ALA B 136 15.61 -12.54 8.01
C ALA B 136 14.14 -12.81 8.30
N LEU B 137 13.34 -12.98 7.26
CA LEU B 137 11.95 -13.44 7.35
C LEU B 137 11.95 -14.93 6.99
N ALA B 138 11.65 -15.81 7.93
CA ALA B 138 11.86 -17.27 7.79
C ALA B 138 10.94 -17.86 6.70
N GLY B 139 9.73 -17.34 6.53
CA GLY B 139 8.72 -17.96 5.63
C GLY B 139 7.31 -17.54 5.99
N HIS B 140 6.44 -17.27 5.00
CA HIS B 140 5.01 -16.92 5.21
C HIS B 140 4.92 -15.71 6.18
N VAL B 141 5.90 -14.81 6.17
CA VAL B 141 5.87 -13.62 7.06
C VAL B 141 5.16 -12.50 6.31
N HIS B 142 4.17 -11.86 6.96
CA HIS B 142 3.46 -10.67 6.42
C HIS B 142 3.98 -9.42 7.12
N VAL B 143 4.58 -8.49 6.38
CA VAL B 143 5.07 -7.17 6.91
C VAL B 143 4.22 -6.07 6.30
N ASP B 144 3.41 -5.40 7.13
CA ASP B 144 2.38 -4.44 6.66
C ASP B 144 3.07 -3.08 6.50
N ASP B 145 2.39 -2.10 5.93
CA ASP B 145 3.02 -0.86 5.40
C ASP B 145 3.75 -0.06 6.48
N TRP B 146 4.89 0.54 6.13
CA TRP B 146 5.69 1.47 6.97
C TRP B 146 6.42 0.76 8.14
N ALA B 147 6.31 -0.55 8.28
CA ALA B 147 7.05 -1.29 9.33
C ALA B 147 8.57 -1.09 9.15
N ILE B 148 9.30 -0.99 10.25
CA ILE B 148 10.78 -0.88 10.28
C ILE B 148 11.31 -2.05 11.10
N LEU B 149 12.10 -2.89 10.48
CA LEU B 149 12.79 -3.99 11.21
C LEU B 149 14.27 -3.66 11.25
N SER B 150 14.77 -3.34 12.43
CA SER B 150 16.16 -2.86 12.59
C SER B 150 17.13 -4.03 12.33
N GLY B 151 18.43 -3.76 12.36
CA GLY B 151 19.48 -4.69 11.92
C GLY B 151 19.38 -6.02 12.62
N TYR B 152 19.51 -7.11 11.90
CA TYR B 152 19.60 -8.49 12.44
C TYR B 152 18.32 -8.87 13.17
N THR B 153 17.18 -8.32 12.75
CA THR B 153 15.85 -8.77 13.21
C THR B 153 15.52 -10.12 12.58
N LEU B 154 15.17 -11.08 13.42
CA LEU B 154 14.85 -12.46 13.01
C LEU B 154 13.34 -12.65 13.18
N VAL B 155 12.66 -13.12 12.13
CA VAL B 155 11.19 -13.34 12.18
C VAL B 155 10.86 -14.81 11.90
N HIS B 156 10.17 -15.45 12.85
N HIS B 156 10.18 -15.46 12.85
CA HIS B 156 9.73 -16.86 12.79
CA HIS B 156 9.77 -16.89 12.75
C HIS B 156 8.66 -17.04 11.71
C HIS B 156 8.69 -17.03 11.70
N GLN B 157 8.57 -18.24 11.16
CA GLN B 157 7.60 -18.56 10.08
C GLN B 157 6.20 -18.16 10.54
N TYR B 158 5.41 -17.59 9.61
CA TYR B 158 3.94 -17.32 9.72
C TYR B 158 3.69 -16.10 10.60
N CYS B 159 4.72 -15.48 11.19
CA CYS B 159 4.53 -14.23 12.00
C CYS B 159 4.04 -13.12 11.07
N ARG B 160 3.19 -12.26 11.61
CA ARG B 160 2.73 -11.01 10.99
C ARG B 160 3.31 -9.81 11.76
N ILE B 161 3.93 -8.89 11.03
CA ILE B 161 4.48 -7.60 11.48
C ILE B 161 3.54 -6.47 11.08
N GLY B 162 2.95 -5.77 12.06
CA GLY B 162 1.88 -4.80 11.84
C GLY B 162 2.36 -3.51 11.17
N ALA B 163 1.42 -2.75 10.62
CA ALA B 163 1.71 -1.43 9.99
C ALA B 163 2.37 -0.50 11.03
N HIS B 164 3.41 0.22 10.63
CA HIS B 164 4.08 1.27 11.43
C HIS B 164 4.70 0.69 12.72
N SER B 165 4.90 -0.63 12.80
CA SER B 165 5.61 -1.30 13.91
C SER B 165 7.11 -1.07 13.76
N PHE B 166 7.85 -1.34 14.82
CA PHE B 166 9.31 -1.14 14.86
C PHE B 166 9.92 -2.26 15.68
N SER B 167 10.99 -2.84 15.16
CA SER B 167 11.85 -3.79 15.91
C SER B 167 13.23 -3.16 16.08
N GLY B 168 13.72 -3.22 17.31
CA GLY B 168 15.10 -2.91 17.70
C GLY B 168 16.09 -3.87 17.11
N MET B 169 17.32 -3.44 17.05
CA MET B 169 18.41 -4.22 16.45
C MET B 169 18.54 -5.54 17.21
N GLY B 170 18.63 -6.66 16.50
CA GLY B 170 18.85 -7.99 17.10
C GLY B 170 17.58 -8.59 17.70
N SER B 171 16.40 -8.07 17.39
CA SER B 171 15.11 -8.63 17.89
C SER B 171 14.90 -10.01 17.29
N ALA B 172 14.37 -10.94 18.07
CA ALA B 172 13.98 -12.30 17.65
C ALA B 172 12.47 -12.46 17.88
N ILE B 173 11.69 -12.22 16.81
CA ILE B 173 10.20 -12.19 16.83
C ILE B 173 9.65 -13.59 16.53
N GLY B 174 9.06 -14.22 17.53
CA GLY B 174 8.43 -15.55 17.46
C GLY B 174 6.92 -15.46 17.49
N LYS B 175 6.38 -14.27 17.78
CA LYS B 175 4.91 -14.02 17.91
C LYS B 175 4.61 -12.79 17.05
N ASP B 176 3.33 -12.56 16.78
N ASP B 176 3.33 -12.58 16.75
CA ASP B 176 2.85 -11.46 15.90
CA ASP B 176 2.88 -11.44 15.93
C ASP B 176 3.15 -10.12 16.59
C ASP B 176 3.27 -10.13 16.63
N VAL B 177 3.60 -9.12 15.84
CA VAL B 177 3.81 -7.74 16.33
C VAL B 177 2.59 -6.95 15.86
N PRO B 178 1.71 -6.49 16.77
CA PRO B 178 0.57 -5.69 16.35
C PRO B 178 1.05 -4.40 15.67
N ALA B 179 0.15 -3.77 14.92
CA ALA B 179 0.39 -2.49 14.25
C ALA B 179 0.86 -1.48 15.30
N TYR B 180 1.84 -0.65 14.92
CA TYR B 180 2.36 0.51 15.70
C TYR B 180 3.24 0.08 16.89
N VAL B 181 3.30 -1.20 17.24
CA VAL B 181 3.98 -1.61 18.49
C VAL B 181 5.50 -1.61 18.29
N THR B 182 6.26 -1.29 19.33
N THR B 182 6.27 -1.21 19.30
CA THR B 182 7.74 -1.30 19.31
CA THR B 182 7.76 -1.30 19.30
C THR B 182 8.21 -2.54 20.09
C THR B 182 8.16 -2.57 20.06
N VAL B 183 9.05 -3.38 19.50
CA VAL B 183 9.58 -4.63 20.13
C VAL B 183 11.10 -4.61 20.09
N PHE B 184 11.72 -5.36 21.02
CA PHE B 184 13.17 -5.34 21.29
C PHE B 184 13.55 -6.66 21.92
N GLY B 185 14.74 -7.17 21.61
CA GLY B 185 15.36 -8.26 22.39
C GLY B 185 15.08 -9.62 21.80
N ASN B 186 15.72 -10.61 22.41
CA ASN B 186 15.59 -12.03 22.04
C ASN B 186 15.28 -12.79 23.32
N PRO B 187 14.04 -13.25 23.57
CA PRO B 187 12.95 -13.10 22.62
C PRO B 187 12.39 -11.66 22.62
N ALA B 188 11.71 -11.27 21.54
CA ALA B 188 11.19 -9.89 21.39
C ALA B 188 10.18 -9.58 22.50
N GLU B 189 10.21 -8.35 23.01
CA GLU B 189 9.34 -7.84 24.09
C GLU B 189 8.62 -6.59 23.60
N ALA B 190 7.33 -6.48 23.91
CA ALA B 190 6.54 -5.28 23.59
C ALA B 190 6.88 -4.18 24.59
N ARG B 191 7.28 -3.00 24.10
CA ARG B 191 7.65 -1.88 25.01
C ARG B 191 6.64 -0.76 24.92
N SER B 192 6.34 -0.30 23.73
CA SER B 192 5.53 0.92 23.54
C SER B 192 4.97 0.92 22.13
N MET B 193 4.52 2.07 21.69
CA MET B 193 4.13 2.29 20.29
C MET B 193 5.10 3.26 19.65
N ASN B 194 5.19 3.18 18.31
CA ASN B 194 6.10 3.95 17.45
C ASN B 194 5.59 5.39 17.33
N PHE B 195 5.60 6.14 18.43
CA PHE B 195 5.08 7.53 18.49
C PHE B 195 5.91 8.44 17.58
N GLU B 196 7.23 8.21 17.48
CA GLU B 196 8.10 9.04 16.59
C GLU B 196 7.76 8.73 15.12
N GLY B 197 7.52 7.47 14.78
CA GLY B 197 6.99 7.07 13.47
C GLY B 197 5.68 7.77 13.15
N MET B 198 4.72 7.71 14.08
CA MET B 198 3.35 8.25 13.92
C MET B 198 3.44 9.77 13.67
N ARG B 199 4.22 10.47 14.48
CA ARG B 199 4.38 11.95 14.39
C ARG B 199 5.06 12.31 13.06
N ARG B 200 6.14 11.64 12.69
CA ARG B 200 6.84 11.85 11.39
C ARG B 200 5.89 11.66 10.19
N ARG B 201 4.96 10.72 10.32
CA ARG B 201 4.01 10.41 9.23
C ARG B 201 2.81 11.38 9.25
N GLY B 202 2.64 12.13 10.33
CA GLY B 202 1.58 13.14 10.38
C GLY B 202 0.29 12.66 10.98
N PHE B 203 0.34 11.59 11.77
CA PHE B 203 -0.87 11.10 12.45
C PHE B 203 -1.39 12.26 13.31
N SER B 204 -2.69 12.35 13.52
CA SER B 204 -3.32 13.40 14.38
C SER B 204 -3.00 13.13 15.85
N SER B 205 -2.97 14.19 16.67
CA SER B 205 -2.83 14.10 18.15
C SER B 205 -3.93 13.20 18.71
N GLU B 206 -5.16 13.31 18.19
CA GLU B 206 -6.33 12.51 18.67
C GLU B 206 -6.11 11.01 18.40
N ALA B 207 -5.61 10.66 17.23
CA ALA B 207 -5.36 9.26 16.86
C ALA B 207 -4.22 8.70 17.75
N ILE B 208 -3.19 9.51 18.00
CA ILE B 208 -2.02 9.08 18.82
C ILE B 208 -2.47 8.82 20.25
N HIS B 209 -3.28 9.73 20.83
CA HIS B 209 -3.88 9.57 22.17
C HIS B 209 -4.74 8.29 22.19
N ALA B 210 -5.60 8.04 21.19
CA ALA B 210 -6.49 6.84 21.16
C ALA B 210 -5.63 5.57 21.10
N LEU B 211 -4.55 5.59 20.32
CA LEU B 211 -3.61 4.44 20.21
C LEU B 211 -2.87 4.25 21.55
N ARG B 212 -2.49 5.35 22.19
CA ARG B 212 -1.80 5.27 23.52
C ARG B 212 -2.73 4.50 24.48
N ARG B 213 -4.01 4.85 24.52
CA ARG B 213 -5.01 4.19 25.40
C ARG B 213 -5.23 2.74 24.94
N ALA B 214 -5.28 2.48 23.63
CA ALA B 214 -5.52 1.11 23.10
C ALA B 214 -4.38 0.18 23.55
N TYR B 215 -3.16 0.69 23.62
CA TYR B 215 -1.98 -0.12 24.05
C TYR B 215 -2.24 -0.62 25.48
N LYS B 216 -2.69 0.28 26.35
CA LYS B 216 -3.01 -0.02 27.78
C LYS B 216 -4.07 -1.13 27.87
N VAL B 217 -5.10 -1.04 27.03
CA VAL B 217 -6.24 -2.01 26.96
C VAL B 217 -5.70 -3.42 26.68
N VAL B 218 -4.80 -3.56 25.72
CA VAL B 218 -4.32 -4.91 25.31
C VAL B 218 -3.30 -5.45 26.35
N TYR B 219 -2.37 -4.61 26.80
CA TYR B 219 -1.10 -5.04 27.47
C TYR B 219 -1.14 -4.86 29.00
N ARG B 220 -1.94 -3.94 29.54
CA ARG B 220 -1.74 -3.45 30.93
C ARG B 220 -3.02 -3.50 31.78
N GLN B 221 -4.08 -4.20 31.38
CA GLN B 221 -5.33 -4.27 32.18
C GLN B 221 -5.71 -5.72 32.46
N GLY B 222 -4.77 -6.66 32.32
CA GLY B 222 -4.98 -8.09 32.61
C GLY B 222 -6.11 -8.70 31.81
N HIS B 223 -6.48 -8.13 30.66
CA HIS B 223 -7.50 -8.69 29.72
C HIS B 223 -6.88 -9.86 28.95
N THR B 224 -7.63 -10.95 28.75
CA THR B 224 -7.33 -11.97 27.70
C THR B 224 -7.45 -11.27 26.34
N VAL B 225 -6.88 -11.86 25.29
CA VAL B 225 -6.87 -11.24 23.93
C VAL B 225 -8.35 -10.94 23.59
N GLU B 226 -9.25 -11.90 23.84
CA GLU B 226 -10.67 -11.79 23.42
C GLU B 226 -11.35 -10.65 24.21
N GLU B 227 -11.07 -10.49 25.49
CA GLU B 227 -11.61 -9.40 26.35
C GLU B 227 -11.12 -8.03 25.87
N ALA B 228 -9.82 -7.88 25.58
CA ALA B 228 -9.24 -6.63 25.06
C ALA B 228 -9.88 -6.27 23.69
N LEU B 229 -10.07 -7.24 22.79
CA LEU B 229 -10.73 -7.01 21.46
C LEU B 229 -12.12 -6.41 21.68
N ALA B 230 -12.90 -7.01 22.58
CA ALA B 230 -14.26 -6.55 22.97
C ALA B 230 -14.17 -5.14 23.59
N GLU B 231 -13.10 -4.83 24.34
CA GLU B 231 -12.96 -3.49 24.97
C GLU B 231 -12.47 -2.46 23.92
N LEU B 232 -11.75 -2.90 22.88
CA LEU B 232 -11.22 -2.02 21.80
C LEU B 232 -12.35 -1.61 20.83
N ALA B 233 -13.47 -2.35 20.83
CA ALA B 233 -14.61 -2.24 19.88
C ALA B 233 -15.00 -0.78 19.66
N GLU B 234 -15.23 -0.03 20.74
CA GLU B 234 -15.64 1.39 20.76
C GLU B 234 -14.60 2.27 20.06
N SER B 235 -13.36 2.30 20.56
CA SER B 235 -12.32 3.21 20.00
C SER B 235 -12.01 2.81 18.54
N ALA B 236 -12.06 1.51 18.23
CA ALA B 236 -11.79 0.99 16.86
C ALA B 236 -12.87 1.50 15.89
N ALA B 237 -14.10 1.66 16.34
CA ALA B 237 -15.20 2.20 15.50
C ALA B 237 -14.97 3.70 15.25
N GLN B 238 -14.32 4.40 16.19
CA GLN B 238 -14.09 5.87 16.12
C GLN B 238 -12.84 6.20 15.30
N PHE B 239 -11.73 5.45 15.47
CA PHE B 239 -10.43 5.80 14.84
C PHE B 239 -9.95 4.65 13.96
N PRO B 240 -9.89 4.85 12.62
CA PRO B 240 -9.30 3.88 11.70
C PRO B 240 -7.97 3.30 12.21
N GLU B 241 -7.12 4.18 12.76
CA GLU B 241 -5.80 3.74 13.29
C GLU B 241 -6.02 2.69 14.38
N VAL B 242 -7.00 2.89 15.24
CA VAL B 242 -7.28 1.94 16.35
C VAL B 242 -7.84 0.64 15.73
N ALA B 243 -8.64 0.74 14.66
CA ALA B 243 -9.17 -0.45 13.94
C ALA B 243 -8.01 -1.25 13.33
N VAL B 244 -7.02 -0.59 12.79
CA VAL B 244 -5.81 -1.26 12.22
C VAL B 244 -5.12 -2.04 13.36
N PHE B 245 -4.95 -1.42 14.51
CA PHE B 245 -4.39 -2.06 15.72
C PHE B 245 -5.24 -3.28 16.10
N ARG B 246 -6.53 -3.05 16.31
CA ARG B 246 -7.51 -4.08 16.73
C ARG B 246 -7.45 -5.24 15.75
N ASP B 247 -7.49 -4.93 14.44
CA ASP B 247 -7.47 -5.95 13.36
C ASP B 247 -6.20 -6.79 13.46
N SER B 248 -5.04 -6.17 13.70
CA SER B 248 -3.73 -6.89 13.78
C SER B 248 -3.74 -7.89 14.95
N ILE B 249 -4.47 -7.59 16.03
CA ILE B 249 -4.60 -8.50 17.19
C ILE B 249 -5.57 -9.64 16.81
N GLN B 250 -6.68 -9.28 16.17
CA GLN B 250 -7.75 -10.23 15.75
C GLN B 250 -7.22 -11.26 14.73
N SER B 251 -6.29 -10.86 13.86
CA SER B 251 -5.76 -11.66 12.73
C SER B 251 -4.52 -12.48 13.15
N ALA B 252 -4.03 -12.31 14.39
CA ALA B 252 -2.82 -13.00 14.91
C ALA B 252 -2.97 -14.53 14.90
N THR B 253 -2.01 -15.28 14.34
CA THR B 253 -2.07 -16.76 14.31
C THR B 253 -1.14 -17.33 15.37
N ARG B 254 -0.14 -16.58 15.85
CA ARG B 254 0.96 -17.14 16.68
C ARG B 254 0.94 -16.54 18.09
N GLY B 255 -0.21 -15.98 18.50
CA GLY B 255 -0.33 -15.12 19.70
C GLY B 255 0.32 -13.77 19.43
N ILE B 256 0.30 -12.86 20.39
CA ILE B 256 0.88 -11.50 20.19
C ILE B 256 2.10 -11.37 21.08
N THR B 257 3.10 -10.62 20.61
CA THR B 257 4.30 -10.30 21.40
C THR B 257 3.85 -9.51 22.63
N ARG B 258 4.26 -9.97 23.83
CA ARG B 258 3.92 -9.33 25.11
C ARG B 258 5.17 -8.71 25.73
N LEU C 3 49.00 -8.70 -13.80
CA LEU C 3 48.63 -8.45 -12.37
C LEU C 3 47.18 -7.95 -12.29
N ILE C 4 46.80 -7.02 -13.16
CA ILE C 4 45.39 -6.58 -13.37
C ILE C 4 44.74 -7.58 -14.33
N ASP C 5 43.96 -8.53 -13.81
CA ASP C 5 43.28 -9.57 -14.64
C ASP C 5 42.50 -8.86 -15.75
N PRO C 6 42.56 -9.33 -17.03
CA PRO C 6 41.89 -8.62 -18.12
C PRO C 6 40.35 -8.71 -18.09
N ARG C 7 39.75 -9.54 -17.24
CA ARG C 7 38.26 -9.58 -17.09
C ARG C 7 37.79 -8.58 -16.02
N ALA C 8 38.71 -7.98 -15.27
CA ALA C 8 38.42 -6.88 -14.33
C ALA C 8 38.09 -5.61 -15.14
N ILE C 9 37.21 -4.75 -14.61
CA ILE C 9 36.85 -3.41 -15.17
C ILE C 9 37.57 -2.34 -14.32
N ILE C 10 38.50 -1.60 -14.93
CA ILE C 10 39.30 -0.56 -14.23
C ILE C 10 38.83 0.77 -14.79
N ASP C 11 38.11 1.58 -14.03
CA ASP C 11 37.67 2.90 -14.53
C ASP C 11 38.90 3.74 -14.88
N PRO C 12 38.88 4.54 -15.97
CA PRO C 12 40.03 5.37 -16.36
C PRO C 12 40.59 6.31 -15.27
N SER C 13 39.71 6.88 -14.44
CA SER C 13 40.06 7.82 -13.35
C SER C 13 40.53 7.06 -12.10
N ALA C 14 40.42 5.73 -12.06
CA ALA C 14 41.05 4.91 -11.00
C ALA C 14 42.56 5.12 -11.08
N ARG C 15 43.26 4.93 -9.96
CA ARG C 15 44.72 5.12 -9.84
C ARG C 15 45.31 3.93 -9.09
N LEU C 16 46.04 3.07 -9.80
CA LEU C 16 46.60 1.81 -9.25
C LEU C 16 48.13 1.88 -9.22
N ALA C 17 48.71 1.68 -8.03
CA ALA C 17 50.17 1.63 -7.84
C ALA C 17 50.71 0.42 -8.59
N ALA C 18 52.01 0.43 -8.87
CA ALA C 18 52.74 -0.76 -9.32
C ALA C 18 52.38 -1.86 -8.33
N ASP C 19 52.49 -3.13 -8.75
CA ASP C 19 52.47 -4.24 -7.78
C ASP C 19 51.01 -4.63 -7.53
N VAL C 20 50.04 -3.73 -7.79
CA VAL C 20 48.61 -3.97 -7.41
C VAL C 20 48.05 -5.12 -8.25
N GLN C 21 47.38 -6.09 -7.60
CA GLN C 21 46.69 -7.22 -8.29
C GLN C 21 45.19 -7.03 -8.19
N VAL C 22 44.46 -7.30 -9.28
CA VAL C 22 42.99 -7.21 -9.34
C VAL C 22 42.50 -8.51 -9.99
N GLY C 23 41.70 -9.28 -9.29
CA GLY C 23 41.23 -10.58 -9.81
C GLY C 23 40.16 -10.40 -10.89
N PRO C 24 39.75 -11.50 -11.53
CA PRO C 24 38.71 -11.45 -12.55
C PRO C 24 37.36 -10.99 -11.98
N TRP C 25 36.64 -10.22 -12.80
CA TRP C 25 35.21 -9.82 -12.61
C TRP C 25 35.09 -8.87 -11.42
N SER C 26 36.15 -8.15 -11.10
CA SER C 26 36.13 -7.10 -10.06
C SER C 26 36.03 -5.78 -10.80
N ILE C 27 35.51 -4.76 -10.11
CA ILE C 27 35.26 -3.40 -10.65
C ILE C 27 36.02 -2.43 -9.77
N VAL C 28 37.02 -1.74 -10.33
CA VAL C 28 37.71 -0.62 -9.65
C VAL C 28 37.11 0.67 -10.23
N GLY C 29 36.13 1.24 -9.53
CA GLY C 29 35.30 2.35 -10.00
C GLY C 29 36.08 3.65 -10.08
N ALA C 30 35.41 4.70 -10.55
CA ALA C 30 35.94 6.07 -10.69
C ALA C 30 36.42 6.56 -9.32
N GLU C 31 37.58 7.24 -9.30
CA GLU C 31 38.18 7.96 -8.13
C GLU C 31 38.57 6.97 -7.04
N VAL C 32 38.88 5.72 -7.41
CA VAL C 32 39.41 4.69 -6.48
C VAL C 32 40.93 4.66 -6.65
N GLU C 33 41.64 5.01 -5.58
CA GLU C 33 43.11 4.87 -5.50
C GLU C 33 43.41 3.58 -4.72
N ILE C 34 44.36 2.80 -5.22
CA ILE C 34 44.90 1.58 -4.55
C ILE C 34 46.41 1.68 -4.46
N GLY C 35 46.98 1.34 -3.30
CA GLY C 35 48.42 1.50 -2.98
C GLY C 35 49.20 0.23 -3.20
N GLU C 36 50.53 0.32 -3.23
CA GLU C 36 51.42 -0.77 -3.70
C GLU C 36 51.23 -2.01 -2.83
N GLY C 37 51.28 -3.19 -3.45
CA GLY C 37 51.26 -4.50 -2.78
C GLY C 37 49.84 -4.95 -2.42
N THR C 38 48.83 -4.15 -2.71
CA THR C 38 47.42 -4.49 -2.41
C THR C 38 46.95 -5.54 -3.42
N VAL C 39 46.24 -6.55 -2.92
CA VAL C 39 45.66 -7.66 -3.72
C VAL C 39 44.14 -7.56 -3.58
N ILE C 40 43.47 -7.14 -4.65
CA ILE C 40 41.99 -7.23 -4.80
C ILE C 40 41.66 -8.60 -5.36
N GLY C 41 40.81 -9.38 -4.69
CA GLY C 41 40.38 -10.69 -5.17
C GLY C 41 39.43 -10.60 -6.36
N PRO C 42 38.89 -11.75 -6.81
CA PRO C 42 37.85 -11.75 -7.83
C PRO C 42 36.50 -11.32 -7.23
N HIS C 43 35.58 -10.82 -8.04
CA HIS C 43 34.17 -10.50 -7.64
C HIS C 43 34.16 -9.44 -6.53
N VAL C 44 35.08 -8.48 -6.59
CA VAL C 44 35.09 -7.32 -5.66
C VAL C 44 34.53 -6.11 -6.40
N VAL C 45 33.66 -5.34 -5.75
CA VAL C 45 33.19 -4.05 -6.28
C VAL C 45 33.79 -2.95 -5.40
N LEU C 46 34.65 -2.11 -5.98
CA LEU C 46 35.19 -0.87 -5.35
C LEU C 46 34.52 0.33 -5.99
N LYS C 47 33.95 1.22 -5.17
CA LYS C 47 33.40 2.52 -5.59
C LYS C 47 34.11 3.65 -4.83
N GLY C 48 34.19 4.83 -5.43
CA GLY C 48 34.91 6.00 -4.92
C GLY C 48 33.94 7.12 -4.58
N PRO C 49 34.45 8.30 -4.13
CA PRO C 49 35.88 8.52 -3.93
C PRO C 49 36.43 7.71 -2.73
N THR C 50 37.45 6.90 -2.96
CA THR C 50 38.03 5.94 -1.99
C THR C 50 39.54 5.91 -2.16
N LYS C 51 40.27 5.81 -1.05
CA LYS C 51 41.73 5.59 -1.04
C LYS C 51 41.96 4.30 -0.27
N ILE C 52 42.70 3.36 -0.87
CA ILE C 52 43.16 2.10 -0.25
C ILE C 52 44.69 2.12 -0.24
N GLY C 53 45.30 1.78 0.89
CA GLY C 53 46.74 1.93 1.11
C GLY C 53 47.50 0.74 0.58
N LYS C 54 48.52 0.33 1.31
CA LYS C 54 49.55 -0.59 0.80
C LYS C 54 49.39 -1.94 1.51
N HIS C 55 49.63 -3.02 0.78
CA HIS C 55 49.71 -4.41 1.30
C HIS C 55 48.37 -4.80 1.95
N ASN C 56 47.27 -4.27 1.44
CA ASN C 56 45.89 -4.69 1.83
C ASN C 56 45.50 -5.96 1.06
N ARG C 57 44.53 -6.74 1.58
CA ARG C 57 43.94 -7.89 0.85
C ARG C 57 42.42 -7.76 0.99
N ILE C 58 41.72 -7.71 -0.13
CA ILE C 58 40.25 -7.60 -0.16
C ILE C 58 39.70 -8.83 -0.89
N TYR C 59 38.88 -9.60 -0.20
CA TYR C 59 38.34 -10.90 -0.66
C TYR C 59 37.05 -10.71 -1.45
N GLN C 60 36.74 -11.74 -2.23
CA GLN C 60 35.57 -11.84 -3.13
C GLN C 60 34.29 -11.42 -2.41
N PHE C 61 33.40 -10.75 -3.16
CA PHE C 61 31.97 -10.46 -2.89
C PHE C 61 31.87 -9.27 -1.90
N SER C 62 33.00 -8.62 -1.63
CA SER C 62 33.04 -7.39 -0.80
C SER C 62 32.56 -6.23 -1.67
N SER C 63 31.82 -5.33 -1.06
CA SER C 63 31.36 -4.05 -1.65
C SER C 63 31.97 -2.94 -0.82
N VAL C 64 33.05 -2.34 -1.33
CA VAL C 64 33.91 -1.37 -0.60
C VAL C 64 33.70 0.00 -1.26
N GLY C 65 32.95 0.86 -0.58
CA GLY C 65 32.82 2.28 -0.95
C GLY C 65 31.48 2.64 -1.56
N GLU C 66 30.44 1.84 -1.38
CA GLU C 66 29.06 2.20 -1.82
C GLU C 66 28.52 3.32 -0.94
N ASP C 67 27.43 3.93 -1.39
CA ASP C 67 26.65 4.91 -0.62
C ASP C 67 25.96 4.17 0.51
N THR C 68 25.82 4.80 1.68
CA THR C 68 24.89 4.32 2.74
C THR C 68 23.46 4.39 2.18
N PRO C 69 22.63 3.34 2.38
CA PRO C 69 21.21 3.44 2.06
C PRO C 69 20.41 4.29 3.06
N ASP C 70 21.05 4.68 4.17
CA ASP C 70 20.45 5.52 5.24
C ASP C 70 19.89 6.78 4.57
N LEU C 71 18.64 7.12 4.88
CA LEU C 71 17.84 8.11 4.13
C LEU C 71 18.40 9.53 4.32
N LYS C 72 19.21 9.75 5.36
CA LYS C 72 19.82 11.08 5.68
C LYS C 72 21.03 11.39 4.78
N TYR C 73 21.42 10.48 3.88
CA TYR C 73 22.44 10.74 2.81
C TYR C 73 21.73 11.00 1.48
N LYS C 74 22.15 12.03 0.72
CA LYS C 74 21.48 12.43 -0.55
C LYS C 74 22.48 12.68 -1.69
N GLY C 75 23.58 11.93 -1.74
CA GLY C 75 24.50 11.89 -2.90
C GLY C 75 25.64 12.90 -2.81
N GLU C 76 25.77 13.63 -1.70
CA GLU C 76 26.84 14.63 -1.49
C GLU C 76 28.19 13.92 -1.67
N PRO C 77 29.26 14.62 -2.11
CA PRO C 77 30.58 13.99 -2.27
C PRO C 77 31.20 13.65 -0.91
N THR C 78 31.30 12.36 -0.59
CA THR C 78 31.83 11.82 0.70
C THR C 78 32.85 10.73 0.37
N ARG C 79 33.73 10.40 1.31
CA ARG C 79 34.95 9.61 1.03
C ARG C 79 35.03 8.36 1.91
N LEU C 80 35.89 7.45 1.52
CA LEU C 80 36.35 6.33 2.37
C LEU C 80 37.87 6.26 2.27
N VAL C 81 38.59 6.19 3.39
CA VAL C 81 40.07 6.01 3.43
C VAL C 81 40.35 4.72 4.19
N ILE C 82 41.19 3.88 3.61
CA ILE C 82 41.69 2.61 4.19
C ILE C 82 43.22 2.67 4.17
N GLY C 83 43.85 2.34 5.30
CA GLY C 83 45.30 2.37 5.48
C GLY C 83 45.99 1.15 4.90
N ASP C 84 46.90 0.56 5.65
CA ASP C 84 47.92 -0.39 5.18
C ASP C 84 47.80 -1.71 5.94
N HIS C 85 48.10 -2.83 5.29
CA HIS C 85 48.23 -4.15 5.94
C HIS C 85 46.90 -4.60 6.57
N ASN C 86 45.77 -4.19 6.02
CA ASN C 86 44.43 -4.72 6.40
C ASN C 86 44.07 -5.94 5.58
N VAL C 87 43.23 -6.78 6.17
CA VAL C 87 42.60 -7.95 5.51
C VAL C 87 41.09 -7.76 5.62
N ILE C 88 40.43 -7.59 4.47
CA ILE C 88 38.95 -7.45 4.39
C ILE C 88 38.42 -8.75 3.77
N ARG C 89 37.69 -9.52 4.54
CA ARG C 89 37.32 -10.89 4.10
C ARG C 89 36.07 -10.94 3.21
N GLU C 90 35.54 -12.14 3.02
CA GLU C 90 34.43 -12.39 2.07
C GLU C 90 33.18 -11.54 2.36
N GLY C 91 32.61 -10.90 1.34
CA GLY C 91 31.33 -10.19 1.47
C GLY C 91 31.24 -9.06 2.48
N VAL C 92 32.37 -8.42 2.76
CA VAL C 92 32.35 -7.25 3.69
C VAL C 92 31.71 -6.10 2.94
N THR C 93 30.91 -5.31 3.64
CA THR C 93 30.34 -4.05 3.12
C THR C 93 30.98 -2.89 3.88
N ILE C 94 31.47 -1.89 3.16
CA ILE C 94 32.05 -0.65 3.76
C ILE C 94 31.46 0.54 3.01
N HIS C 95 30.78 1.44 3.73
CA HIS C 95 30.06 2.59 3.14
C HIS C 95 30.88 3.86 3.37
N ARG C 96 30.81 4.80 2.44
CA ARG C 96 31.49 6.12 2.53
C ARG C 96 30.73 6.98 3.54
N GLY C 97 31.31 8.11 3.91
CA GLY C 97 30.79 8.97 4.99
C GLY C 97 29.57 9.73 4.55
N THR C 98 29.10 10.62 5.42
CA THR C 98 27.96 11.56 5.21
C THR C 98 28.45 12.97 5.58
N VAL C 99 27.90 14.00 4.93
CA VAL C 99 28.36 15.41 5.13
C VAL C 99 27.89 15.88 6.51
N GLN C 100 26.89 15.23 7.11
CA GLN C 100 26.34 15.58 8.45
C GLN C 100 27.39 15.37 9.54
N ASP C 101 28.40 14.54 9.27
CA ASP C 101 29.51 14.27 10.22
C ASP C 101 30.79 14.88 9.60
N ARG C 102 31.73 14.06 9.08
CA ARG C 102 33.04 14.52 8.53
C ARG C 102 33.17 14.10 7.07
N ALA C 103 32.12 13.55 6.46
CA ALA C 103 32.08 13.11 5.04
C ALA C 103 33.15 12.04 4.78
N GLU C 104 33.57 11.29 5.81
CA GLU C 104 34.61 10.25 5.60
C GLU C 104 34.37 9.07 6.53
N THR C 105 34.47 7.87 5.96
CA THR C 105 34.65 6.58 6.67
C THR C 105 36.15 6.30 6.69
N THR C 106 36.72 5.94 7.84
CA THR C 106 38.18 5.84 8.03
C THR C 106 38.56 4.52 8.68
N ILE C 107 39.52 3.81 8.09
CA ILE C 107 40.16 2.59 8.64
C ILE C 107 41.69 2.80 8.62
N GLY C 108 42.36 2.53 9.74
CA GLY C 108 43.83 2.56 9.86
C GLY C 108 44.50 1.32 9.27
N ASP C 109 45.44 0.75 10.02
CA ASP C 109 46.37 -0.27 9.51
C ASP C 109 46.22 -1.54 10.33
N HIS C 110 46.57 -2.67 9.71
CA HIS C 110 46.79 -3.98 10.37
C HIS C 110 45.47 -4.47 10.97
N ASN C 111 44.35 -4.02 10.43
CA ASN C 111 42.98 -4.48 10.83
C ASN C 111 42.59 -5.78 10.10
N LEU C 112 41.88 -6.66 10.80
CA LEU C 112 41.32 -7.92 10.25
C LEU C 112 39.80 -7.79 10.34
N ILE C 113 39.11 -7.70 9.19
CA ILE C 113 37.63 -7.52 9.07
C ILE C 113 37.06 -8.77 8.42
N MET C 114 36.48 -9.62 9.23
CA MET C 114 36.09 -10.99 8.83
C MET C 114 34.78 -10.96 8.03
N ALA C 115 34.40 -12.13 7.50
CA ALA C 115 33.34 -12.27 6.48
C ALA C 115 32.05 -11.56 6.92
N TYR C 116 31.44 -10.81 5.99
CA TYR C 116 30.08 -10.26 6.08
C TYR C 116 30.01 -9.20 7.18
N ALA C 117 31.16 -8.74 7.69
CA ALA C 117 31.23 -7.54 8.55
C ALA C 117 30.69 -6.35 7.77
N HIS C 118 30.10 -5.40 8.47
CA HIS C 118 29.52 -4.17 7.93
C HIS C 118 30.12 -2.99 8.66
N ILE C 119 30.79 -2.11 7.92
CA ILE C 119 31.32 -0.83 8.44
C ILE C 119 30.47 0.30 7.88
N GLY C 120 29.59 0.85 8.71
CA GLY C 120 28.60 1.84 8.30
C GLY C 120 29.28 3.18 8.12
N HIS C 121 28.59 4.05 7.40
CA HIS C 121 28.99 5.43 7.08
C HIS C 121 29.60 6.11 8.32
N ASP C 122 30.77 6.72 8.14
CA ASP C 122 31.36 7.71 9.09
C ASP C 122 32.07 6.98 10.24
N SER C 123 32.08 5.66 10.22
CA SER C 123 32.77 4.86 11.25
C SER C 123 34.26 5.16 11.15
N VAL C 124 34.93 5.22 12.31
CA VAL C 124 36.42 5.32 12.34
C VAL C 124 37.00 4.10 13.06
N ILE C 125 37.85 3.34 12.35
CA ILE C 125 38.58 2.18 12.91
C ILE C 125 40.05 2.57 12.96
N GLY C 126 40.70 2.27 14.08
CA GLY C 126 42.14 2.53 14.28
C GLY C 126 42.98 1.43 13.70
N ASN C 127 43.86 0.83 14.51
CA ASN C 127 44.87 -0.15 14.06
C ASN C 127 44.77 -1.43 14.89
N HIS C 128 45.11 -2.55 14.26
CA HIS C 128 45.28 -3.87 14.91
C HIS C 128 43.97 -4.29 15.55
N CYS C 129 42.86 -3.85 14.98
CA CYS C 129 41.50 -4.26 15.38
C CYS C 129 41.15 -5.56 14.70
N ILE C 130 40.28 -6.34 15.33
CA ILE C 130 39.68 -7.57 14.77
C ILE C 130 38.16 -7.41 14.83
N LEU C 131 37.50 -7.37 13.67
CA LEU C 131 36.01 -7.46 13.57
C LEU C 131 35.69 -8.86 13.06
N VAL C 132 35.15 -9.72 13.91
CA VAL C 132 34.84 -11.14 13.59
C VAL C 132 33.55 -11.17 12.76
N ASN C 133 33.28 -12.29 12.10
CA ASN C 133 32.21 -12.49 11.10
C ASN C 133 30.95 -11.71 11.50
N ASN C 134 30.39 -10.92 10.56
CA ASN C 134 29.00 -10.40 10.64
C ASN C 134 28.89 -9.34 11.75
N THR C 135 30.01 -8.87 12.28
CA THR C 135 30.06 -7.67 13.13
C THR C 135 29.52 -6.49 12.30
N ALA C 136 28.69 -5.64 12.89
CA ALA C 136 28.02 -4.54 12.17
C ALA C 136 28.16 -3.25 12.97
N LEU C 137 28.81 -2.25 12.38
CA LEU C 137 28.86 -0.87 12.91
C LEU C 137 27.79 -0.03 12.21
N ALA C 138 26.73 0.36 12.91
CA ALA C 138 25.54 0.94 12.26
C ALA C 138 25.88 2.29 11.62
N GLY C 139 26.82 3.06 12.20
CA GLY C 139 27.19 4.37 11.68
C GLY C 139 27.82 5.26 12.72
N HIS C 140 28.82 6.04 12.35
CA HIS C 140 29.47 7.04 13.23
C HIS C 140 30.13 6.32 14.41
N VAL C 141 30.54 5.06 14.19
CA VAL C 141 31.12 4.20 15.25
C VAL C 141 32.63 4.39 15.24
N HIS C 142 33.22 4.64 16.40
CA HIS C 142 34.67 4.83 16.57
C HIS C 142 35.22 3.60 17.28
N VAL C 143 36.09 2.86 16.62
CA VAL C 143 36.77 1.67 17.20
C VAL C 143 38.27 2.01 17.36
N ASP C 144 38.75 2.11 18.59
CA ASP C 144 40.16 2.46 18.89
C ASP C 144 41.04 1.21 18.71
N ASP C 145 42.35 1.39 18.76
CA ASP C 145 43.40 0.39 18.44
C ASP C 145 43.26 -0.86 19.29
N TRP C 146 43.47 -2.03 18.66
CA TRP C 146 43.58 -3.38 19.29
C TRP C 146 42.21 -3.89 19.75
N ALA C 147 41.13 -3.15 19.57
CA ALA C 147 39.78 -3.63 19.93
C ALA C 147 39.47 -4.92 19.16
N ILE C 148 38.83 -5.88 19.85
CA ILE C 148 38.31 -7.14 19.26
C ILE C 148 36.80 -7.18 19.46
N LEU C 149 36.03 -7.20 18.36
CA LEU C 149 34.56 -7.42 18.37
C LEU C 149 34.28 -8.83 17.85
N SER C 150 33.77 -9.72 18.70
CA SER C 150 33.52 -11.14 18.36
C SER C 150 32.31 -11.25 17.42
N GLY C 151 32.07 -12.45 16.91
CA GLY C 151 31.12 -12.70 15.82
C GLY C 151 29.75 -12.13 16.11
N TYR C 152 29.16 -11.46 15.12
CA TYR C 152 27.76 -10.97 15.15
C TYR C 152 27.61 -9.94 16.28
N THR C 153 28.66 -9.18 16.61
CA THR C 153 28.57 -8.00 17.50
C THR C 153 27.87 -6.87 16.73
N LEU C 154 26.78 -6.32 17.28
CA LEU C 154 26.02 -5.20 16.70
C LEU C 154 26.36 -3.96 17.52
N VAL C 155 26.73 -2.89 16.81
CA VAL C 155 27.10 -1.62 17.47
C VAL C 155 26.15 -0.54 16.96
N HIS C 156 25.48 0.11 17.89
CA HIS C 156 24.54 1.24 17.64
C HIS C 156 25.30 2.49 17.19
N GLN C 157 24.61 3.35 16.47
CA GLN C 157 25.17 4.61 15.92
C GLN C 157 25.83 5.43 17.04
N TYR C 158 26.98 6.04 16.71
CA TYR C 158 27.76 7.03 17.51
C TYR C 158 28.52 6.37 18.67
N CYS C 159 28.43 5.06 18.86
CA CYS C 159 29.08 4.38 20.00
C CYS C 159 30.60 4.43 19.80
N ARG C 160 31.35 4.62 20.89
CA ARG C 160 32.83 4.56 20.89
C ARG C 160 33.23 3.22 21.50
N ILE C 161 34.05 2.45 20.77
CA ILE C 161 34.64 1.19 21.27
C ILE C 161 36.12 1.45 21.62
N GLY C 162 36.51 1.28 22.89
CA GLY C 162 37.82 1.72 23.40
C GLY C 162 38.96 0.81 22.96
N ALA C 163 40.19 1.33 23.07
CA ALA C 163 41.44 0.59 22.82
C ALA C 163 41.46 -0.68 23.67
N HIS C 164 41.79 -1.83 23.06
CA HIS C 164 41.99 -3.14 23.73
C HIS C 164 40.68 -3.65 24.35
N SER C 165 39.54 -3.06 24.01
CA SER C 165 38.21 -3.53 24.47
C SER C 165 37.87 -4.83 23.75
N PHE C 166 36.98 -5.61 24.33
CA PHE C 166 36.53 -6.91 23.80
C PHE C 166 35.02 -7.02 23.93
N SER C 167 34.34 -7.41 22.86
CA SER C 167 32.91 -7.78 22.88
C SER C 167 32.78 -9.27 22.59
N GLY C 168 32.00 -9.95 23.44
CA GLY C 168 31.61 -11.34 23.29
C GLY C 168 30.69 -11.54 22.10
N MET C 169 30.53 -12.78 21.70
CA MET C 169 29.88 -13.06 20.40
C MET C 169 28.38 -12.82 20.56
N GLY C 170 27.79 -12.11 19.60
CA GLY C 170 26.36 -11.79 19.65
C GLY C 170 26.06 -10.65 20.61
N SER C 171 27.05 -9.83 20.98
CA SER C 171 26.84 -8.66 21.86
C SER C 171 26.11 -7.59 21.06
N ALA C 172 25.27 -6.80 21.73
CA ALA C 172 24.58 -5.62 21.18
C ALA C 172 24.96 -4.41 22.03
N ILE C 173 25.78 -3.52 21.49
CA ILE C 173 26.46 -2.39 22.19
C ILE C 173 25.69 -1.11 21.87
N GLY C 174 25.07 -0.52 22.89
CA GLY C 174 24.27 0.72 22.80
C GLY C 174 24.93 1.91 23.49
N LYS C 175 26.01 1.68 24.24
CA LYS C 175 26.73 2.77 24.94
C LYS C 175 28.23 2.58 24.75
N ASP C 176 29.03 3.62 25.01
CA ASP C 176 30.49 3.55 24.79
C ASP C 176 31.03 2.39 25.62
N VAL C 177 31.96 1.65 25.04
CA VAL C 177 32.74 0.63 25.79
C VAL C 177 34.09 1.29 26.11
N PRO C 178 34.41 1.48 27.41
CA PRO C 178 35.71 2.05 27.78
C PRO C 178 36.87 1.16 27.30
N ALA C 179 38.07 1.73 27.17
CA ALA C 179 39.30 0.99 26.85
C ALA C 179 39.44 -0.21 27.78
N TYR C 180 39.84 -1.36 27.24
CA TYR C 180 40.23 -2.59 27.98
C TYR C 180 39.02 -3.39 28.46
N VAL C 181 37.82 -2.81 28.47
CA VAL C 181 36.64 -3.46 29.08
C VAL C 181 36.17 -4.59 28.17
N THR C 182 35.75 -5.69 28.80
CA THR C 182 35.12 -6.84 28.15
C THR C 182 33.61 -6.73 28.38
N VAL C 183 32.83 -6.87 27.31
CA VAL C 183 31.35 -6.72 27.32
C VAL C 183 30.72 -7.95 26.62
N PHE C 184 29.52 -8.33 27.05
CA PHE C 184 28.79 -9.54 26.57
C PHE C 184 27.30 -9.28 26.61
N GLY C 185 26.57 -9.97 25.74
CA GLY C 185 25.11 -10.08 25.80
C GLY C 185 24.41 -8.97 25.06
N ASN C 186 23.09 -9.11 25.02
CA ASN C 186 22.15 -8.17 24.39
C ASN C 186 21.10 -7.83 25.45
N PRO C 187 21.16 -6.65 26.10
CA PRO C 187 22.17 -5.62 25.83
C PRO C 187 23.54 -5.91 26.47
N ALA C 188 24.60 -5.30 25.95
CA ALA C 188 25.97 -5.60 26.40
C ALA C 188 26.09 -5.19 27.88
N GLU C 189 26.83 -5.94 28.66
CA GLU C 189 27.18 -5.55 30.05
C GLU C 189 28.67 -5.77 30.25
N ALA C 190 29.29 -4.91 31.04
CA ALA C 190 30.73 -4.98 31.38
C ALA C 190 30.94 -6.20 32.28
N ARG C 191 32.00 -6.98 32.06
CA ARG C 191 32.36 -8.14 32.90
C ARG C 191 33.70 -7.87 33.58
N SER C 192 34.73 -7.46 32.83
CA SER C 192 36.12 -7.41 33.34
C SER C 192 37.00 -6.56 32.42
N MET C 193 38.33 -6.73 32.49
CA MET C 193 39.35 -6.07 31.61
C MET C 193 40.01 -7.12 30.70
N ASN C 194 40.40 -6.73 29.50
CA ASN C 194 41.09 -7.63 28.52
C ASN C 194 42.56 -7.79 28.96
N PHE C 195 42.83 -8.67 29.93
CA PHE C 195 44.19 -8.90 30.50
C PHE C 195 45.08 -9.55 29.42
N GLU C 196 44.52 -10.40 28.57
CA GLU C 196 45.26 -11.01 27.42
C GLU C 196 45.76 -9.92 26.48
N GLY C 197 44.89 -8.95 26.13
CA GLY C 197 45.25 -7.78 25.31
C GLY C 197 46.44 -7.03 25.88
N MET C 198 46.50 -6.94 27.23
CA MET C 198 47.56 -6.19 27.96
C MET C 198 48.89 -6.96 27.90
N ARG C 199 48.83 -8.28 28.04
CA ARG C 199 50.02 -9.17 27.95
C ARG C 199 50.52 -9.23 26.51
N ARG C 200 49.61 -9.23 25.53
CA ARG C 200 49.96 -9.12 24.09
C ARG C 200 50.77 -7.85 23.86
N ARG C 201 50.49 -6.80 24.63
CA ARG C 201 51.12 -5.46 24.49
C ARG C 201 52.43 -5.40 25.29
N GLY C 202 52.74 -6.43 26.09
CA GLY C 202 53.88 -6.46 27.02
C GLY C 202 53.78 -5.35 28.04
N PHE C 203 52.57 -5.06 28.53
CA PHE C 203 52.34 -4.11 29.66
C PHE C 203 53.14 -4.62 30.86
N SER C 204 53.89 -3.73 31.52
CA SER C 204 54.49 -4.03 32.84
C SER C 204 53.40 -4.57 33.77
N SER C 205 53.76 -5.41 34.76
CA SER C 205 52.82 -5.96 35.79
C SER C 205 52.26 -4.84 36.67
N GLU C 206 52.95 -3.69 36.75
CA GLU C 206 52.52 -2.49 37.51
C GLU C 206 51.41 -1.76 36.75
N ALA C 207 51.50 -1.71 35.41
CA ALA C 207 50.47 -1.16 34.49
C ALA C 207 49.18 -1.98 34.63
N ILE C 208 49.31 -3.30 34.68
CA ILE C 208 48.15 -4.24 34.70
C ILE C 208 47.45 -4.16 36.06
N HIS C 209 48.21 -4.03 37.16
CA HIS C 209 47.66 -3.86 38.54
C HIS C 209 46.98 -2.48 38.63
N ALA C 210 47.62 -1.46 38.05
CA ALA C 210 47.08 -0.08 37.99
C ALA C 210 45.72 -0.09 37.27
N LEU C 211 45.63 -0.82 36.15
CA LEU C 211 44.39 -0.94 35.33
C LEU C 211 43.37 -1.82 36.03
N ARG C 212 43.80 -2.92 36.67
CA ARG C 212 42.89 -3.77 37.46
C ARG C 212 42.21 -2.90 38.52
N ARG C 213 42.97 -2.05 39.21
CA ARG C 213 42.44 -1.16 40.28
C ARG C 213 41.54 -0.08 39.65
N ALA C 214 41.87 0.38 38.44
CA ALA C 214 41.13 1.46 37.74
C ALA C 214 39.72 0.97 37.40
N TYR C 215 39.58 -0.30 37.02
CA TYR C 215 38.27 -0.95 36.76
C TYR C 215 37.44 -0.93 38.04
N LYS C 216 38.07 -1.21 39.19
CA LYS C 216 37.34 -1.28 40.48
C LYS C 216 36.74 0.09 40.77
N VAL C 217 37.53 1.15 40.56
CA VAL C 217 37.16 2.56 40.88
C VAL C 217 35.93 2.95 40.04
N VAL C 218 35.85 2.49 38.80
CA VAL C 218 34.76 2.90 37.86
C VAL C 218 33.53 2.02 38.10
N TYR C 219 33.72 0.70 38.27
CA TYR C 219 32.61 -0.30 38.20
C TYR C 219 32.20 -0.86 39.57
N ARG C 220 33.09 -0.97 40.56
CA ARG C 220 32.81 -1.82 41.76
C ARG C 220 32.88 -1.05 43.09
N GLN C 221 32.90 0.29 43.06
CA GLN C 221 33.01 1.11 44.30
C GLN C 221 31.91 2.17 44.38
N GLY C 222 30.83 2.04 43.59
CA GLY C 222 29.63 2.90 43.71
C GLY C 222 29.94 4.36 43.47
N HIS C 223 31.09 4.69 42.89
CA HIS C 223 31.43 6.06 42.42
C HIS C 223 30.53 6.40 41.22
N THR C 224 30.15 7.66 41.03
CA THR C 224 29.56 8.14 39.76
C THR C 224 30.72 8.35 38.79
N VAL C 225 30.41 8.59 37.52
CA VAL C 225 31.44 8.73 36.47
C VAL C 225 32.34 9.92 36.84
N GLU C 226 31.77 11.01 37.37
CA GLU C 226 32.54 12.22 37.78
C GLU C 226 33.51 11.86 38.90
N GLU C 227 33.03 11.11 39.89
CA GLU C 227 33.81 10.70 41.09
C GLU C 227 35.02 9.88 40.64
N ALA C 228 34.79 8.89 39.76
CA ALA C 228 35.80 7.95 39.22
C ALA C 228 36.90 8.75 38.52
N LEU C 229 36.51 9.66 37.61
CA LEU C 229 37.45 10.46 36.77
C LEU C 229 38.46 11.20 37.66
N ALA C 230 38.02 11.81 38.77
CA ALA C 230 38.87 12.53 39.75
C ALA C 230 39.78 11.52 40.47
N GLU C 231 39.21 10.42 40.94
CA GLU C 231 39.94 9.34 41.66
C GLU C 231 41.04 8.73 40.77
N LEU C 232 40.84 8.70 39.45
CA LEU C 232 41.79 8.08 38.48
C LEU C 232 42.93 9.05 38.11
N ALA C 233 42.75 10.35 38.32
CA ALA C 233 43.64 11.45 37.84
C ALA C 233 45.12 11.14 38.09
N GLU C 234 45.48 10.69 39.30
CA GLU C 234 46.87 10.40 39.72
C GLU C 234 47.36 9.09 39.07
N SER C 235 46.56 8.03 39.12
CA SER C 235 46.83 6.76 38.39
C SER C 235 47.14 7.07 36.92
N ALA C 236 46.36 7.97 36.31
CA ALA C 236 46.43 8.37 34.88
C ALA C 236 47.70 9.20 34.62
N ALA C 237 48.06 10.08 35.55
CA ALA C 237 49.31 10.89 35.52
C ALA C 237 50.52 9.93 35.48
N GLN C 238 50.49 8.88 36.29
CA GLN C 238 51.64 7.95 36.51
C GLN C 238 51.76 6.95 35.34
N PHE C 239 50.63 6.45 34.82
CA PHE C 239 50.57 5.37 33.80
C PHE C 239 49.85 5.87 32.54
N PRO C 240 50.54 5.95 31.37
CA PRO C 240 49.87 6.31 30.13
C PRO C 240 48.74 5.31 29.82
N GLU C 241 48.93 4.04 30.18
CA GLU C 241 47.97 2.91 29.97
C GLU C 241 46.67 3.18 30.73
N VAL C 242 46.72 3.87 31.88
CA VAL C 242 45.51 4.21 32.69
C VAL C 242 44.85 5.49 32.15
N ALA C 243 45.64 6.41 31.62
CA ALA C 243 45.16 7.64 30.94
C ALA C 243 44.28 7.25 29.74
N VAL C 244 44.69 6.25 28.96
CA VAL C 244 43.86 5.67 27.84
C VAL C 244 42.47 5.31 28.40
N PHE C 245 42.41 4.60 29.53
CA PHE C 245 41.15 4.16 30.20
C PHE C 245 40.34 5.41 30.63
N ARG C 246 40.99 6.32 31.35
CA ARG C 246 40.33 7.53 31.92
C ARG C 246 39.82 8.41 30.77
N ASP C 247 40.64 8.58 29.73
CA ASP C 247 40.31 9.39 28.52
C ASP C 247 39.05 8.82 27.86
N SER C 248 38.92 7.49 27.82
CA SER C 248 37.81 6.79 27.11
C SER C 248 36.51 7.04 27.88
N ILE C 249 36.58 7.09 29.21
CA ILE C 249 35.37 7.33 30.06
C ILE C 249 35.01 8.82 29.97
N GLN C 250 36.02 9.69 29.97
CA GLN C 250 35.83 11.17 29.90
C GLN C 250 35.13 11.56 28.60
N SER C 251 35.48 10.93 27.49
CA SER C 251 34.89 11.21 26.15
C SER C 251 33.52 10.54 25.99
N ALA C 252 33.04 9.77 26.99
CA ALA C 252 31.73 9.05 26.93
C ALA C 252 30.57 9.98 27.34
N THR C 253 30.21 10.94 26.49
CA THR C 253 29.23 12.02 26.81
C THR C 253 27.84 11.43 27.09
N ARG C 254 27.52 10.23 26.60
CA ARG C 254 26.13 9.66 26.63
C ARG C 254 26.05 8.45 27.60
N GLY C 255 27.12 8.19 28.37
CA GLY C 255 27.13 7.11 29.38
C GLY C 255 27.94 5.91 28.92
N ILE C 256 28.60 5.23 29.86
CA ILE C 256 29.43 4.03 29.55
C ILE C 256 28.55 2.78 29.65
N THR C 257 28.98 1.72 28.98
CA THR C 257 28.40 0.37 29.13
C THR C 257 28.63 -0.05 30.58
N ARG C 258 27.57 -0.45 31.26
CA ARG C 258 27.63 -1.08 32.59
C ARG C 258 27.06 -2.50 32.42
N SER D 2 -2.65 38.34 -21.70
CA SER D 2 -1.74 37.74 -20.67
C SER D 2 -2.18 36.30 -20.36
N LEU D 3 -1.22 35.35 -20.27
CA LEU D 3 -1.51 33.89 -20.06
C LEU D 3 -2.23 33.69 -18.73
N ILE D 4 -1.82 34.43 -17.71
CA ILE D 4 -2.41 34.41 -16.34
C ILE D 4 -3.43 35.52 -16.24
N ASP D 5 -4.70 35.17 -16.12
CA ASP D 5 -5.80 36.13 -15.99
C ASP D 5 -5.62 36.90 -14.69
N PRO D 6 -5.76 38.25 -14.70
CA PRO D 6 -5.59 39.04 -13.50
C PRO D 6 -6.68 38.82 -12.45
N ARG D 7 -7.82 38.22 -12.82
CA ARG D 7 -8.93 37.91 -11.87
C ARG D 7 -8.69 36.56 -11.16
N ALA D 8 -7.59 35.87 -11.48
CA ALA D 8 -7.18 34.61 -10.80
C ALA D 8 -6.35 34.97 -9.58
N ILE D 9 -6.27 34.07 -8.60
CA ILE D 9 -5.39 34.25 -7.41
C ILE D 9 -4.28 33.22 -7.50
N ILE D 10 -3.03 33.66 -7.64
CA ILE D 10 -1.84 32.77 -7.65
C ILE D 10 -1.13 32.97 -6.32
N ASP D 11 -1.10 31.95 -5.47
CA ASP D 11 -0.34 32.00 -4.20
C ASP D 11 1.13 32.26 -4.51
N PRO D 12 1.81 33.10 -3.69
CA PRO D 12 3.23 33.36 -3.90
C PRO D 12 4.08 32.08 -4.01
N SER D 13 3.68 30.97 -3.35
CA SER D 13 4.47 29.73 -3.28
C SER D 13 4.08 28.76 -4.41
N ALA D 14 3.08 29.10 -5.23
CA ALA D 14 2.69 28.34 -6.43
C ALA D 14 3.78 28.50 -7.49
N ARG D 15 4.01 27.48 -8.31
CA ARG D 15 5.04 27.53 -9.39
C ARG D 15 4.31 27.25 -10.71
N LEU D 16 4.44 28.15 -11.68
CA LEU D 16 3.87 28.01 -13.05
C LEU D 16 5.04 27.89 -14.03
N ALA D 17 5.01 26.89 -14.90
CA ALA D 17 5.97 26.69 -16.01
C ALA D 17 5.59 27.55 -17.23
N ALA D 18 6.44 27.53 -18.25
CA ALA D 18 6.20 28.19 -19.55
C ALA D 18 4.85 27.75 -20.12
N ASP D 19 4.12 28.68 -20.75
CA ASP D 19 2.87 28.48 -21.52
C ASP D 19 1.73 27.99 -20.62
N VAL D 20 1.82 28.12 -19.29
CA VAL D 20 0.67 27.84 -18.38
C VAL D 20 -0.34 28.96 -18.55
N GLN D 21 -1.61 28.59 -18.75
CA GLN D 21 -2.75 29.54 -18.77
C GLN D 21 -3.63 29.33 -17.54
N VAL D 22 -4.00 30.41 -16.87
CA VAL D 22 -4.98 30.34 -15.76
C VAL D 22 -6.11 31.31 -16.07
N GLY D 23 -7.32 30.79 -16.16
CA GLY D 23 -8.55 31.54 -16.44
C GLY D 23 -8.99 32.44 -15.29
N PRO D 24 -9.98 33.31 -15.56
CA PRO D 24 -10.52 34.19 -14.54
C PRO D 24 -11.19 33.47 -13.35
N TRP D 25 -11.01 34.03 -12.15
CA TRP D 25 -11.65 33.59 -10.89
C TRP D 25 -11.22 32.16 -10.53
N SER D 26 -10.01 31.76 -10.95
CA SER D 26 -9.39 30.47 -10.55
C SER D 26 -8.40 30.73 -9.42
N ILE D 27 -8.18 29.74 -8.57
CA ILE D 27 -7.25 29.84 -7.40
C ILE D 27 -6.19 28.76 -7.57
N VAL D 28 -4.93 29.19 -7.69
CA VAL D 28 -3.75 28.28 -7.64
C VAL D 28 -3.14 28.44 -6.24
N GLY D 29 -3.48 27.54 -5.32
CA GLY D 29 -3.15 27.65 -3.88
C GLY D 29 -1.67 27.44 -3.61
N ALA D 30 -1.26 27.60 -2.35
CA ALA D 30 0.12 27.36 -1.88
C ALA D 30 0.55 25.96 -2.30
N GLU D 31 1.84 25.80 -2.60
CA GLU D 31 2.51 24.48 -2.86
C GLU D 31 1.86 23.78 -4.07
N VAL D 32 1.26 24.53 -5.00
CA VAL D 32 0.73 23.95 -6.27
C VAL D 32 1.74 24.25 -7.38
N GLU D 33 2.23 23.20 -8.03
CA GLU D 33 3.15 23.28 -9.18
C GLU D 33 2.38 22.83 -10.40
N ILE D 34 2.42 23.67 -11.44
CA ILE D 34 1.77 23.40 -12.76
C ILE D 34 2.84 23.40 -13.84
N GLY D 35 2.91 22.29 -14.59
CA GLY D 35 3.88 22.00 -15.66
C GLY D 35 3.53 22.65 -16.99
N GLU D 36 4.54 22.68 -17.87
CA GLU D 36 4.58 23.40 -19.17
C GLU D 36 3.28 23.17 -19.97
N GLY D 37 2.66 24.25 -20.40
CA GLY D 37 1.53 24.29 -21.37
C GLY D 37 0.23 23.77 -20.78
N THR D 38 0.13 23.54 -19.47
CA THR D 38 -1.16 23.19 -18.83
C THR D 38 -2.12 24.40 -18.90
N VAL D 39 -3.38 24.13 -19.24
CA VAL D 39 -4.46 25.14 -19.26
C VAL D 39 -5.38 24.91 -18.07
N ILE D 40 -5.44 25.89 -17.17
CA ILE D 40 -6.43 25.94 -16.07
C ILE D 40 -7.57 26.85 -16.56
N GLY D 41 -8.79 26.32 -16.63
CA GLY D 41 -9.97 27.10 -17.03
C GLY D 41 -10.33 28.15 -15.98
N PRO D 42 -11.48 28.84 -16.17
CA PRO D 42 -12.03 29.74 -15.18
C PRO D 42 -12.72 28.95 -14.07
N HIS D 43 -12.86 29.56 -12.89
CA HIS D 43 -13.62 29.00 -11.76
C HIS D 43 -13.03 27.65 -11.33
N VAL D 44 -11.71 27.50 -11.39
CA VAL D 44 -11.04 26.26 -10.90
C VAL D 44 -10.43 26.54 -9.53
N VAL D 45 -10.47 25.56 -8.63
CA VAL D 45 -9.80 25.64 -7.30
C VAL D 45 -8.73 24.57 -7.24
N LEU D 46 -7.46 24.98 -7.15
CA LEU D 46 -6.30 24.08 -6.99
C LEU D 46 -5.75 24.29 -5.59
N LYS D 47 -5.67 23.21 -4.82
CA LYS D 47 -5.08 23.21 -3.46
C LYS D 47 -3.92 22.22 -3.46
N GLY D 48 -2.90 22.47 -2.63
CA GLY D 48 -1.67 21.66 -2.60
C GLY D 48 -1.51 21.02 -1.23
N PRO D 49 -0.40 20.33 -0.95
CA PRO D 49 0.68 20.14 -1.92
C PRO D 49 0.28 19.28 -3.13
N THR D 50 0.42 19.86 -4.33
CA THR D 50 -0.03 19.24 -5.60
C THR D 50 0.99 19.55 -6.68
N LYS D 51 1.34 18.52 -7.46
CA LYS D 51 2.17 18.64 -8.68
C LYS D 51 1.32 18.21 -9.88
N ILE D 52 1.13 19.10 -10.84
CA ILE D 52 0.40 18.85 -12.13
C ILE D 52 1.46 18.93 -13.23
N GLY D 53 1.48 17.96 -14.15
CA GLY D 53 2.47 17.88 -15.23
C GLY D 53 2.15 18.80 -16.40
N LYS D 54 2.54 18.36 -17.59
CA LYS D 54 2.59 19.19 -18.81
C LYS D 54 1.34 18.94 -19.64
N HIS D 55 0.79 19.99 -20.29
CA HIS D 55 -0.19 19.88 -21.39
C HIS D 55 -1.49 19.27 -20.86
N ASN D 56 -1.79 19.51 -19.58
CA ASN D 56 -3.09 19.15 -19.00
C ASN D 56 -4.12 20.22 -19.34
N ARG D 57 -5.39 19.88 -19.17
CA ARG D 57 -6.51 20.82 -19.28
C ARG D 57 -7.53 20.55 -18.18
N ILE D 58 -7.81 21.57 -17.36
CA ILE D 58 -8.71 21.43 -16.21
C ILE D 58 -9.84 22.44 -16.40
N TYR D 59 -11.07 21.95 -16.46
CA TYR D 59 -12.28 22.76 -16.76
C TYR D 59 -12.86 23.37 -15.46
N GLN D 60 -13.66 24.40 -15.68
CA GLN D 60 -14.45 25.19 -14.70
C GLN D 60 -15.11 24.31 -13.66
N PHE D 61 -15.07 24.79 -12.41
CA PHE D 61 -15.85 24.32 -11.25
C PHE D 61 -15.23 23.03 -10.66
N SER D 62 -14.07 22.60 -11.15
CA SER D 62 -13.25 21.51 -10.59
C SER D 62 -12.56 21.96 -9.29
N SER D 63 -12.55 21.07 -8.29
CA SER D 63 -11.76 21.23 -7.04
C SER D 63 -10.70 20.12 -7.03
N VAL D 64 -9.45 20.49 -7.31
CA VAL D 64 -8.33 19.55 -7.47
C VAL D 64 -7.35 19.80 -6.33
N GLY D 65 -7.16 18.79 -5.47
CA GLY D 65 -6.18 18.81 -4.36
C GLY D 65 -6.78 19.23 -3.03
N GLU D 66 -8.10 19.18 -2.86
CA GLU D 66 -8.77 19.33 -1.54
C GLU D 66 -8.41 18.15 -0.61
N ASP D 67 -8.53 18.37 0.70
CA ASP D 67 -8.48 17.33 1.76
C ASP D 67 -9.78 16.53 1.65
N THR D 68 -9.69 15.21 1.83
CA THR D 68 -10.86 14.32 1.95
C THR D 68 -11.66 14.81 3.14
N PRO D 69 -13.01 14.84 3.04
CA PRO D 69 -13.82 15.48 4.07
C PRO D 69 -13.89 14.77 5.41
N ASP D 70 -13.93 13.44 5.41
CA ASP D 70 -14.26 12.69 6.64
C ASP D 70 -13.12 12.94 7.65
N LEU D 71 -13.41 13.52 8.82
CA LEU D 71 -12.37 13.96 9.80
C LEU D 71 -11.62 12.75 10.38
N LYS D 72 -12.10 11.54 10.14
CA LYS D 72 -11.44 10.28 10.57
C LYS D 72 -10.11 10.09 9.78
N TYR D 73 -9.93 10.80 8.65
CA TYR D 73 -8.68 10.79 7.85
C TYR D 73 -7.78 12.00 8.18
N LYS D 74 -7.97 12.64 9.34
CA LYS D 74 -7.19 13.83 9.75
C LYS D 74 -5.70 13.49 9.81
N GLY D 75 -4.86 14.35 9.21
CA GLY D 75 -3.40 14.15 9.14
C GLY D 75 -2.78 14.86 7.95
N GLU D 76 -1.52 15.22 8.05
CA GLU D 76 -0.77 16.03 7.04
C GLU D 76 0.72 15.77 7.26
N PRO D 77 1.58 15.80 6.23
CA PRO D 77 1.21 16.22 4.88
C PRO D 77 0.82 15.07 3.94
N THR D 78 -0.10 15.38 3.03
CA THR D 78 -0.60 14.46 1.97
C THR D 78 -0.57 15.23 0.63
N ARG D 79 -0.40 14.48 -0.46
CA ARG D 79 0.02 14.99 -1.78
C ARG D 79 -0.97 14.50 -2.86
N LEU D 80 -0.93 15.18 -3.98
CA LEU D 80 -1.59 14.76 -5.24
C LEU D 80 -0.59 14.97 -6.36
N VAL D 81 -0.43 13.98 -7.21
CA VAL D 81 0.47 14.06 -8.38
C VAL D 81 -0.37 13.73 -9.59
N ILE D 82 -0.37 14.61 -10.58
CA ILE D 82 -1.07 14.40 -11.88
C ILE D 82 0.02 14.47 -12.94
N GLY D 83 0.02 13.55 -13.89
CA GLY D 83 1.04 13.53 -14.96
C GLY D 83 0.70 14.49 -16.08
N ASP D 84 0.81 14.01 -17.32
CA ASP D 84 0.83 14.84 -18.55
C ASP D 84 -0.37 14.53 -19.46
N HIS D 85 -0.82 15.51 -20.26
CA HIS D 85 -1.84 15.29 -21.31
C HIS D 85 -3.16 14.70 -20.75
N ASN D 86 -3.54 15.06 -19.52
CA ASN D 86 -4.86 14.71 -18.96
C ASN D 86 -5.91 15.78 -19.27
N VAL D 87 -7.15 15.36 -19.37
CA VAL D 87 -8.29 16.28 -19.55
C VAL D 87 -9.19 16.01 -18.36
N ILE D 88 -9.37 17.04 -17.54
CA ILE D 88 -10.22 17.01 -16.33
C ILE D 88 -11.39 17.95 -16.60
N ARG D 89 -12.59 17.42 -16.70
CA ARG D 89 -13.76 18.15 -17.24
C ARG D 89 -14.45 18.92 -16.11
N GLU D 90 -15.63 19.43 -16.40
CA GLU D 90 -16.42 20.34 -15.52
C GLU D 90 -16.62 19.69 -14.15
N GLY D 91 -16.33 20.40 -13.05
CA GLY D 91 -16.87 20.02 -11.75
C GLY D 91 -16.22 18.77 -11.16
N VAL D 92 -15.10 18.31 -11.71
CA VAL D 92 -14.41 17.10 -11.18
C VAL D 92 -13.85 17.44 -9.80
N THR D 93 -13.95 16.51 -8.86
CA THR D 93 -13.28 16.62 -7.53
C THR D 93 -12.15 15.59 -7.44
N ILE D 94 -10.96 16.05 -7.05
CA ILE D 94 -9.79 15.15 -6.86
C ILE D 94 -9.20 15.47 -5.48
N HIS D 95 -9.20 14.50 -4.60
CA HIS D 95 -8.71 14.67 -3.21
C HIS D 95 -7.27 14.13 -3.13
N ARG D 96 -6.49 14.72 -2.25
CA ARG D 96 -5.12 14.28 -1.92
C ARG D 96 -5.21 13.01 -1.07
N GLY D 97 -4.07 12.36 -0.88
CA GLY D 97 -3.97 11.10 -0.11
C GLY D 97 -4.18 11.29 1.39
N THR D 98 -4.04 10.20 2.15
CA THR D 98 -4.25 10.23 3.62
C THR D 98 -2.99 9.63 4.25
N VAL D 99 -2.64 10.12 5.45
CA VAL D 99 -1.43 9.58 6.14
C VAL D 99 -1.69 8.12 6.52
N GLN D 100 -2.96 7.68 6.62
CA GLN D 100 -3.34 6.28 7.00
C GLN D 100 -3.07 5.29 5.83
N ASP D 101 -2.87 5.76 4.60
CA ASP D 101 -2.62 4.86 3.43
C ASP D 101 -1.37 5.33 2.66
N ARG D 102 -1.53 5.96 1.49
CA ARG D 102 -0.43 6.20 0.52
C ARG D 102 0.20 7.58 0.76
N ALA D 103 -0.50 8.46 1.47
CA ALA D 103 -0.25 9.91 1.62
C ALA D 103 -0.17 10.58 0.23
N GLU D 104 -0.69 9.94 -0.82
CA GLU D 104 -0.67 10.44 -2.21
C GLU D 104 -1.85 9.87 -2.98
N THR D 105 -2.56 10.73 -3.70
CA THR D 105 -3.45 10.40 -4.85
C THR D 105 -2.62 10.61 -6.13
N THR D 106 -2.63 9.63 -7.03
CA THR D 106 -1.69 9.61 -8.16
C THR D 106 -2.47 9.39 -9.47
N ILE D 107 -2.25 10.27 -10.45
CA ILE D 107 -2.86 10.18 -11.80
C ILE D 107 -1.71 10.23 -12.80
N GLY D 108 -1.69 9.30 -13.75
CA GLY D 108 -0.65 9.26 -14.77
C GLY D 108 -0.96 10.19 -15.93
N ASP D 109 -0.88 9.65 -17.16
CA ASP D 109 -0.85 10.41 -18.44
C ASP D 109 -2.03 10.06 -19.35
N HIS D 110 -2.48 11.00 -20.20
CA HIS D 110 -3.44 10.76 -21.30
C HIS D 110 -4.81 10.26 -20.79
N ASN D 111 -5.23 10.63 -19.57
CA ASN D 111 -6.52 10.21 -18.99
C ASN D 111 -7.59 11.24 -19.36
N LEU D 112 -8.82 10.77 -19.48
CA LEU D 112 -9.98 11.66 -19.68
C LEU D 112 -10.90 11.42 -18.48
N ILE D 113 -11.02 12.42 -17.63
CA ILE D 113 -11.91 12.38 -16.45
C ILE D 113 -13.04 13.37 -16.72
N MET D 114 -14.24 12.82 -16.97
CA MET D 114 -15.40 13.57 -17.47
C MET D 114 -16.15 14.23 -16.30
N ALA D 115 -17.15 15.04 -16.63
CA ALA D 115 -17.82 16.01 -15.72
C ALA D 115 -18.23 15.34 -14.42
N TYR D 116 -17.88 15.95 -13.28
CA TYR D 116 -18.43 15.60 -11.95
C TYR D 116 -17.91 14.24 -11.45
N ALA D 117 -16.95 13.65 -12.15
CA ALA D 117 -16.27 12.42 -11.65
C ALA D 117 -15.61 12.79 -10.31
N HIS D 118 -15.39 11.78 -9.47
CA HIS D 118 -14.79 11.92 -8.13
C HIS D 118 -13.63 10.92 -8.01
N ILE D 119 -12.45 11.44 -7.76
CA ILE D 119 -11.25 10.62 -7.49
C ILE D 119 -10.93 10.77 -6.01
N GLY D 120 -11.34 9.78 -5.22
CA GLY D 120 -11.15 9.81 -3.76
C GLY D 120 -9.69 9.63 -3.36
N HIS D 121 -9.38 10.05 -2.13
CA HIS D 121 -8.06 9.96 -1.48
C HIS D 121 -7.39 8.62 -1.78
N ASP D 122 -6.10 8.68 -2.14
CA ASP D 122 -5.17 7.50 -2.18
C ASP D 122 -5.45 6.67 -3.43
N SER D 123 -6.32 7.13 -4.32
CA SER D 123 -6.61 6.41 -5.60
C SER D 123 -5.40 6.53 -6.52
N VAL D 124 -5.19 5.57 -7.39
CA VAL D 124 -4.07 5.57 -8.36
C VAL D 124 -4.66 5.33 -9.75
N ILE D 125 -4.54 6.30 -10.63
CA ILE D 125 -4.98 6.10 -12.04
C ILE D 125 -3.73 6.02 -12.91
N GLY D 126 -3.70 5.04 -13.82
CA GLY D 126 -2.57 4.84 -14.72
C GLY D 126 -2.65 5.82 -15.88
N ASN D 127 -2.62 5.29 -17.10
CA ASN D 127 -2.50 6.04 -18.36
C ASN D 127 -3.67 5.65 -19.27
N HIS D 128 -4.13 6.59 -20.08
CA HIS D 128 -5.07 6.34 -21.20
C HIS D 128 -6.40 5.79 -20.67
N CYS D 129 -6.80 6.18 -19.47
CA CYS D 129 -8.09 5.76 -18.88
C CYS D 129 -9.18 6.78 -19.23
N ILE D 130 -10.42 6.31 -19.21
CA ILE D 130 -11.61 7.19 -19.40
C ILE D 130 -12.56 6.96 -18.24
N LEU D 131 -12.76 8.00 -17.43
CA LEU D 131 -13.80 7.98 -16.37
C LEU D 131 -14.91 8.87 -16.85
N VAL D 132 -16.05 8.27 -17.16
CA VAL D 132 -17.22 9.00 -17.72
C VAL D 132 -17.92 9.74 -16.59
N ASN D 133 -18.78 10.69 -16.96
CA ASN D 133 -19.53 11.57 -16.05
C ASN D 133 -19.91 10.87 -14.74
N ASN D 134 -19.57 11.51 -13.64
CA ASN D 134 -20.03 11.20 -12.27
C ASN D 134 -19.48 9.85 -11.78
N THR D 135 -18.51 9.24 -12.47
CA THR D 135 -17.76 8.08 -11.93
C THR D 135 -17.19 8.51 -10.57
N ALA D 136 -17.34 7.67 -9.55
CA ALA D 136 -16.87 7.94 -8.17
C ALA D 136 -15.98 6.80 -7.72
N LEU D 137 -14.72 7.11 -7.49
CA LEU D 137 -13.74 6.21 -6.83
C LEU D 137 -13.72 6.56 -5.34
N ALA D 138 -14.30 5.73 -4.48
CA ALA D 138 -14.60 6.13 -3.08
C ALA D 138 -13.30 6.37 -2.31
N GLY D 139 -12.23 5.67 -2.69
CA GLY D 139 -10.90 5.83 -2.07
C GLY D 139 -10.06 4.60 -2.18
N HIS D 140 -8.74 4.77 -2.28
CA HIS D 140 -7.75 3.68 -2.35
C HIS D 140 -8.00 2.87 -3.63
N VAL D 141 -8.61 3.47 -4.65
CA VAL D 141 -8.98 2.68 -5.87
C VAL D 141 -7.81 2.73 -6.85
N HIS D 142 -7.43 1.59 -7.45
CA HIS D 142 -6.34 1.49 -8.45
C HIS D 142 -7.00 1.24 -9.81
N VAL D 143 -6.83 2.16 -10.76
CA VAL D 143 -7.36 2.03 -12.15
C VAL D 143 -6.16 1.87 -13.09
N ASP D 144 -6.02 0.72 -13.73
CA ASP D 144 -4.86 0.40 -14.58
C ASP D 144 -5.15 0.89 -16.00
N ASP D 145 -4.13 0.86 -16.84
CA ASP D 145 -4.11 1.57 -18.15
C ASP D 145 -5.27 1.13 -19.01
N TRP D 146 -5.83 2.08 -19.77
CA TRP D 146 -6.83 1.84 -20.85
C TRP D 146 -8.17 1.39 -20.27
N ALA D 147 -8.38 1.39 -18.96
CA ALA D 147 -9.70 1.08 -18.38
C ALA D 147 -10.70 2.18 -18.74
N ILE D 148 -11.93 1.77 -19.02
CA ILE D 148 -13.10 2.67 -19.28
C ILE D 148 -14.14 2.40 -18.20
N LEU D 149 -14.49 3.42 -17.43
CA LEU D 149 -15.62 3.35 -16.46
C LEU D 149 -16.75 4.24 -17.00
N SER D 150 -17.88 3.65 -17.36
CA SER D 150 -18.97 4.36 -18.05
C SER D 150 -19.68 5.22 -17.01
N GLY D 151 -20.63 6.03 -17.44
CA GLY D 151 -21.24 7.06 -16.59
C GLY D 151 -21.77 6.51 -15.29
N TYR D 152 -21.51 7.21 -14.19
CA TYR D 152 -22.09 6.93 -12.86
C TYR D 152 -21.64 5.54 -12.40
N THR D 153 -20.44 5.12 -12.81
CA THR D 153 -19.83 3.89 -12.22
C THR D 153 -19.39 4.22 -10.77
N LEU D 154 -19.80 3.41 -9.81
CA LEU D 154 -19.45 3.63 -8.37
C LEU D 154 -18.50 2.52 -7.96
N VAL D 155 -17.29 2.88 -7.52
CA VAL D 155 -16.24 1.89 -7.17
C VAL D 155 -16.00 1.98 -5.67
N HIS D 156 -16.23 0.88 -4.96
CA HIS D 156 -15.96 0.75 -3.51
C HIS D 156 -14.47 0.93 -3.20
N GLN D 157 -14.20 1.36 -1.96
CA GLN D 157 -12.83 1.53 -1.39
C GLN D 157 -11.98 0.28 -1.64
N TYR D 158 -10.73 0.47 -2.09
CA TYR D 158 -9.63 -0.54 -2.20
C TYR D 158 -9.77 -1.38 -3.47
N CYS D 159 -10.85 -1.22 -4.23
CA CYS D 159 -11.10 -2.05 -5.44
C CYS D 159 -10.08 -1.71 -6.51
N ARG D 160 -9.70 -2.74 -7.27
CA ARG D 160 -8.74 -2.62 -8.37
C ARG D 160 -9.52 -2.83 -9.67
N ILE D 161 -9.30 -1.93 -10.60
CA ILE D 161 -9.95 -1.95 -11.94
C ILE D 161 -8.85 -2.30 -12.95
N GLY D 162 -8.97 -3.45 -13.59
CA GLY D 162 -7.91 -4.03 -14.43
C GLY D 162 -7.65 -3.24 -15.71
N ALA D 163 -6.47 -3.40 -16.29
CA ALA D 163 -6.09 -2.78 -17.57
C ALA D 163 -7.10 -3.22 -18.65
N HIS D 164 -7.54 -2.28 -19.50
CA HIS D 164 -8.42 -2.51 -20.68
C HIS D 164 -9.82 -3.02 -20.28
N SER D 165 -10.18 -2.99 -19.00
CA SER D 165 -11.51 -3.40 -18.52
C SER D 165 -12.56 -2.34 -18.87
N PHE D 166 -13.82 -2.64 -18.63
CA PHE D 166 -14.98 -1.83 -19.03
C PHE D 166 -16.09 -2.06 -18.04
N SER D 167 -16.66 -0.96 -17.54
CA SER D 167 -17.87 -1.01 -16.71
C SER D 167 -18.98 -0.30 -17.48
N GLY D 168 -20.16 -0.91 -17.51
CA GLY D 168 -21.36 -0.31 -18.10
C GLY D 168 -21.86 0.82 -17.23
N MET D 169 -22.72 1.64 -17.82
CA MET D 169 -23.33 2.79 -17.14
C MET D 169 -23.99 2.31 -15.84
N GLY D 170 -23.79 3.03 -14.74
CA GLY D 170 -24.50 2.78 -13.50
C GLY D 170 -24.02 1.53 -12.74
N SER D 171 -22.90 0.94 -13.15
CA SER D 171 -22.23 -0.18 -12.44
C SER D 171 -21.86 0.21 -11.00
N ALA D 172 -22.04 -0.70 -10.05
CA ALA D 172 -21.62 -0.53 -8.65
C ALA D 172 -20.62 -1.64 -8.35
N ILE D 173 -19.32 -1.32 -8.33
CA ILE D 173 -18.20 -2.30 -8.31
C ILE D 173 -17.72 -2.46 -6.87
N GLY D 174 -17.90 -3.65 -6.28
CA GLY D 174 -17.51 -3.94 -4.88
C GLY D 174 -16.38 -4.95 -4.78
N LYS D 175 -15.98 -5.54 -5.90
CA LYS D 175 -14.82 -6.47 -5.97
C LYS D 175 -13.97 -6.12 -7.19
N ASP D 176 -12.72 -6.57 -7.17
CA ASP D 176 -11.75 -6.22 -8.21
C ASP D 176 -12.32 -6.60 -9.58
N VAL D 177 -12.06 -5.79 -10.59
CA VAL D 177 -12.36 -6.16 -11.99
C VAL D 177 -11.08 -6.61 -12.65
N PRO D 178 -10.98 -7.87 -13.08
CA PRO D 178 -9.79 -8.31 -13.81
C PRO D 178 -9.62 -7.47 -15.09
N ALA D 179 -8.37 -7.41 -15.58
CA ALA D 179 -8.02 -6.85 -16.90
C ALA D 179 -8.96 -7.42 -17.97
N TYR D 180 -9.37 -6.56 -18.90
CA TYR D 180 -10.16 -6.88 -20.11
C TYR D 180 -11.63 -7.20 -19.80
N VAL D 181 -12.02 -7.37 -18.54
CA VAL D 181 -13.37 -7.90 -18.23
C VAL D 181 -14.39 -6.76 -18.34
N THR D 182 -15.57 -7.08 -18.87
CA THR D 182 -16.75 -6.16 -18.92
C THR D 182 -17.67 -6.51 -17.76
N VAL D 183 -18.05 -5.51 -16.99
CA VAL D 183 -18.97 -5.64 -15.83
C VAL D 183 -20.14 -4.68 -16.01
N PHE D 184 -21.32 -5.08 -15.51
CA PHE D 184 -22.60 -4.34 -15.61
C PHE D 184 -23.41 -4.56 -14.33
N GLY D 185 -24.16 -3.53 -13.95
CA GLY D 185 -25.25 -3.65 -12.98
C GLY D 185 -24.83 -3.25 -11.57
N ASN D 186 -25.82 -3.20 -10.68
CA ASN D 186 -25.65 -2.96 -9.24
C ASN D 186 -26.35 -4.11 -8.50
N PRO D 187 -25.59 -5.06 -7.90
CA PRO D 187 -24.13 -5.06 -7.91
C PRO D 187 -23.52 -5.54 -9.24
N ALA D 188 -22.29 -5.12 -9.56
CA ALA D 188 -21.62 -5.42 -10.85
C ALA D 188 -21.43 -6.93 -11.03
N GLU D 189 -21.66 -7.41 -12.25
CA GLU D 189 -21.48 -8.82 -12.65
C GLU D 189 -20.61 -8.85 -13.91
N ALA D 190 -19.66 -9.78 -13.96
CA ALA D 190 -18.81 -10.04 -15.14
C ALA D 190 -19.71 -10.58 -16.27
N ARG D 191 -19.51 -10.08 -17.48
CA ARG D 191 -20.32 -10.48 -18.67
C ARG D 191 -19.39 -11.14 -19.67
N SER D 192 -18.36 -10.43 -20.10
CA SER D 192 -17.41 -10.94 -21.12
C SER D 192 -16.10 -10.16 -21.02
N MET D 193 -15.38 -10.03 -22.14
CA MET D 193 -14.14 -9.22 -22.24
C MET D 193 -14.33 -8.12 -23.29
N ASN D 194 -13.53 -7.06 -23.17
CA ASN D 194 -13.54 -5.86 -24.03
C ASN D 194 -12.81 -6.19 -25.34
N PHE D 195 -13.41 -7.07 -26.18
CA PHE D 195 -12.82 -7.52 -27.45
C PHE D 195 -12.65 -6.32 -28.40
N GLU D 196 -13.63 -5.42 -28.47
CA GLU D 196 -13.52 -4.17 -29.29
C GLU D 196 -12.25 -3.41 -28.87
N GLY D 197 -12.09 -3.16 -27.57
CA GLY D 197 -10.94 -2.42 -27.03
C GLY D 197 -9.64 -3.09 -27.45
N MET D 198 -9.60 -4.42 -27.41
CA MET D 198 -8.38 -5.19 -27.79
C MET D 198 -8.05 -4.92 -29.25
N ARG D 199 -9.06 -4.88 -30.12
CA ARG D 199 -8.89 -4.66 -31.59
C ARG D 199 -8.27 -3.27 -31.78
N ARG D 200 -8.81 -2.25 -31.11
CA ARG D 200 -8.33 -0.84 -31.22
C ARG D 200 -6.87 -0.68 -30.74
N ARG D 201 -6.38 -1.53 -29.82
CA ARG D 201 -4.97 -1.49 -29.32
C ARG D 201 -4.01 -2.17 -30.29
N GLY D 202 -4.52 -2.93 -31.26
CA GLY D 202 -3.70 -3.70 -32.22
C GLY D 202 -3.24 -5.03 -31.66
N PHE D 203 -3.99 -5.63 -30.72
CA PHE D 203 -3.76 -7.03 -30.25
C PHE D 203 -3.89 -7.96 -31.45
N SER D 204 -3.01 -8.97 -31.55
CA SER D 204 -3.08 -10.02 -32.60
C SER D 204 -4.33 -10.86 -32.35
N SER D 205 -4.88 -11.50 -33.39
CA SER D 205 -5.99 -12.50 -33.33
C SER D 205 -5.66 -13.59 -32.31
N GLU D 206 -4.40 -14.02 -32.25
CA GLU D 206 -3.91 -15.13 -31.39
C GLU D 206 -3.97 -14.68 -29.92
N ALA D 207 -3.54 -13.45 -29.62
CA ALA D 207 -3.63 -12.83 -28.26
C ALA D 207 -5.11 -12.77 -27.85
N ILE D 208 -5.99 -12.40 -28.77
CA ILE D 208 -7.44 -12.26 -28.50
C ILE D 208 -8.03 -13.64 -28.23
N HIS D 209 -7.75 -14.64 -29.08
CA HIS D 209 -8.25 -16.03 -28.89
C HIS D 209 -7.77 -16.55 -27.53
N ALA D 210 -6.51 -16.26 -27.18
CA ALA D 210 -5.89 -16.69 -25.90
C ALA D 210 -6.63 -16.06 -24.71
N LEU D 211 -7.00 -14.79 -24.82
CA LEU D 211 -7.71 -14.09 -23.71
C LEU D 211 -9.12 -14.66 -23.63
N ARG D 212 -9.73 -14.99 -24.77
CA ARG D 212 -11.09 -15.61 -24.73
C ARG D 212 -11.02 -16.95 -23.96
N ARG D 213 -9.98 -17.75 -24.20
CA ARG D 213 -9.78 -19.06 -23.53
C ARG D 213 -9.51 -18.82 -22.04
N ALA D 214 -8.70 -17.80 -21.72
CA ALA D 214 -8.35 -17.40 -20.33
C ALA D 214 -9.62 -17.06 -19.54
N TYR D 215 -10.55 -16.31 -20.15
CA TYR D 215 -11.81 -15.86 -19.51
C TYR D 215 -12.59 -17.10 -19.05
N LYS D 216 -12.73 -18.11 -19.92
CA LYS D 216 -13.44 -19.37 -19.58
C LYS D 216 -12.76 -20.09 -18.40
N VAL D 217 -11.42 -20.18 -18.41
CA VAL D 217 -10.66 -20.86 -17.33
C VAL D 217 -11.01 -20.21 -15.98
N VAL D 218 -11.14 -18.88 -15.95
CA VAL D 218 -11.44 -18.17 -14.68
C VAL D 218 -12.92 -18.35 -14.34
N TYR D 219 -13.83 -18.18 -15.30
CA TYR D 219 -15.27 -17.94 -15.00
C TYR D 219 -16.15 -19.15 -15.26
N ARG D 220 -15.89 -19.97 -16.28
CA ARG D 220 -16.90 -20.94 -16.80
C ARG D 220 -16.44 -22.41 -16.72
N GLN D 221 -15.54 -22.78 -15.79
CA GLN D 221 -14.94 -24.15 -15.73
C GLN D 221 -14.77 -24.64 -14.29
N GLY D 222 -15.36 -23.98 -13.30
CA GLY D 222 -15.49 -24.49 -11.92
C GLY D 222 -14.26 -24.32 -11.05
N HIS D 223 -13.18 -23.70 -11.57
CA HIS D 223 -11.87 -23.59 -10.87
C HIS D 223 -11.98 -22.64 -9.68
N THR D 224 -11.29 -22.92 -8.59
CA THR D 224 -10.91 -21.88 -7.60
C THR D 224 -10.02 -20.85 -8.31
N VAL D 225 -9.88 -19.66 -7.74
CA VAL D 225 -8.94 -18.62 -8.22
C VAL D 225 -7.53 -19.22 -8.24
N GLU D 226 -7.14 -19.92 -7.17
CA GLU D 226 -5.80 -20.57 -7.04
C GLU D 226 -5.61 -21.52 -8.24
N GLU D 227 -6.62 -22.32 -8.59
CA GLU D 227 -6.52 -23.36 -9.66
C GLU D 227 -6.44 -22.67 -11.03
N ALA D 228 -7.28 -21.65 -11.25
CA ALA D 228 -7.33 -20.85 -12.49
C ALA D 228 -5.94 -20.24 -12.73
N LEU D 229 -5.34 -19.63 -11.72
CA LEU D 229 -4.01 -18.95 -11.83
C LEU D 229 -2.94 -19.96 -12.27
N ALA D 230 -2.96 -21.15 -11.66
CA ALA D 230 -2.00 -22.24 -11.98
C ALA D 230 -2.25 -22.69 -13.42
N GLU D 231 -3.52 -22.87 -13.82
CA GLU D 231 -3.89 -23.32 -15.19
C GLU D 231 -3.43 -22.29 -16.23
N LEU D 232 -3.40 -20.99 -15.88
CA LEU D 232 -3.10 -19.87 -16.84
C LEU D 232 -1.58 -19.64 -17.04
N ALA D 233 -0.71 -20.28 -16.24
CA ALA D 233 0.75 -20.01 -16.21
C ALA D 233 1.32 -20.15 -17.64
N GLU D 234 1.03 -21.25 -18.33
CA GLU D 234 1.60 -21.52 -19.67
C GLU D 234 1.20 -20.38 -20.63
N SER D 235 -0.11 -20.15 -20.80
CA SER D 235 -0.67 -19.11 -21.71
C SER D 235 -0.07 -17.74 -21.38
N ALA D 236 0.07 -17.41 -20.09
CA ALA D 236 0.63 -16.13 -19.62
C ALA D 236 2.12 -16.07 -19.98
N ALA D 237 2.82 -17.19 -19.95
CA ALA D 237 4.27 -17.22 -20.33
C ALA D 237 4.39 -17.03 -21.85
N GLN D 238 3.36 -17.42 -22.62
CA GLN D 238 3.39 -17.26 -24.09
C GLN D 238 2.88 -15.88 -24.54
N PHE D 239 1.83 -15.35 -23.91
CA PHE D 239 1.16 -14.09 -24.32
C PHE D 239 1.27 -13.06 -23.20
N PRO D 240 2.07 -11.99 -23.37
CA PRO D 240 2.09 -10.89 -22.39
C PRO D 240 0.67 -10.39 -22.07
N GLU D 241 -0.25 -10.42 -23.05
CA GLU D 241 -1.66 -9.95 -22.92
C GLU D 241 -2.38 -10.83 -21.89
N VAL D 242 -2.07 -12.13 -21.86
CA VAL D 242 -2.69 -13.08 -20.91
C VAL D 242 -2.00 -12.89 -19.57
N ALA D 243 -0.70 -12.58 -19.55
CA ALA D 243 0.04 -12.28 -18.31
C ALA D 243 -0.67 -11.13 -17.59
N VAL D 244 -1.04 -10.11 -18.36
CA VAL D 244 -1.77 -8.93 -17.82
C VAL D 244 -3.00 -9.43 -17.05
N PHE D 245 -3.76 -10.33 -17.69
CA PHE D 245 -5.03 -10.88 -17.13
C PHE D 245 -4.73 -11.70 -15.86
N ARG D 246 -3.76 -12.61 -15.96
CA ARG D 246 -3.34 -13.46 -14.81
C ARG D 246 -2.88 -12.58 -13.64
N ASP D 247 -2.03 -11.57 -13.90
CA ASP D 247 -1.47 -10.71 -12.82
C ASP D 247 -2.59 -9.93 -12.13
N SER D 248 -3.65 -9.57 -12.88
CA SER D 248 -4.79 -8.80 -12.32
C SER D 248 -5.57 -9.68 -11.31
N ILE D 249 -5.73 -10.97 -11.61
CA ILE D 249 -6.41 -11.96 -10.71
C ILE D 249 -5.51 -12.28 -9.49
N GLN D 250 -4.21 -12.50 -9.70
CA GLN D 250 -3.17 -12.70 -8.66
C GLN D 250 -3.33 -11.62 -7.60
N SER D 251 -3.41 -10.36 -8.04
CA SER D 251 -3.32 -9.18 -7.16
C SER D 251 -4.68 -8.95 -6.49
N ALA D 252 -5.68 -9.82 -6.75
CA ALA D 252 -7.06 -9.73 -6.22
C ALA D 252 -7.20 -10.49 -4.89
N THR D 253 -6.49 -10.04 -3.86
CA THR D 253 -6.51 -10.61 -2.48
C THR D 253 -7.96 -10.96 -2.08
N ARG D 254 -8.89 -10.01 -2.21
CA ARG D 254 -10.28 -10.09 -1.67
C ARG D 254 -11.29 -10.46 -2.77
N GLY D 255 -10.87 -11.20 -3.78
CA GLY D 255 -11.80 -11.85 -4.73
C GLY D 255 -12.14 -10.97 -5.91
N ILE D 256 -12.60 -11.57 -7.00
CA ILE D 256 -12.84 -10.87 -8.28
C ILE D 256 -14.34 -10.67 -8.46
N THR D 257 -14.75 -9.74 -9.32
CA THR D 257 -16.16 -9.64 -9.76
C THR D 257 -16.53 -10.93 -10.52
N ARG D 258 -17.57 -11.62 -10.03
CA ARG D 258 -18.12 -12.85 -10.66
C ARG D 258 -19.29 -12.47 -11.57
N SER E 2 -7.82 39.49 4.42
CA SER E 2 -9.07 40.04 5.01
C SER E 2 -10.01 38.90 5.44
N LEU E 3 -11.17 39.23 6.06
CA LEU E 3 -12.19 38.25 6.55
C LEU E 3 -13.31 38.16 5.50
N ILE E 4 -13.96 39.27 5.19
CA ILE E 4 -14.90 39.35 4.03
C ILE E 4 -14.07 39.83 2.83
N ASP E 5 -13.67 38.90 1.98
CA ASP E 5 -12.93 39.20 0.72
C ASP E 5 -13.59 40.40 0.03
N PRO E 6 -12.83 41.40 -0.45
CA PRO E 6 -13.44 42.55 -1.14
C PRO E 6 -14.17 42.11 -2.42
N ARG E 7 -13.83 40.92 -2.98
CA ARG E 7 -14.45 40.43 -4.25
C ARG E 7 -15.77 39.71 -3.94
N ALA E 8 -16.09 39.43 -2.69
CA ALA E 8 -17.40 38.85 -2.31
C ALA E 8 -18.46 39.94 -2.43
N ILE E 9 -19.70 39.57 -2.69
CA ILE E 9 -20.86 40.49 -2.69
C ILE E 9 -21.72 40.17 -1.45
N ILE E 10 -21.81 41.10 -0.50
CA ILE E 10 -22.65 40.99 0.73
C ILE E 10 -23.83 41.92 0.55
N ASP E 11 -25.04 41.39 0.50
CA ASP E 11 -26.26 42.25 0.44
C ASP E 11 -26.34 43.11 1.70
N PRO E 12 -26.78 44.39 1.58
CA PRO E 12 -26.97 45.25 2.76
C PRO E 12 -27.84 44.65 3.88
N SER E 13 -28.87 43.86 3.53
CA SER E 13 -29.76 43.20 4.52
C SER E 13 -29.07 41.99 5.19
N ALA E 14 -27.98 41.45 4.61
CA ALA E 14 -27.29 40.26 5.17
C ALA E 14 -26.75 40.59 6.56
N ARG E 15 -26.82 39.65 7.50
CA ARG E 15 -26.38 39.84 8.91
C ARG E 15 -25.23 38.89 9.25
N LEU E 16 -23.99 39.35 9.17
CA LEU E 16 -22.78 38.51 9.41
C LEU E 16 -22.17 38.86 10.77
N ALA E 17 -21.80 37.84 11.55
CA ALA E 17 -21.03 38.04 12.80
C ALA E 17 -19.64 38.55 12.41
N ALA E 18 -19.01 39.33 13.31
CA ALA E 18 -17.83 40.16 12.97
C ALA E 18 -16.65 39.32 12.47
N ASP E 19 -16.54 38.04 12.84
CA ASP E 19 -15.35 37.18 12.56
C ASP E 19 -15.66 36.20 11.41
N VAL E 20 -16.84 36.31 10.81
CA VAL E 20 -17.27 35.44 9.68
C VAL E 20 -16.34 35.69 8.50
N GLN E 21 -15.85 34.61 7.89
CA GLN E 21 -15.00 34.67 6.68
C GLN E 21 -15.87 34.40 5.46
N VAL E 22 -15.73 35.20 4.40
CA VAL E 22 -16.40 35.04 3.07
C VAL E 22 -15.31 35.13 2.01
N GLY E 23 -15.15 34.07 1.22
CA GLY E 23 -14.07 33.97 0.24
C GLY E 23 -14.42 34.76 -1.00
N PRO E 24 -13.47 34.91 -1.94
CA PRO E 24 -13.71 35.68 -3.16
C PRO E 24 -14.81 35.08 -4.04
N TRP E 25 -15.56 35.97 -4.69
CA TRP E 25 -16.60 35.72 -5.71
C TRP E 25 -17.72 34.87 -5.10
N SER E 26 -17.97 35.05 -3.81
CA SER E 26 -19.15 34.47 -3.13
C SER E 26 -20.23 35.56 -3.03
N ILE E 27 -21.49 35.13 -3.01
CA ILE E 27 -22.68 35.99 -2.83
C ILE E 27 -23.39 35.61 -1.54
N VAL E 28 -23.46 36.55 -0.59
CA VAL E 28 -24.40 36.47 0.55
C VAL E 28 -25.60 37.38 0.23
N GLY E 29 -26.72 36.78 -0.12
CA GLY E 29 -27.89 37.49 -0.65
C GLY E 29 -28.68 38.10 0.49
N ALA E 30 -29.83 38.69 0.15
CA ALA E 30 -30.71 39.38 1.11
C ALA E 30 -31.23 38.37 2.12
N GLU E 31 -31.31 38.77 3.40
CA GLU E 31 -32.03 38.01 4.48
C GLU E 31 -31.24 36.72 4.78
N VAL E 32 -29.95 36.72 4.50
CA VAL E 32 -29.03 35.62 4.94
C VAL E 32 -28.31 36.07 6.22
N GLU E 33 -28.46 35.31 7.29
CA GLU E 33 -27.75 35.53 8.59
C GLU E 33 -26.68 34.46 8.77
N ILE E 34 -25.47 34.87 9.15
CA ILE E 34 -24.35 33.93 9.43
C ILE E 34 -23.71 34.21 10.80
N GLY E 35 -23.60 33.19 11.63
CA GLY E 35 -23.08 33.28 13.01
C GLY E 35 -21.56 33.08 13.10
N GLU E 36 -21.03 33.31 14.29
CA GLU E 36 -19.57 33.51 14.51
C GLU E 36 -18.80 32.25 14.11
N GLY E 37 -17.59 32.45 13.60
CA GLY E 37 -16.61 31.39 13.33
C GLY E 37 -16.94 30.63 12.06
N THR E 38 -18.06 30.93 11.39
CA THR E 38 -18.43 30.31 10.09
C THR E 38 -17.48 30.84 9.00
N VAL E 39 -16.95 29.92 8.18
CA VAL E 39 -16.11 30.22 6.99
C VAL E 39 -16.94 29.87 5.75
N ILE E 40 -17.26 30.87 4.94
CA ILE E 40 -17.82 30.67 3.57
C ILE E 40 -16.64 30.70 2.61
N GLY E 41 -16.44 29.62 1.86
CA GLY E 41 -15.35 29.53 0.88
C GLY E 41 -15.61 30.47 -0.30
N PRO E 42 -14.76 30.34 -1.35
CA PRO E 42 -14.96 31.10 -2.58
C PRO E 42 -16.06 30.43 -3.41
N HIS E 43 -16.69 31.19 -4.33
CA HIS E 43 -17.63 30.65 -5.35
C HIS E 43 -18.82 30.00 -4.66
N VAL E 44 -19.26 30.54 -3.51
CA VAL E 44 -20.50 30.09 -2.82
C VAL E 44 -21.64 31.06 -3.12
N VAL E 45 -22.82 30.52 -3.40
CA VAL E 45 -24.07 31.33 -3.50
C VAL E 45 -24.99 31.00 -2.31
N LEU E 46 -25.25 32.00 -1.45
CA LEU E 46 -26.22 31.90 -0.34
C LEU E 46 -27.42 32.79 -0.68
N LYS E 47 -28.61 32.23 -0.70
CA LYS E 47 -29.88 32.95 -0.90
C LYS E 47 -30.70 32.76 0.38
N GLY E 48 -31.51 33.75 0.74
CA GLY E 48 -32.36 33.68 1.95
C GLY E 48 -33.84 33.68 1.60
N PRO E 49 -34.77 33.73 2.58
CA PRO E 49 -34.44 33.82 4.01
C PRO E 49 -33.72 32.59 4.57
N THR E 50 -32.50 32.77 5.09
CA THR E 50 -31.61 31.68 5.56
C THR E 50 -30.90 32.13 6.82
N LYS E 51 -30.91 31.28 7.86
CA LYS E 51 -30.10 31.45 9.09
C LYS E 51 -29.08 30.33 9.13
N ILE E 52 -27.80 30.71 9.23
CA ILE E 52 -26.63 29.78 9.40
C ILE E 52 -25.95 30.11 10.73
N GLY E 53 -25.69 29.08 11.54
CA GLY E 53 -25.15 29.22 12.90
C GLY E 53 -23.63 29.36 12.88
N LYS E 54 -23.01 28.76 13.89
CA LYS E 54 -21.63 29.06 14.31
C LYS E 54 -20.71 27.94 13.85
N HIS E 55 -19.48 28.28 13.50
CA HIS E 55 -18.36 27.33 13.27
C HIS E 55 -18.71 26.39 12.09
N ASN E 56 -19.54 26.85 11.15
CA ASN E 56 -19.84 26.12 9.89
C ASN E 56 -18.73 26.32 8.87
N ARG E 57 -18.65 25.44 7.88
CA ARG E 57 -17.69 25.56 6.75
C ARG E 57 -18.47 25.19 5.49
N ILE E 58 -18.57 26.12 4.53
CA ILE E 58 -19.30 25.89 3.26
C ILE E 58 -18.28 26.05 2.14
N TYR E 59 -18.10 24.99 1.34
CA TYR E 59 -17.05 24.88 0.29
C TYR E 59 -17.58 25.42 -1.04
N GLN E 60 -16.63 25.75 -1.91
CA GLN E 60 -16.85 26.29 -3.28
C GLN E 60 -17.99 25.56 -4.02
N PHE E 61 -18.71 26.31 -4.84
CA PHE E 61 -19.67 25.86 -5.88
C PHE E 61 -20.99 25.41 -5.23
N SER E 62 -21.15 25.62 -3.91
CA SER E 62 -22.38 25.27 -3.19
C SER E 62 -23.44 26.33 -3.48
N SER E 63 -24.69 25.92 -3.63
CA SER E 63 -25.90 26.78 -3.67
C SER E 63 -26.78 26.50 -2.48
N VAL E 64 -26.75 27.40 -1.49
CA VAL E 64 -27.42 27.20 -0.19
C VAL E 64 -28.49 28.27 -0.03
N GLY E 65 -29.74 27.84 -0.12
CA GLY E 65 -30.94 28.64 0.14
C GLY E 65 -31.71 28.97 -1.11
N GLU E 66 -31.43 28.33 -2.26
CA GLU E 66 -32.22 28.54 -3.51
C GLU E 66 -33.64 28.00 -3.30
N ASP E 67 -34.58 28.52 -4.09
CA ASP E 67 -35.95 28.00 -4.24
C ASP E 67 -35.88 26.60 -4.82
N THR E 68 -36.74 25.70 -4.37
CA THR E 68 -36.94 24.41 -5.05
C THR E 68 -37.45 24.72 -6.46
N PRO E 69 -36.97 23.98 -7.49
CA PRO E 69 -37.61 24.03 -8.80
C PRO E 69 -38.95 23.30 -8.82
N ASP E 70 -39.24 22.51 -7.78
CA ASP E 70 -40.52 21.74 -7.64
C ASP E 70 -41.69 22.65 -8.01
N LEU E 71 -42.58 22.20 -8.91
CA LEU E 71 -43.64 23.05 -9.54
C LEU E 71 -44.64 23.53 -8.48
N LYS E 72 -44.70 22.88 -7.32
CA LYS E 72 -45.68 23.24 -6.26
C LYS E 72 -45.21 24.47 -5.44
N TYR E 73 -43.94 24.89 -5.55
CA TYR E 73 -43.47 26.15 -4.89
C TYR E 73 -43.88 27.36 -5.74
N LYS E 74 -44.39 28.43 -5.11
CA LYS E 74 -44.93 29.62 -5.83
C LYS E 74 -44.40 30.91 -5.20
N GLY E 75 -43.09 30.98 -4.92
CA GLY E 75 -42.36 32.19 -4.51
C GLY E 75 -42.67 32.67 -3.09
N GLU E 76 -43.41 31.87 -2.31
CA GLU E 76 -43.77 32.17 -0.89
C GLU E 76 -42.47 32.24 -0.09
N PRO E 77 -42.43 32.96 1.05
CA PRO E 77 -41.18 33.41 1.67
C PRO E 77 -40.55 32.41 2.66
N THR E 78 -40.39 31.18 2.21
CA THR E 78 -40.02 29.97 3.01
C THR E 78 -38.58 30.09 3.47
N ARG E 79 -38.17 29.29 4.45
CA ARG E 79 -36.88 29.46 5.15
C ARG E 79 -35.96 28.24 4.98
N LEU E 80 -34.69 28.46 5.28
CA LEU E 80 -33.68 27.42 5.53
C LEU E 80 -32.99 27.79 6.84
N VAL E 81 -32.84 26.83 7.76
CA VAL E 81 -32.10 27.05 9.04
C VAL E 81 -31.04 25.98 9.12
N ILE E 82 -29.78 26.40 9.34
CA ILE E 82 -28.59 25.53 9.52
C ILE E 82 -27.99 25.86 10.89
N GLY E 83 -27.72 24.84 11.69
CA GLY E 83 -27.17 25.01 13.05
C GLY E 83 -25.68 25.24 13.01
N ASP E 84 -24.94 24.59 13.91
CA ASP E 84 -23.52 24.93 14.23
C ASP E 84 -22.62 23.77 13.81
N HIS E 85 -21.37 24.07 13.49
CA HIS E 85 -20.30 23.04 13.33
C HIS E 85 -20.61 22.09 12.17
N ASN E 86 -21.35 22.55 11.16
CA ASN E 86 -21.65 21.75 9.94
C ASN E 86 -20.53 21.98 8.92
N VAL E 87 -20.24 20.96 8.12
CA VAL E 87 -19.34 21.05 6.94
C VAL E 87 -20.17 20.66 5.72
N ILE E 88 -20.36 21.63 4.81
CA ILE E 88 -21.04 21.51 3.51
C ILE E 88 -19.96 21.59 2.43
N ARG E 89 -19.73 20.47 1.72
CA ARG E 89 -18.57 20.31 0.83
C ARG E 89 -18.91 20.86 -0.57
N GLU E 90 -18.07 20.53 -1.54
CA GLU E 90 -18.07 21.08 -2.91
C GLU E 90 -19.42 20.85 -3.59
N GLY E 91 -20.04 21.90 -4.12
CA GLY E 91 -21.18 21.81 -5.05
C GLY E 91 -22.47 21.32 -4.40
N VAL E 92 -22.63 21.44 -3.07
CA VAL E 92 -23.87 20.95 -2.40
C VAL E 92 -24.99 21.91 -2.76
N THR E 93 -26.19 21.36 -2.97
CA THR E 93 -27.41 22.17 -3.18
C THR E 93 -28.34 21.97 -2.01
N ILE E 94 -28.78 23.08 -1.39
CA ILE E 94 -29.79 23.03 -0.28
C ILE E 94 -30.90 24.03 -0.64
N HIS E 95 -32.12 23.53 -0.77
CA HIS E 95 -33.30 24.36 -1.10
C HIS E 95 -34.05 24.69 0.19
N ARG E 96 -34.68 25.87 0.22
CA ARG E 96 -35.62 26.32 1.28
C ARG E 96 -36.93 25.50 1.16
N GLY E 97 -37.80 25.62 2.16
CA GLY E 97 -39.01 24.80 2.25
C GLY E 97 -40.15 25.28 1.35
N THR E 98 -41.33 24.72 1.59
CA THR E 98 -42.59 25.00 0.87
C THR E 98 -43.67 25.21 1.95
N VAL E 99 -44.69 26.02 1.65
CA VAL E 99 -45.76 26.34 2.65
C VAL E 99 -46.63 25.08 2.85
N GLN E 100 -46.68 24.19 1.85
CA GLN E 100 -47.44 22.90 1.91
C GLN E 100 -47.04 22.09 3.16
N ASP E 101 -45.80 22.23 3.66
CA ASP E 101 -45.31 21.46 4.85
C ASP E 101 -45.19 22.44 6.02
N ARG E 102 -44.00 22.99 6.28
CA ARG E 102 -43.72 23.87 7.43
C ARG E 102 -42.95 25.13 6.99
N ALA E 103 -42.81 25.38 5.70
CA ALA E 103 -42.03 26.52 5.12
C ALA E 103 -40.57 26.53 5.60
N GLU E 104 -39.98 25.37 5.90
CA GLU E 104 -38.60 25.34 6.43
C GLU E 104 -37.86 24.05 6.02
N THR E 105 -36.65 24.23 5.52
CA THR E 105 -35.64 23.16 5.46
C THR E 105 -34.71 23.40 6.62
N THR E 106 -34.43 22.35 7.39
CA THR E 106 -33.75 22.44 8.69
C THR E 106 -32.59 21.46 8.76
N ILE E 107 -31.44 21.96 9.20
CA ILE E 107 -30.21 21.17 9.46
C ILE E 107 -29.70 21.53 10.85
N GLY E 108 -29.41 20.49 11.64
CA GLY E 108 -28.93 20.63 13.02
C GLY E 108 -27.46 20.94 13.06
N ASP E 109 -26.71 20.19 13.90
CA ASP E 109 -25.32 20.50 14.31
C ASP E 109 -24.43 19.34 13.88
N HIS E 110 -23.18 19.64 13.52
CA HIS E 110 -22.10 18.64 13.41
C HIS E 110 -22.41 17.64 12.28
N ASN E 111 -23.17 18.06 11.27
CA ASN E 111 -23.44 17.25 10.06
C ASN E 111 -22.30 17.43 9.06
N LEU E 112 -22.00 16.36 8.31
CA LEU E 112 -21.06 16.39 7.19
C LEU E 112 -21.82 16.06 5.90
N ILE E 113 -21.92 17.03 5.00
CA ILE E 113 -22.63 16.89 3.72
C ILE E 113 -21.58 16.96 2.61
N MET E 114 -21.30 15.82 2.01
CA MET E 114 -20.15 15.69 1.07
C MET E 114 -20.57 16.17 -0.33
N ALA E 115 -19.58 16.26 -1.22
CA ALA E 115 -19.67 16.92 -2.54
C ALA E 115 -20.94 16.51 -3.29
N TYR E 116 -21.64 17.50 -3.83
CA TYR E 116 -22.78 17.36 -4.78
C TYR E 116 -23.97 16.66 -4.13
N ALA E 117 -23.98 16.47 -2.81
CA ALA E 117 -25.20 16.02 -2.11
C ALA E 117 -26.29 17.07 -2.37
N HIS E 118 -27.55 16.64 -2.30
CA HIS E 118 -28.76 17.47 -2.55
C HIS E 118 -29.72 17.33 -1.37
N ILE E 119 -30.02 18.44 -0.71
CA ILE E 119 -30.98 18.51 0.41
C ILE E 119 -32.21 19.25 -0.13
N GLY E 120 -33.24 18.49 -0.45
CA GLY E 120 -34.46 18.95 -1.12
C GLY E 120 -35.32 19.70 -0.13
N HIS E 121 -36.20 20.55 -0.64
CA HIS E 121 -37.14 21.39 0.14
C HIS E 121 -37.78 20.58 1.27
N ASP E 122 -37.81 21.17 2.47
CA ASP E 122 -38.61 20.71 3.64
C ASP E 122 -37.91 19.54 4.33
N SER E 123 -36.71 19.20 3.88
CA SER E 123 -35.90 18.14 4.53
C SER E 123 -35.51 18.61 5.92
N VAL E 124 -35.48 17.67 6.86
CA VAL E 124 -35.08 17.94 8.26
C VAL E 124 -33.94 16.95 8.59
N ILE E 125 -32.73 17.47 8.69
CA ILE E 125 -31.50 16.73 9.12
C ILE E 125 -31.22 17.11 10.57
N GLY E 126 -30.99 16.09 11.41
CA GLY E 126 -30.68 16.29 12.84
C GLY E 126 -29.22 16.65 13.03
N ASN E 127 -28.53 15.87 13.88
CA ASN E 127 -27.17 16.14 14.34
C ASN E 127 -26.28 14.94 14.02
N HIS E 128 -25.03 15.21 13.63
CA HIS E 128 -23.90 14.22 13.53
C HIS E 128 -24.18 13.25 12.39
N CYS E 129 -24.95 13.65 11.40
CA CYS E 129 -25.24 12.84 10.19
C CYS E 129 -24.07 12.95 9.22
N ILE E 130 -23.91 11.95 8.35
CA ILE E 130 -22.95 11.99 7.22
C ILE E 130 -23.76 11.69 5.95
N LEU E 131 -23.84 12.63 5.01
CA LEU E 131 -24.36 12.39 3.65
C LEU E 131 -23.15 12.37 2.71
N VAL E 132 -22.84 11.20 2.17
CA VAL E 132 -21.66 10.99 1.30
C VAL E 132 -22.01 11.50 -0.10
N ASN E 133 -21.00 11.72 -0.92
CA ASN E 133 -21.11 12.33 -2.27
C ASN E 133 -22.43 11.97 -2.96
N ASN E 134 -23.11 12.98 -3.50
CA ASN E 134 -24.23 12.83 -4.46
C ASN E 134 -25.42 12.11 -3.81
N THR E 135 -25.49 12.02 -2.47
CA THR E 135 -26.72 11.64 -1.76
C THR E 135 -27.78 12.69 -2.09
N ALA E 136 -28.99 12.29 -2.40
CA ALA E 136 -30.09 13.18 -2.82
C ALA E 136 -31.30 12.86 -1.96
N LEU E 137 -31.77 13.85 -1.20
CA LEU E 137 -33.05 13.81 -0.46
C LEU E 137 -34.10 14.55 -1.30
N ALA E 138 -35.02 13.83 -1.91
CA ALA E 138 -35.94 14.39 -2.94
C ALA E 138 -36.81 15.53 -2.37
N GLY E 139 -37.21 15.42 -1.12
CA GLY E 139 -37.99 16.47 -0.44
C GLY E 139 -38.73 15.90 0.74
N HIS E 140 -38.92 16.71 1.78
CA HIS E 140 -39.66 16.33 3.00
C HIS E 140 -39.00 15.11 3.65
N VAL E 141 -37.71 14.91 3.44
CA VAL E 141 -36.98 13.76 4.04
C VAL E 141 -36.50 14.14 5.45
N HIS E 142 -36.79 13.30 6.44
CA HIS E 142 -36.36 13.43 7.85
C HIS E 142 -35.19 12.48 8.06
N VAL E 143 -34.01 13.02 8.37
CA VAL E 143 -32.79 12.21 8.67
C VAL E 143 -32.45 12.45 10.14
N ASP E 144 -32.60 11.42 10.96
CA ASP E 144 -32.36 11.51 12.42
C ASP E 144 -30.86 11.35 12.71
N ASP E 145 -30.48 11.57 13.96
CA ASP E 145 -29.08 11.82 14.41
C ASP E 145 -28.20 10.62 14.08
N TRP E 146 -26.98 10.89 13.66
CA TRP E 146 -25.89 9.89 13.47
C TRP E 146 -26.16 9.01 12.24
N ALA E 147 -27.23 9.24 11.50
CA ALA E 147 -27.49 8.44 10.28
C ALA E 147 -26.31 8.65 9.30
N ILE E 148 -25.96 7.60 8.57
CA ILE E 148 -24.89 7.66 7.53
C ILE E 148 -25.49 7.17 6.22
N LEU E 149 -25.48 8.02 5.19
CA LEU E 149 -25.99 7.66 3.84
C LEU E 149 -24.77 7.66 2.92
N SER E 150 -24.37 6.49 2.43
CA SER E 150 -23.15 6.33 1.62
C SER E 150 -23.38 6.92 0.22
N GLY E 151 -22.32 6.97 -0.56
CA GLY E 151 -22.35 7.72 -1.84
C GLY E 151 -23.52 7.35 -2.73
N TYR E 152 -24.16 8.36 -3.32
CA TYR E 152 -25.17 8.17 -4.40
C TYR E 152 -26.40 7.45 -3.86
N THR E 153 -26.72 7.63 -2.58
CA THR E 153 -27.96 7.16 -1.95
C THR E 153 -29.07 8.14 -2.36
N LEU E 154 -30.13 7.60 -2.95
CA LEU E 154 -31.31 8.34 -3.43
C LEU E 154 -32.47 8.10 -2.46
N VAL E 155 -33.05 9.17 -1.89
CA VAL E 155 -34.16 9.04 -0.92
C VAL E 155 -35.41 9.73 -1.48
N HIS E 156 -36.45 8.93 -1.66
CA HIS E 156 -37.81 9.35 -2.13
C HIS E 156 -38.42 10.32 -1.13
N GLN E 157 -39.29 11.20 -1.64
CA GLN E 157 -40.01 12.21 -0.83
C GLN E 157 -40.68 11.57 0.37
N TYR E 158 -40.67 12.25 1.52
CA TYR E 158 -41.43 11.96 2.76
C TYR E 158 -40.78 10.82 3.56
N CYS E 159 -39.77 10.13 3.03
CA CYS E 159 -39.12 8.98 3.74
C CYS E 159 -38.43 9.49 5.00
N ARG E 160 -38.47 8.69 6.05
CA ARG E 160 -37.77 8.96 7.34
C ARG E 160 -36.59 7.98 7.42
N ILE E 161 -35.38 8.48 7.68
CA ILE E 161 -34.10 7.74 7.87
C ILE E 161 -33.78 7.77 9.36
N GLY E 162 -33.86 6.62 10.04
CA GLY E 162 -33.79 6.53 11.51
C GLY E 162 -32.41 6.87 12.07
N ALA E 163 -32.35 7.21 13.35
CA ALA E 163 -31.08 7.49 14.04
C ALA E 163 -30.16 6.27 13.91
N HIS E 164 -28.88 6.51 13.60
CA HIS E 164 -27.78 5.51 13.59
C HIS E 164 -28.00 4.51 12.45
N SER E 165 -28.91 4.81 11.52
CA SER E 165 -29.17 3.96 10.33
C SER E 165 -28.02 4.17 9.33
N PHE E 166 -27.88 3.26 8.36
CA PHE E 166 -26.76 3.25 7.39
C PHE E 166 -27.30 2.74 6.06
N SER E 167 -26.97 3.43 4.98
CA SER E 167 -27.29 2.97 3.62
C SER E 167 -25.99 2.71 2.89
N GLY E 168 -25.94 1.64 2.13
CA GLY E 168 -24.78 1.29 1.32
C GLY E 168 -24.76 2.16 0.08
N MET E 169 -23.62 2.19 -0.59
CA MET E 169 -23.43 3.02 -1.80
C MET E 169 -24.50 2.68 -2.86
N GLY E 170 -25.09 3.71 -3.46
CA GLY E 170 -26.03 3.55 -4.59
C GLY E 170 -27.38 2.98 -4.19
N SER E 171 -27.72 3.00 -2.90
CA SER E 171 -29.01 2.56 -2.32
C SER E 171 -30.13 3.47 -2.84
N ALA E 172 -31.28 2.88 -3.15
CA ALA E 172 -32.49 3.64 -3.51
C ALA E 172 -33.59 3.36 -2.47
N ILE E 173 -33.91 4.35 -1.66
CA ILE E 173 -34.77 4.20 -0.46
C ILE E 173 -36.14 4.81 -0.75
N GLY E 174 -37.17 3.96 -0.76
CA GLY E 174 -38.57 4.32 -1.06
C GLY E 174 -39.45 4.19 0.17
N LYS E 175 -38.96 3.59 1.27
CA LYS E 175 -39.74 3.43 2.52
C LYS E 175 -38.87 3.87 3.69
N ASP E 176 -39.49 4.10 4.84
CA ASP E 176 -38.77 4.52 6.06
C ASP E 176 -37.70 3.48 6.40
N VAL E 177 -36.56 3.95 6.86
CA VAL E 177 -35.45 3.09 7.36
C VAL E 177 -35.49 3.22 8.87
N PRO E 178 -35.86 2.14 9.60
CA PRO E 178 -35.90 2.16 11.06
C PRO E 178 -34.52 2.53 11.62
N ALA E 179 -34.48 3.14 12.80
CA ALA E 179 -33.25 3.45 13.57
C ALA E 179 -32.35 2.20 13.58
N TYR E 180 -31.06 2.40 13.33
CA TYR E 180 -29.94 1.43 13.41
C TYR E 180 -29.86 0.50 12.19
N VAL E 181 -30.90 0.45 11.36
CA VAL E 181 -30.97 -0.57 10.28
C VAL E 181 -29.95 -0.21 9.18
N THR E 182 -29.30 -1.23 8.64
CA THR E 182 -28.38 -1.16 7.48
C THR E 182 -29.17 -1.60 6.25
N VAL E 183 -29.19 -0.76 5.22
CA VAL E 183 -29.96 -1.05 3.99
C VAL E 183 -29.02 -0.92 2.81
N PHE E 184 -29.26 -1.72 1.76
CA PHE E 184 -28.40 -1.80 0.56
C PHE E 184 -29.27 -2.05 -0.68
N GLY E 185 -28.78 -1.60 -1.82
CA GLY E 185 -29.34 -1.98 -3.12
C GLY E 185 -30.43 -1.04 -3.59
N ASN E 186 -30.81 -1.25 -4.85
CA ASN E 186 -31.93 -0.55 -5.52
C ASN E 186 -32.84 -1.63 -6.06
N PRO E 187 -34.03 -1.87 -5.45
CA PRO E 187 -34.49 -1.10 -4.28
C PRO E 187 -33.82 -1.49 -2.95
N ALA E 188 -33.77 -0.56 -1.99
CA ALA E 188 -33.10 -0.78 -0.69
C ALA E 188 -33.73 -1.99 0.02
N GLU E 189 -32.89 -2.86 0.58
CA GLU E 189 -33.36 -3.97 1.44
C GLU E 189 -32.59 -3.95 2.77
N ALA E 190 -33.27 -4.30 3.85
CA ALA E 190 -32.70 -4.39 5.20
C ALA E 190 -31.71 -5.56 5.26
N ARG E 191 -30.54 -5.36 5.82
CA ARG E 191 -29.52 -6.43 5.98
C ARG E 191 -29.27 -6.72 7.47
N SER E 192 -29.00 -5.71 8.30
CA SER E 192 -28.65 -5.92 9.72
C SER E 192 -28.79 -4.60 10.49
N MET E 193 -28.12 -4.49 11.64
CA MET E 193 -28.06 -3.26 12.49
C MET E 193 -26.66 -2.67 12.40
N ASN E 194 -26.58 -1.37 12.63
CA ASN E 194 -25.31 -0.61 12.62
C ASN E 194 -24.64 -0.77 13.98
N PHE E 195 -24.10 -1.97 14.25
CA PHE E 195 -23.38 -2.30 15.51
C PHE E 195 -22.18 -1.38 15.67
N GLU E 196 -21.51 -1.02 14.58
CA GLU E 196 -20.34 -0.08 14.64
C GLU E 196 -20.78 1.28 15.17
N GLY E 197 -21.88 1.83 14.65
CA GLY E 197 -22.46 3.11 15.12
C GLY E 197 -22.77 3.07 16.62
N MET E 198 -23.31 1.95 17.11
CA MET E 198 -23.65 1.79 18.54
C MET E 198 -22.34 1.86 19.35
N ARG E 199 -21.33 1.10 18.96
CA ARG E 199 -20.01 1.07 19.65
C ARG E 199 -19.43 2.48 19.66
N ARG E 200 -19.48 3.19 18.54
CA ARG E 200 -18.97 4.58 18.45
C ARG E 200 -19.66 5.44 19.52
N ARG E 201 -20.91 5.17 19.90
CA ARG E 201 -21.67 6.03 20.85
C ARG E 201 -21.47 5.57 22.30
N GLY E 202 -20.70 4.52 22.54
CA GLY E 202 -20.48 4.02 23.91
C GLY E 202 -21.70 3.26 24.44
N PHE E 203 -22.51 2.67 23.55
CA PHE E 203 -23.67 1.82 23.94
C PHE E 203 -23.15 0.66 24.78
N SER E 204 -23.85 0.36 25.87
CA SER E 204 -23.57 -0.82 26.74
C SER E 204 -23.68 -2.08 25.89
N SER E 205 -23.00 -3.15 26.31
CA SER E 205 -23.14 -4.52 25.78
C SER E 205 -24.58 -4.99 25.87
N GLU E 206 -25.29 -4.59 26.93
CA GLU E 206 -26.70 -4.99 27.17
C GLU E 206 -27.60 -4.34 26.10
N ALA E 207 -27.37 -3.05 25.81
CA ALA E 207 -28.17 -2.28 24.82
C ALA E 207 -27.94 -2.91 23.43
N ILE E 208 -26.70 -3.23 23.11
CA ILE E 208 -26.31 -3.82 21.78
C ILE E 208 -26.99 -5.18 21.60
N HIS E 209 -26.87 -6.09 22.59
CA HIS E 209 -27.54 -7.42 22.57
C HIS E 209 -29.06 -7.22 22.40
N ALA E 210 -29.67 -6.31 23.15
CA ALA E 210 -31.15 -6.07 23.10
C ALA E 210 -31.54 -5.57 21.71
N LEU E 211 -30.69 -4.76 21.08
CA LEU E 211 -30.99 -4.21 19.73
C LEU E 211 -30.81 -5.32 18.68
N ARG E 212 -29.81 -6.20 18.85
CA ARG E 212 -29.63 -7.39 17.95
C ARG E 212 -30.90 -8.25 17.98
N ARG E 213 -31.44 -8.51 19.17
CA ARG E 213 -32.68 -9.31 19.37
C ARG E 213 -33.85 -8.57 18.70
N ALA E 214 -33.95 -7.26 18.90
CA ALA E 214 -35.04 -6.40 18.37
C ALA E 214 -35.06 -6.54 16.84
N TYR E 215 -33.91 -6.55 16.17
CA TYR E 215 -33.84 -6.74 14.70
C TYR E 215 -34.47 -8.08 14.36
N LYS E 216 -34.11 -9.14 15.07
CA LYS E 216 -34.64 -10.51 14.82
C LYS E 216 -36.16 -10.53 14.94
N VAL E 217 -36.70 -9.89 15.98
CA VAL E 217 -38.17 -9.79 16.25
C VAL E 217 -38.89 -9.18 15.04
N VAL E 218 -38.32 -8.12 14.45
CA VAL E 218 -38.97 -7.31 13.38
C VAL E 218 -38.79 -8.01 12.02
N TYR E 219 -37.60 -8.54 11.73
CA TYR E 219 -37.19 -8.96 10.36
C TYR E 219 -37.05 -10.47 10.20
N ARG E 220 -36.84 -11.26 11.28
CA ARG E 220 -36.44 -12.69 11.12
C ARG E 220 -37.36 -13.66 11.88
N GLN E 221 -38.57 -13.27 12.25
CA GLN E 221 -39.50 -14.17 12.99
C GLN E 221 -40.88 -14.23 12.36
N GLY E 222 -41.06 -13.69 11.14
CA GLY E 222 -42.30 -13.82 10.37
C GLY E 222 -43.46 -13.05 10.98
N HIS E 223 -43.21 -12.09 11.86
CA HIS E 223 -44.24 -11.25 12.51
C HIS E 223 -44.74 -10.17 11.55
N THR E 224 -45.99 -9.74 11.66
CA THR E 224 -46.45 -8.46 11.06
C THR E 224 -45.75 -7.33 11.83
N VAL E 225 -45.76 -6.09 11.33
CA VAL E 225 -45.20 -4.92 12.07
C VAL E 225 -45.96 -4.82 13.40
N GLU E 226 -47.29 -5.01 13.38
CA GLU E 226 -48.20 -4.94 14.55
C GLU E 226 -47.73 -5.95 15.60
N GLU E 227 -47.54 -7.20 15.18
CA GLU E 227 -47.05 -8.31 16.03
C GLU E 227 -45.71 -7.89 16.64
N ALA E 228 -44.77 -7.43 15.79
CA ALA E 228 -43.39 -7.09 16.20
C ALA E 228 -43.42 -5.99 17.26
N LEU E 229 -44.22 -4.93 17.04
CA LEU E 229 -44.32 -3.77 17.96
C LEU E 229 -44.75 -4.23 19.36
N ALA E 230 -45.73 -5.14 19.43
CA ALA E 230 -46.24 -5.73 20.70
C ALA E 230 -45.12 -6.53 21.38
N GLU E 231 -44.36 -7.34 20.63
CA GLU E 231 -43.23 -8.14 21.17
C GLU E 231 -42.13 -7.21 21.72
N LEU E 232 -41.86 -6.07 21.08
CA LEU E 232 -40.75 -5.13 21.43
C LEU E 232 -41.07 -4.27 22.67
N ALA E 233 -42.33 -4.17 23.12
CA ALA E 233 -42.81 -3.24 24.18
C ALA E 233 -42.00 -3.45 25.47
N GLU E 234 -41.87 -4.71 25.88
CA GLU E 234 -40.96 -5.18 26.95
C GLU E 234 -39.65 -4.39 26.90
N SER E 235 -38.83 -4.67 25.87
CA SER E 235 -37.41 -4.25 25.76
C SER E 235 -37.35 -2.72 25.62
N ALA E 236 -38.34 -2.12 24.95
CA ALA E 236 -38.37 -0.66 24.69
C ALA E 236 -38.55 0.08 26.01
N ALA E 237 -39.29 -0.50 26.98
CA ALA E 237 -39.51 0.14 28.31
C ALA E 237 -38.22 0.05 29.14
N GLN E 238 -37.48 -1.07 29.05
CA GLN E 238 -36.15 -1.27 29.70
C GLN E 238 -35.10 -0.33 29.09
N PHE E 239 -35.02 -0.31 27.76
CA PHE E 239 -33.88 0.27 26.99
C PHE E 239 -34.36 1.45 26.13
N PRO E 240 -34.03 2.71 26.52
CA PRO E 240 -34.35 3.89 25.71
C PRO E 240 -33.80 3.74 24.28
N GLU E 241 -32.66 3.04 24.15
CA GLU E 241 -32.00 2.73 22.85
C GLU E 241 -32.94 1.89 21.99
N VAL E 242 -33.67 0.96 22.60
CA VAL E 242 -34.63 0.05 21.93
C VAL E 242 -35.92 0.82 21.61
N ALA E 243 -36.36 1.73 22.48
CA ALA E 243 -37.55 2.58 22.23
C ALA E 243 -37.31 3.41 20.95
N VAL E 244 -36.05 3.79 20.68
CA VAL E 244 -35.68 4.59 19.46
C VAL E 244 -36.01 3.73 18.23
N PHE E 245 -35.64 2.45 18.27
CA PHE E 245 -35.94 1.45 17.22
C PHE E 245 -37.47 1.29 17.09
N ARG E 246 -38.13 0.97 18.19
CA ARG E 246 -39.61 0.67 18.23
C ARG E 246 -40.38 1.89 17.70
N ASP E 247 -40.05 3.09 18.21
CA ASP E 247 -40.76 4.33 17.82
C ASP E 247 -40.60 4.61 16.32
N SER E 248 -39.42 4.33 15.76
CA SER E 248 -39.11 4.59 14.32
C SER E 248 -39.99 3.66 13.49
N ILE E 249 -40.31 2.49 14.02
CA ILE E 249 -41.15 1.49 13.31
C ILE E 249 -42.62 1.93 13.46
N GLN E 250 -43.02 2.34 14.66
CA GLN E 250 -44.39 2.84 14.97
C GLN E 250 -44.68 4.09 14.12
N SER E 251 -43.70 4.99 13.94
CA SER E 251 -43.84 6.24 13.14
C SER E 251 -43.90 5.94 11.63
N ALA E 252 -43.54 4.73 11.19
CA ALA E 252 -43.44 4.38 9.76
C ALA E 252 -44.85 4.15 9.21
N THR E 253 -45.56 5.25 9.00
CA THR E 253 -46.94 5.26 8.45
C THR E 253 -47.01 4.40 7.18
N ARG E 254 -46.07 4.58 6.23
CA ARG E 254 -46.14 3.99 4.85
C ARG E 254 -45.28 2.71 4.72
N GLY E 255 -44.98 2.01 5.83
CA GLY E 255 -44.22 0.75 5.84
C GLY E 255 -42.73 0.96 6.04
N ILE E 256 -42.03 -0.04 6.55
CA ILE E 256 -40.56 0.01 6.77
C ILE E 256 -39.85 -0.66 5.61
N THR E 257 -38.59 -0.28 5.39
CA THR E 257 -37.67 -0.98 4.45
C THR E 257 -37.50 -2.44 4.89
N ARG E 258 -37.85 -3.35 4.00
CA ARG E 258 -37.63 -4.81 4.16
C ARG E 258 -36.78 -5.19 2.96
N SER F 2 -27.58 48.28 -13.57
CA SER F 2 -27.95 47.84 -14.95
C SER F 2 -28.03 46.30 -15.04
N LEU F 3 -28.55 45.81 -16.16
CA LEU F 3 -29.00 44.40 -16.31
C LEU F 3 -27.78 43.48 -16.48
N ILE F 4 -26.73 43.93 -17.16
CA ILE F 4 -25.46 43.16 -17.35
C ILE F 4 -24.48 43.64 -16.29
N ASP F 5 -24.22 42.80 -15.29
CA ASP F 5 -23.25 43.07 -14.22
C ASP F 5 -21.89 43.37 -14.84
N PRO F 6 -21.17 44.41 -14.37
CA PRO F 6 -19.89 44.79 -14.95
C PRO F 6 -18.75 43.78 -14.71
N ARG F 7 -18.94 42.80 -13.81
CA ARG F 7 -17.98 41.68 -13.59
C ARG F 7 -18.25 40.51 -14.55
N ALA F 8 -19.31 40.53 -15.33
CA ALA F 8 -19.54 39.53 -16.40
C ALA F 8 -18.57 39.76 -17.58
N ILE F 9 -18.14 38.70 -18.26
CA ILE F 9 -17.40 38.80 -19.56
C ILE F 9 -18.41 38.64 -20.68
N ILE F 10 -18.60 39.67 -21.53
CA ILE F 10 -19.49 39.60 -22.72
C ILE F 10 -18.57 39.71 -23.94
N ASP F 11 -18.44 38.64 -24.71
CA ASP F 11 -17.54 38.63 -25.89
C ASP F 11 -18.09 39.66 -26.85
N PRO F 12 -17.22 40.41 -27.55
CA PRO F 12 -17.66 41.35 -28.58
C PRO F 12 -18.63 40.75 -29.60
N SER F 13 -18.48 39.47 -29.96
CA SER F 13 -19.34 38.81 -30.99
C SER F 13 -20.66 38.31 -30.41
N ALA F 14 -20.85 38.33 -29.08
CA ALA F 14 -22.13 37.89 -28.45
C ALA F 14 -23.23 38.92 -28.77
N ARG F 15 -24.47 38.44 -28.89
CA ARG F 15 -25.68 39.23 -29.23
C ARG F 15 -26.77 39.00 -28.19
N LEU F 16 -26.98 40.00 -27.32
CA LEU F 16 -27.96 39.97 -26.21
C LEU F 16 -29.11 40.93 -26.53
N ALA F 17 -30.35 40.44 -26.50
CA ALA F 17 -31.56 41.29 -26.56
C ALA F 17 -31.46 42.34 -25.43
N ALA F 18 -32.15 43.47 -25.60
CA ALA F 18 -31.94 44.71 -24.81
C ALA F 18 -32.11 44.45 -23.30
N ASP F 19 -33.07 43.59 -22.89
CA ASP F 19 -33.45 43.41 -21.47
C ASP F 19 -32.82 42.13 -20.87
N VAL F 20 -31.84 41.54 -21.54
CA VAL F 20 -31.15 40.33 -21.00
C VAL F 20 -30.45 40.73 -19.70
N GLN F 21 -30.55 39.89 -18.68
CA GLN F 21 -29.79 40.04 -17.41
C GLN F 21 -28.63 39.01 -17.37
N VAL F 22 -27.44 39.45 -16.99
CA VAL F 22 -26.26 38.57 -16.77
C VAL F 22 -25.68 38.91 -15.41
N GLY F 23 -25.59 37.91 -14.51
CA GLY F 23 -25.02 38.07 -13.17
C GLY F 23 -23.49 38.18 -13.19
N PRO F 24 -22.89 38.50 -12.00
CA PRO F 24 -21.46 38.61 -11.85
C PRO F 24 -20.72 37.30 -12.16
N TRP F 25 -19.56 37.46 -12.79
CA TRP F 25 -18.56 36.40 -13.03
C TRP F 25 -19.17 35.35 -13.96
N SER F 26 -20.13 35.74 -14.80
CA SER F 26 -20.60 34.87 -15.90
C SER F 26 -19.83 35.21 -17.17
N ILE F 27 -19.71 34.23 -18.08
CA ILE F 27 -19.02 34.37 -19.39
C ILE F 27 -20.06 34.15 -20.47
N VAL F 28 -20.29 35.16 -21.30
CA VAL F 28 -21.09 35.00 -22.54
C VAL F 28 -20.08 35.04 -23.69
N GLY F 29 -19.74 33.86 -24.23
CA GLY F 29 -18.60 33.71 -25.13
C GLY F 29 -18.97 34.15 -26.54
N ALA F 30 -17.99 34.05 -27.42
CA ALA F 30 -18.12 34.35 -28.88
C ALA F 30 -19.29 33.57 -29.45
N GLU F 31 -20.09 34.21 -30.31
CA GLU F 31 -21.16 33.60 -31.14
C GLU F 31 -22.20 32.93 -30.21
N VAL F 32 -22.44 33.49 -29.03
CA VAL F 32 -23.61 33.20 -28.18
C VAL F 32 -24.64 34.32 -28.41
N GLU F 33 -25.87 33.93 -28.74
CA GLU F 33 -27.04 34.82 -28.92
C GLU F 33 -28.03 34.54 -27.80
N ILE F 34 -28.51 35.59 -27.11
CA ILE F 34 -29.49 35.43 -26.00
C ILE F 34 -30.72 36.31 -26.28
N GLY F 35 -31.90 35.68 -26.24
CA GLY F 35 -33.21 36.27 -26.54
C GLY F 35 -33.78 37.06 -25.38
N GLU F 36 -34.80 37.85 -25.69
CA GLU F 36 -35.50 38.82 -24.83
C GLU F 36 -35.91 38.16 -23.51
N GLY F 37 -35.66 38.85 -22.40
CA GLY F 37 -36.23 38.44 -21.11
C GLY F 37 -35.47 37.27 -20.46
N THR F 38 -34.47 36.67 -21.13
CA THR F 38 -33.59 35.61 -20.53
C THR F 38 -32.77 36.21 -19.36
N VAL F 39 -32.68 35.46 -18.25
CA VAL F 39 -31.84 35.80 -17.08
C VAL F 39 -30.73 34.74 -16.93
N ILE F 40 -29.48 35.19 -17.02
CA ILE F 40 -28.26 34.39 -16.72
C ILE F 40 -27.83 34.73 -15.30
N GLY F 41 -27.79 33.73 -14.44
CA GLY F 41 -27.29 33.86 -13.06
C GLY F 41 -25.82 34.22 -13.01
N PRO F 42 -25.23 34.24 -11.81
CA PRO F 42 -23.80 34.45 -11.65
C PRO F 42 -23.07 33.14 -11.93
N HIS F 43 -21.77 33.22 -12.24
CA HIS F 43 -20.90 32.02 -12.37
C HIS F 43 -21.44 31.04 -13.41
N VAL F 44 -21.96 31.55 -14.52
CA VAL F 44 -22.42 30.72 -15.65
C VAL F 44 -21.38 30.80 -16.76
N VAL F 45 -21.08 29.67 -17.39
CA VAL F 45 -20.21 29.65 -18.61
C VAL F 45 -21.11 29.34 -19.80
N LEU F 46 -21.22 30.27 -20.74
CA LEU F 46 -21.87 30.05 -22.04
C LEU F 46 -20.80 30.05 -23.12
N LYS F 47 -20.80 29.04 -23.98
CA LYS F 47 -19.88 28.96 -25.12
C LYS F 47 -20.75 28.73 -26.36
N GLY F 48 -20.29 29.21 -27.52
CA GLY F 48 -21.01 29.09 -28.80
C GLY F 48 -20.26 28.26 -29.83
N PRO F 49 -20.76 28.13 -31.07
CA PRO F 49 -22.02 28.78 -31.47
C PRO F 49 -23.28 28.26 -30.76
N THR F 50 -23.93 29.15 -30.01
CA THR F 50 -25.14 28.82 -29.23
C THR F 50 -26.20 29.90 -29.47
N LYS F 51 -27.43 29.47 -29.64
CA LYS F 51 -28.63 30.33 -29.63
C LYS F 51 -29.51 29.95 -28.43
N ILE F 52 -29.81 30.93 -27.58
CA ILE F 52 -30.73 30.84 -26.44
C ILE F 52 -31.90 31.79 -26.73
N GLY F 53 -33.13 31.27 -26.68
CA GLY F 53 -34.37 32.01 -26.96
C GLY F 53 -34.77 32.89 -25.80
N LYS F 54 -36.08 33.15 -25.67
CA LYS F 54 -36.68 34.19 -24.82
C LYS F 54 -37.08 33.60 -23.48
N HIS F 55 -36.98 34.41 -22.43
CA HIS F 55 -37.57 34.13 -21.09
C HIS F 55 -36.99 32.85 -20.47
N ASN F 56 -35.71 32.59 -20.71
CA ASN F 56 -34.98 31.46 -20.09
C ASN F 56 -34.40 31.92 -18.77
N ARG F 57 -34.05 30.97 -17.91
CA ARG F 57 -33.35 31.22 -16.64
C ARG F 57 -32.25 30.17 -16.52
N ILE F 58 -31.00 30.59 -16.45
CA ILE F 58 -29.84 29.68 -16.32
C ILE F 58 -29.15 30.01 -14.99
N TYR F 59 -29.09 29.04 -14.08
CA TYR F 59 -28.48 29.12 -12.73
C TYR F 59 -26.96 28.91 -12.77
N GLN F 60 -26.31 29.42 -11.72
CA GLN F 60 -24.88 29.33 -11.36
C GLN F 60 -24.29 27.93 -11.62
N PHE F 61 -23.03 27.91 -12.05
CA PHE F 61 -22.14 26.74 -12.15
C PHE F 61 -22.55 25.86 -13.33
N SER F 62 -23.48 26.33 -14.14
CA SER F 62 -23.87 25.70 -15.42
C SER F 62 -22.81 25.99 -16.48
N SER F 63 -22.57 25.01 -17.34
CA SER F 63 -21.68 25.12 -18.51
C SER F 63 -22.52 24.76 -19.72
N VAL F 64 -22.99 25.78 -20.45
CA VAL F 64 -23.95 25.63 -21.56
C VAL F 64 -23.26 26.00 -22.84
N GLY F 65 -23.05 24.98 -23.70
CA GLY F 65 -22.46 25.14 -25.04
C GLY F 65 -21.02 24.70 -25.08
N GLU F 66 -20.55 23.95 -24.07
CA GLU F 66 -19.18 23.39 -24.12
C GLU F 66 -19.08 22.37 -25.24
N ASP F 67 -17.86 22.11 -25.71
CA ASP F 67 -17.51 20.97 -26.59
C ASP F 67 -17.71 19.65 -25.85
N THR F 68 -18.25 18.62 -26.51
CA THR F 68 -18.22 17.23 -25.97
C THR F 68 -16.76 16.82 -25.83
N PRO F 69 -16.39 16.13 -24.74
CA PRO F 69 -15.08 15.48 -24.66
C PRO F 69 -15.00 14.25 -25.57
N ASP F 70 -16.13 13.76 -26.10
CA ASP F 70 -16.16 12.59 -27.02
C ASP F 70 -15.08 12.78 -28.09
N LEU F 71 -14.19 11.78 -28.25
CA LEU F 71 -12.96 11.87 -29.09
C LEU F 71 -13.33 11.94 -30.58
N LYS F 72 -14.62 11.81 -30.93
CA LYS F 72 -15.11 12.00 -32.32
C LYS F 72 -15.18 13.49 -32.66
N TYR F 73 -15.25 14.39 -31.66
CA TYR F 73 -15.30 15.86 -31.86
C TYR F 73 -13.87 16.39 -32.04
N LYS F 74 -13.68 17.38 -32.93
CA LYS F 74 -12.36 17.89 -33.40
C LYS F 74 -12.42 19.41 -33.70
N GLY F 75 -13.06 20.20 -32.82
CA GLY F 75 -13.07 21.67 -32.85
C GLY F 75 -14.01 22.28 -33.89
N GLU F 76 -14.82 21.48 -34.61
CA GLU F 76 -15.68 21.94 -35.75
C GLU F 76 -16.79 22.84 -35.23
N PRO F 77 -17.38 23.73 -36.07
CA PRO F 77 -18.29 24.78 -35.60
C PRO F 77 -19.72 24.23 -35.47
N THR F 78 -19.93 23.32 -34.52
CA THR F 78 -21.25 22.69 -34.24
C THR F 78 -22.03 23.59 -33.28
N ARG F 79 -23.34 23.31 -33.12
CA ARG F 79 -24.32 24.27 -32.56
C ARG F 79 -25.02 23.72 -31.32
N LEU F 80 -25.53 24.63 -30.51
CA LEU F 80 -26.56 24.38 -29.48
C LEU F 80 -27.67 25.42 -29.69
N VAL F 81 -28.91 24.97 -29.67
CA VAL F 81 -30.12 25.83 -29.77
C VAL F 81 -31.04 25.45 -28.63
N ILE F 82 -31.42 26.47 -27.87
CA ILE F 82 -32.37 26.41 -26.73
C ILE F 82 -33.51 27.36 -27.07
N GLY F 83 -34.74 26.89 -26.91
CA GLY F 83 -35.95 27.65 -27.22
C GLY F 83 -36.23 28.63 -26.12
N ASP F 84 -37.50 28.70 -25.73
CA ASP F 84 -38.08 29.75 -24.89
C ASP F 84 -38.54 29.13 -23.57
N HIS F 85 -38.52 29.91 -22.49
CA HIS F 85 -39.21 29.66 -21.20
C HIS F 85 -38.63 28.41 -20.52
N ASN F 86 -37.36 28.09 -20.79
CA ASN F 86 -36.66 26.96 -20.10
C ASN F 86 -36.10 27.44 -18.77
N VAL F 87 -36.02 26.54 -17.81
CA VAL F 87 -35.24 26.72 -16.55
C VAL F 87 -34.10 25.69 -16.55
N ILE F 88 -32.87 26.19 -16.52
CA ILE F 88 -31.64 25.37 -16.36
C ILE F 88 -31.07 25.68 -14.97
N ARG F 89 -31.10 24.68 -14.11
CA ARG F 89 -30.71 24.80 -12.68
C ARG F 89 -29.19 24.66 -12.49
N GLU F 90 -28.76 24.56 -11.23
CA GLU F 90 -27.37 24.68 -10.74
C GLU F 90 -26.54 23.58 -11.41
N GLY F 91 -25.40 23.96 -11.97
CA GLY F 91 -24.35 23.01 -12.38
C GLY F 91 -24.77 22.13 -13.54
N VAL F 92 -25.73 22.54 -14.37
CA VAL F 92 -26.15 21.74 -15.54
C VAL F 92 -25.04 21.83 -16.60
N THR F 93 -24.72 20.73 -17.27
CA THR F 93 -23.82 20.71 -18.46
C THR F 93 -24.64 20.39 -19.71
N ILE F 94 -24.49 21.21 -20.75
CA ILE F 94 -25.10 21.00 -22.08
C ILE F 94 -24.00 21.16 -23.12
N HIS F 95 -23.81 20.13 -23.94
CA HIS F 95 -22.73 20.16 -24.93
C HIS F 95 -23.31 20.36 -26.32
N ARG F 96 -22.55 20.99 -27.21
CA ARG F 96 -23.01 21.21 -28.60
C ARG F 96 -22.89 19.89 -29.38
N GLY F 97 -23.37 19.90 -30.60
CA GLY F 97 -23.38 18.65 -31.38
C GLY F 97 -22.06 18.28 -32.00
N THR F 98 -22.09 17.26 -32.86
CA THR F 98 -20.91 16.75 -33.59
C THR F 98 -21.26 16.64 -35.07
N VAL F 99 -20.29 16.85 -35.96
CA VAL F 99 -20.53 16.77 -37.43
C VAL F 99 -20.93 15.33 -37.79
N GLN F 100 -20.53 14.35 -36.99
CA GLN F 100 -20.82 12.91 -37.22
C GLN F 100 -22.33 12.69 -37.22
N ASP F 101 -23.08 13.40 -36.38
CA ASP F 101 -24.55 13.21 -36.30
C ASP F 101 -25.21 14.43 -36.97
N ARG F 102 -25.56 15.40 -36.16
CA ARG F 102 -26.56 16.47 -36.38
C ARG F 102 -25.88 17.84 -36.55
N ALA F 103 -24.62 17.95 -36.09
CA ALA F 103 -23.91 19.22 -35.85
C ALA F 103 -24.72 20.12 -34.90
N GLU F 104 -25.70 19.58 -34.16
CA GLU F 104 -26.55 20.42 -33.27
C GLU F 104 -27.14 19.60 -32.11
N THR F 105 -27.09 20.19 -30.90
CA THR F 105 -27.90 19.83 -29.72
C THR F 105 -29.06 20.83 -29.66
N THR F 106 -30.29 20.33 -29.54
CA THR F 106 -31.53 21.13 -29.64
C THR F 106 -32.41 20.94 -28.41
N ILE F 107 -32.81 22.03 -27.79
CA ILE F 107 -33.76 22.04 -26.66
C ILE F 107 -34.92 22.96 -27.07
N GLY F 108 -36.16 22.49 -26.89
CA GLY F 108 -37.38 23.25 -27.20
C GLY F 108 -37.76 24.23 -26.13
N ASP F 109 -39.04 24.25 -25.75
CA ASP F 109 -39.61 25.31 -24.89
C ASP F 109 -40.14 24.70 -23.60
N HIS F 110 -40.17 25.49 -22.52
CA HIS F 110 -40.86 25.16 -21.25
C HIS F 110 -40.28 23.90 -20.60
N ASN F 111 -39.00 23.60 -20.84
CA ASN F 111 -38.30 22.46 -20.18
C ASN F 111 -37.78 22.90 -18.82
N LEU F 112 -37.74 21.95 -17.87
CA LEU F 112 -37.14 22.15 -16.54
C LEU F 112 -36.00 21.13 -16.40
N ILE F 113 -34.77 21.60 -16.38
CA ILE F 113 -33.53 20.79 -16.30
C ILE F 113 -32.90 21.10 -14.95
N MET F 114 -33.03 20.16 -14.03
CA MET F 114 -32.63 20.33 -12.62
C MET F 114 -31.13 20.09 -12.42
N ALA F 115 -30.67 20.34 -11.20
CA ALA F 115 -29.25 20.50 -10.83
C ALA F 115 -28.44 19.31 -11.30
N TYR F 116 -27.31 19.59 -11.94
CA TYR F 116 -26.25 18.66 -12.35
C TYR F 116 -26.76 17.69 -13.42
N ALA F 117 -27.91 17.96 -14.05
CA ALA F 117 -28.33 17.24 -15.25
C ALA F 117 -27.25 17.42 -16.32
N HIS F 118 -27.12 16.42 -17.19
CA HIS F 118 -26.17 16.41 -18.32
C HIS F 118 -26.97 16.15 -19.60
N ILE F 119 -26.82 17.03 -20.57
CA ILE F 119 -27.42 16.86 -21.91
C ILE F 119 -26.25 16.72 -22.87
N GLY F 120 -26.02 15.48 -23.30
CA GLY F 120 -24.88 15.16 -24.16
C GLY F 120 -25.07 15.66 -25.59
N HIS F 121 -23.97 15.72 -26.32
CA HIS F 121 -23.90 16.13 -27.74
C HIS F 121 -24.97 15.42 -28.56
N ASP F 122 -25.65 16.21 -29.42
CA ASP F 122 -26.55 15.77 -30.49
C ASP F 122 -27.88 15.33 -29.89
N SER F 123 -28.13 15.60 -28.61
CA SER F 123 -29.44 15.27 -27.99
C SER F 123 -30.48 16.25 -28.51
N VAL F 124 -31.74 15.83 -28.51
CA VAL F 124 -32.88 16.68 -28.95
C VAL F 124 -33.94 16.54 -27.86
N ILE F 125 -34.18 17.63 -27.14
CA ILE F 125 -35.25 17.72 -26.13
C ILE F 125 -36.39 18.55 -26.74
N GLY F 126 -37.61 18.06 -26.61
CA GLY F 126 -38.81 18.77 -27.09
C GLY F 126 -39.23 19.85 -26.14
N ASN F 127 -40.51 19.86 -25.79
CA ASN F 127 -41.18 20.90 -24.98
C ASN F 127 -41.75 20.25 -23.74
N HIS F 128 -41.78 20.99 -22.64
CA HIS F 128 -42.44 20.66 -21.35
C HIS F 128 -41.83 19.41 -20.72
N CYS F 129 -40.56 19.10 -21.00
CA CYS F 129 -39.86 17.96 -20.39
C CYS F 129 -39.36 18.35 -19.01
N ILE F 130 -39.19 17.38 -18.11
CA ILE F 130 -38.59 17.59 -16.78
C ILE F 130 -37.47 16.55 -16.66
N LEU F 131 -36.23 17.03 -16.54
CA LEU F 131 -35.06 16.20 -16.25
C LEU F 131 -34.67 16.55 -14.82
N VAL F 132 -34.92 15.64 -13.91
CA VAL F 132 -34.67 15.87 -12.45
C VAL F 132 -33.15 15.72 -12.21
N ASN F 133 -32.68 16.17 -11.04
CA ASN F 133 -31.26 16.19 -10.59
C ASN F 133 -30.47 15.04 -11.19
N ASN F 134 -29.36 15.37 -11.85
CA ASN F 134 -28.30 14.38 -12.21
C ASN F 134 -28.81 13.40 -13.27
N THR F 135 -29.92 13.69 -13.95
CA THR F 135 -30.29 12.96 -15.19
C THR F 135 -29.17 13.16 -16.21
N ALA F 136 -28.74 12.10 -16.90
CA ALA F 136 -27.58 12.14 -17.80
C ALA F 136 -27.99 11.54 -19.15
N LEU F 137 -28.04 12.38 -20.20
CA LEU F 137 -28.27 11.89 -21.58
C LEU F 137 -26.90 11.74 -22.21
N ALA F 138 -26.46 10.51 -22.42
CA ALA F 138 -25.09 10.18 -22.91
C ALA F 138 -24.79 10.85 -24.23
N GLY F 139 -25.76 10.98 -25.12
CA GLY F 139 -25.48 11.54 -26.46
C GLY F 139 -26.44 11.03 -27.51
N HIS F 140 -26.82 11.89 -28.45
CA HIS F 140 -27.76 11.55 -29.55
C HIS F 140 -29.09 11.04 -28.94
N VAL F 141 -29.49 11.52 -27.77
CA VAL F 141 -30.74 11.06 -27.09
C VAL F 141 -31.86 11.99 -27.51
N HIS F 142 -33.00 11.45 -27.86
CA HIS F 142 -34.21 12.23 -28.23
C HIS F 142 -35.25 12.08 -27.13
N VAL F 143 -35.61 13.18 -26.45
CA VAL F 143 -36.63 13.19 -25.38
C VAL F 143 -37.84 13.97 -25.92
N ASP F 144 -38.97 13.29 -26.11
CA ASP F 144 -40.17 13.87 -26.74
C ASP F 144 -40.98 14.58 -25.64
N ASP F 145 -41.98 15.34 -26.08
CA ASP F 145 -42.67 16.36 -25.26
C ASP F 145 -43.22 15.71 -23.99
N TRP F 146 -43.14 16.45 -22.88
CA TRP F 146 -43.82 16.18 -21.60
C TRP F 146 -43.13 15.03 -20.84
N ALA F 147 -42.08 14.41 -21.41
CA ALA F 147 -41.39 13.27 -20.72
C ALA F 147 -40.83 13.77 -19.39
N ILE F 148 -40.93 12.94 -18.32
CA ILE F 148 -40.32 13.21 -17.01
C ILE F 148 -39.28 12.12 -16.75
N LEU F 149 -38.02 12.51 -16.54
CA LEU F 149 -36.93 11.61 -16.11
C LEU F 149 -36.59 11.96 -14.67
N SER F 150 -36.90 11.07 -13.72
CA SER F 150 -36.73 11.33 -12.27
C SER F 150 -35.24 11.30 -11.93
N GLY F 151 -34.89 11.60 -10.69
CA GLY F 151 -33.50 11.84 -10.26
C GLY F 151 -32.57 10.73 -10.72
N TYR F 152 -31.41 11.10 -11.22
CA TYR F 152 -30.26 10.19 -11.52
C TYR F 152 -30.71 9.15 -12.55
N THR F 153 -31.54 9.54 -13.50
CA THR F 153 -31.90 8.69 -14.66
C THR F 153 -30.73 8.74 -15.62
N LEU F 154 -30.30 7.59 -16.11
CA LEU F 154 -29.16 7.48 -17.04
C LEU F 154 -29.71 6.96 -18.35
N VAL F 155 -29.39 7.65 -19.44
CA VAL F 155 -29.88 7.27 -20.78
C VAL F 155 -28.67 7.03 -21.66
N HIS F 156 -28.61 5.82 -22.21
CA HIS F 156 -27.56 5.36 -23.16
C HIS F 156 -27.64 6.13 -24.47
N GLN F 157 -26.54 6.16 -25.20
CA GLN F 157 -26.48 6.86 -26.52
C GLN F 157 -27.57 6.33 -27.44
N TYR F 158 -28.19 7.24 -28.20
CA TYR F 158 -29.15 6.98 -29.30
C TYR F 158 -30.54 6.61 -28.78
N CYS F 159 -30.76 6.50 -27.48
CA CYS F 159 -32.08 6.09 -26.95
C CYS F 159 -33.10 7.20 -27.20
N ARG F 160 -34.33 6.80 -27.51
CA ARG F 160 -35.51 7.68 -27.66
C ARG F 160 -36.39 7.50 -26.43
N ILE F 161 -36.74 8.62 -25.80
CA ILE F 161 -37.66 8.71 -24.63
C ILE F 161 -38.97 9.30 -25.17
N GLY F 162 -40.04 8.50 -25.20
CA GLY F 162 -41.34 8.82 -25.78
C GLY F 162 -42.07 9.93 -25.04
N ALA F 163 -42.99 10.59 -25.73
CA ALA F 163 -43.81 11.71 -25.22
C ALA F 163 -44.64 11.21 -24.04
N HIS F 164 -44.73 12.04 -22.99
CA HIS F 164 -45.58 11.76 -21.80
C HIS F 164 -45.12 10.51 -21.05
N SER F 165 -43.86 10.07 -21.22
CA SER F 165 -43.24 8.90 -20.55
C SER F 165 -42.68 9.34 -19.20
N PHE F 166 -42.35 8.38 -18.35
CA PHE F 166 -41.90 8.63 -16.97
C PHE F 166 -40.82 7.61 -16.64
N SER F 167 -39.69 8.06 -16.13
CA SER F 167 -38.66 7.15 -15.58
C SER F 167 -38.57 7.43 -14.09
N GLY F 168 -38.60 6.36 -13.29
CA GLY F 168 -38.36 6.40 -11.85
C GLY F 168 -36.94 6.79 -11.53
N MET F 169 -36.72 7.20 -10.29
CA MET F 169 -35.39 7.62 -9.77
C MET F 169 -34.39 6.49 -9.94
N GLY F 170 -33.20 6.77 -10.48
CA GLY F 170 -32.11 5.79 -10.68
C GLY F 170 -32.33 4.83 -11.84
N SER F 171 -33.30 5.06 -12.73
CA SER F 171 -33.53 4.23 -13.95
C SER F 171 -32.28 4.31 -14.86
N ALA F 172 -31.85 3.16 -15.37
CA ALA F 172 -30.73 3.03 -16.33
C ALA F 172 -31.31 2.56 -17.64
N ILE F 173 -31.54 3.49 -18.57
CA ILE F 173 -32.32 3.29 -19.83
C ILE F 173 -31.33 2.97 -20.96
N GLY F 174 -31.40 1.73 -21.46
CA GLY F 174 -30.54 1.18 -22.51
C GLY F 174 -31.32 0.89 -23.78
N LYS F 175 -32.65 0.98 -23.70
CA LYS F 175 -33.53 0.77 -24.87
C LYS F 175 -34.57 1.88 -24.88
N ASP F 176 -35.20 2.05 -26.03
CA ASP F 176 -36.19 3.12 -26.26
C ASP F 176 -37.34 2.97 -25.27
N VAL F 177 -37.80 4.09 -24.71
CA VAL F 177 -39.01 4.15 -23.86
C VAL F 177 -40.15 4.63 -24.75
N PRO F 178 -41.15 3.77 -25.01
CA PRO F 178 -42.32 4.19 -25.78
C PRO F 178 -43.01 5.37 -25.09
N ALA F 179 -43.68 6.21 -25.87
CA ALA F 179 -44.64 7.22 -25.41
C ALA F 179 -45.58 6.63 -24.34
N TYR F 180 -45.84 7.39 -23.28
CA TYR F 180 -46.78 7.15 -22.15
C TYR F 180 -46.31 6.04 -21.20
N VAL F 181 -45.16 5.42 -21.42
CA VAL F 181 -44.75 4.24 -20.62
C VAL F 181 -43.97 4.71 -19.38
N THR F 182 -44.12 3.96 -18.30
N THR F 182 -44.22 4.06 -18.23
CA THR F 182 -43.42 4.19 -17.02
CA THR F 182 -43.41 4.22 -17.00
C THR F 182 -42.36 3.10 -16.85
C THR F 182 -42.35 3.12 -16.96
N VAL F 183 -41.10 3.51 -16.68
CA VAL F 183 -39.95 2.58 -16.54
C VAL F 183 -39.30 2.89 -15.21
N PHE F 184 -38.66 1.87 -14.64
CA PHE F 184 -38.00 1.91 -13.31
C PHE F 184 -36.83 0.96 -13.33
N GLY F 185 -35.79 1.23 -12.55
CA GLY F 185 -34.76 0.25 -12.18
C GLY F 185 -33.55 0.27 -13.09
N ASN F 186 -32.60 -0.63 -12.82
CA ASN F 186 -31.32 -0.78 -13.54
C ASN F 186 -31.04 -2.26 -13.76
N PRO F 187 -31.26 -2.84 -14.96
CA PRO F 187 -31.68 -2.10 -16.15
C PRO F 187 -33.15 -1.65 -16.09
N ALA F 188 -33.52 -0.62 -16.86
CA ALA F 188 -34.89 -0.05 -16.80
C ALA F 188 -35.90 -1.13 -17.20
N GLU F 189 -37.07 -1.12 -16.58
CA GLU F 189 -38.14 -2.13 -16.82
C GLU F 189 -39.46 -1.40 -17.04
N ALA F 190 -40.22 -1.85 -18.02
CA ALA F 190 -41.57 -1.30 -18.34
C ALA F 190 -42.57 -1.75 -17.27
N ARG F 191 -43.17 -0.83 -16.54
CA ARG F 191 -44.14 -1.21 -15.47
C ARG F 191 -45.58 -0.98 -15.94
N SER F 192 -45.85 0.10 -16.60
CA SER F 192 -47.11 0.23 -17.35
C SER F 192 -47.14 1.64 -17.93
N MET F 193 -48.31 2.22 -17.97
CA MET F 193 -48.42 3.57 -18.54
C MET F 193 -48.57 4.60 -17.44
N ASN F 194 -48.21 5.82 -17.81
CA ASN F 194 -48.19 7.05 -16.97
C ASN F 194 -49.61 7.58 -16.80
N PHE F 195 -50.52 6.78 -16.21
CA PHE F 195 -51.91 7.19 -15.89
C PHE F 195 -51.88 8.45 -15.05
N GLU F 196 -51.00 8.48 -14.04
CA GLU F 196 -50.82 9.64 -13.12
C GLU F 196 -50.52 10.91 -13.92
N GLY F 197 -49.54 10.91 -14.83
CA GLY F 197 -49.22 12.04 -15.72
C GLY F 197 -50.42 12.39 -16.60
N MET F 198 -51.05 11.39 -17.21
CA MET F 198 -52.15 11.57 -18.19
C MET F 198 -53.39 12.15 -17.51
N ARG F 199 -53.72 11.69 -16.31
CA ARG F 199 -54.97 12.15 -15.65
C ARG F 199 -54.83 13.61 -15.23
N ARG F 200 -53.74 13.99 -14.57
CA ARG F 200 -53.54 15.36 -14.04
C ARG F 200 -53.29 16.35 -15.19
N ARG F 201 -52.78 15.89 -16.34
CA ARG F 201 -52.66 16.73 -17.57
C ARG F 201 -54.00 16.77 -18.32
N GLY F 202 -54.91 15.86 -17.96
CA GLY F 202 -56.30 15.87 -18.44
C GLY F 202 -56.47 15.22 -19.80
N PHE F 203 -55.76 14.13 -20.08
CA PHE F 203 -56.12 13.21 -21.19
C PHE F 203 -57.53 12.65 -20.95
N SER F 204 -58.19 12.22 -22.02
CA SER F 204 -59.60 11.74 -21.97
C SER F 204 -59.59 10.33 -21.40
N SER F 205 -60.62 9.97 -20.64
CA SER F 205 -60.87 8.60 -20.14
C SER F 205 -60.79 7.59 -21.30
N GLU F 206 -61.38 7.94 -22.43
CA GLU F 206 -61.44 7.10 -23.65
C GLU F 206 -60.03 6.86 -24.21
N ALA F 207 -59.14 7.86 -24.20
CA ALA F 207 -57.76 7.73 -24.70
C ALA F 207 -56.96 6.85 -23.75
N ILE F 208 -57.06 7.11 -22.46
CA ILE F 208 -56.38 6.30 -21.39
C ILE F 208 -56.79 4.84 -21.57
N HIS F 209 -58.09 4.55 -21.73
CA HIS F 209 -58.61 3.17 -21.90
C HIS F 209 -58.03 2.56 -23.19
N ALA F 210 -57.96 3.34 -24.27
CA ALA F 210 -57.37 2.87 -25.53
C ALA F 210 -55.87 2.57 -25.33
N LEU F 211 -55.13 3.40 -24.61
CA LEU F 211 -53.67 3.19 -24.34
C LEU F 211 -53.49 1.98 -23.42
N ARG F 212 -54.35 1.81 -22.42
CA ARG F 212 -54.41 0.59 -21.58
C ARG F 212 -54.38 -0.64 -22.49
N ARG F 213 -55.25 -0.70 -23.50
CA ARG F 213 -55.35 -1.91 -24.36
C ARG F 213 -54.09 -2.00 -25.22
N ALA F 214 -53.59 -0.88 -25.73
CA ALA F 214 -52.40 -0.88 -26.63
C ALA F 214 -51.19 -1.44 -25.87
N TYR F 215 -51.03 -1.06 -24.61
CA TYR F 215 -49.95 -1.58 -23.73
C TYR F 215 -50.00 -3.12 -23.76
N LYS F 216 -51.19 -3.70 -23.56
CA LYS F 216 -51.39 -5.17 -23.50
C LYS F 216 -51.02 -5.80 -24.84
N VAL F 217 -51.35 -5.14 -25.95
CA VAL F 217 -51.03 -5.65 -27.32
C VAL F 217 -49.50 -5.80 -27.45
N VAL F 218 -48.73 -4.85 -26.95
CA VAL F 218 -47.26 -4.80 -27.17
C VAL F 218 -46.53 -5.71 -26.18
N TYR F 219 -46.94 -5.68 -24.92
CA TYR F 219 -46.20 -6.23 -23.78
C TYR F 219 -46.75 -7.58 -23.31
N ARG F 220 -48.05 -7.87 -23.44
CA ARG F 220 -48.69 -8.94 -22.61
C ARG F 220 -49.36 -10.03 -23.45
N GLN F 221 -49.36 -9.94 -24.78
CA GLN F 221 -50.15 -10.88 -25.63
C GLN F 221 -49.19 -11.76 -26.43
N GLY F 222 -47.89 -11.75 -26.09
CA GLY F 222 -46.88 -12.63 -26.70
C GLY F 222 -46.63 -12.35 -28.19
N HIS F 223 -46.98 -11.17 -28.69
CA HIS F 223 -46.72 -10.75 -30.10
C HIS F 223 -45.25 -10.34 -30.25
N THR F 224 -44.66 -10.67 -31.40
CA THR F 224 -43.45 -9.97 -31.91
C THR F 224 -43.84 -8.50 -32.11
N VAL F 225 -42.87 -7.60 -32.21
CA VAL F 225 -43.10 -6.14 -32.47
C VAL F 225 -43.91 -5.99 -33.77
N GLU F 226 -43.57 -6.78 -34.81
CA GLU F 226 -44.25 -6.74 -36.14
C GLU F 226 -45.72 -7.10 -35.97
N GLU F 227 -46.00 -8.22 -35.29
CA GLU F 227 -47.38 -8.65 -34.97
C GLU F 227 -48.09 -7.54 -34.17
N ALA F 228 -47.44 -7.04 -33.12
CA ALA F 228 -48.00 -5.97 -32.24
C ALA F 228 -48.35 -4.73 -33.09
N LEU F 229 -47.42 -4.24 -33.92
CA LEU F 229 -47.64 -3.06 -34.81
C LEU F 229 -48.88 -3.31 -35.67
N ALA F 230 -48.96 -4.49 -36.31
CA ALA F 230 -50.14 -4.92 -37.12
C ALA F 230 -51.42 -4.76 -36.29
N GLU F 231 -51.42 -5.33 -35.08
CA GLU F 231 -52.57 -5.31 -34.16
C GLU F 231 -52.95 -3.87 -33.76
N LEU F 232 -51.97 -2.95 -33.66
CA LEU F 232 -52.21 -1.54 -33.24
C LEU F 232 -52.82 -0.73 -34.40
N ALA F 233 -52.53 -1.14 -35.64
CA ALA F 233 -52.84 -0.36 -36.85
C ALA F 233 -54.23 0.25 -36.68
N GLU F 234 -55.18 -0.59 -36.27
CA GLU F 234 -56.60 -0.20 -36.15
C GLU F 234 -56.74 0.96 -35.16
N SER F 235 -56.57 0.69 -33.85
CA SER F 235 -56.67 1.69 -32.75
C SER F 235 -55.78 2.91 -33.04
N ALA F 236 -54.57 2.72 -33.59
CA ALA F 236 -53.62 3.81 -33.93
C ALA F 236 -54.30 4.82 -34.87
N ALA F 237 -55.15 4.37 -35.81
CA ALA F 237 -55.82 5.27 -36.77
C ALA F 237 -57.01 5.99 -36.11
N GLN F 238 -57.47 5.54 -34.94
CA GLN F 238 -58.71 6.04 -34.28
C GLN F 238 -58.37 7.04 -33.16
N PHE F 239 -57.27 6.81 -32.43
CA PHE F 239 -56.81 7.63 -31.28
C PHE F 239 -55.40 8.15 -31.57
N PRO F 240 -55.22 9.49 -31.63
CA PRO F 240 -53.91 10.09 -31.86
C PRO F 240 -52.84 9.61 -30.86
N GLU F 241 -53.21 9.46 -29.60
CA GLU F 241 -52.30 8.96 -28.53
C GLU F 241 -51.80 7.57 -28.90
N VAL F 242 -52.68 6.69 -29.35
CA VAL F 242 -52.27 5.31 -29.73
C VAL F 242 -51.35 5.40 -30.95
N ALA F 243 -51.62 6.31 -31.88
CA ALA F 243 -50.72 6.55 -33.02
C ALA F 243 -49.33 6.95 -32.49
N VAL F 244 -49.24 7.84 -31.52
CA VAL F 244 -47.94 8.33 -30.97
C VAL F 244 -47.24 7.15 -30.30
N PHE F 245 -48.00 6.35 -29.56
CA PHE F 245 -47.48 5.13 -28.91
C PHE F 245 -46.95 4.21 -30.00
N ARG F 246 -47.78 3.93 -31.00
CA ARG F 246 -47.43 2.98 -32.12
C ARG F 246 -46.17 3.47 -32.84
N ASP F 247 -46.12 4.77 -33.17
CA ASP F 247 -44.93 5.40 -33.83
C ASP F 247 -43.68 5.19 -32.97
N SER F 248 -43.76 5.33 -31.64
CA SER F 248 -42.60 5.14 -30.72
C SER F 248 -42.11 3.70 -30.76
N ILE F 249 -43.00 2.73 -30.90
CA ILE F 249 -42.60 1.31 -31.06
C ILE F 249 -41.97 1.10 -32.45
N GLN F 250 -42.59 1.62 -33.51
CA GLN F 250 -42.03 1.48 -34.88
C GLN F 250 -40.62 2.12 -34.97
N SER F 251 -40.37 3.24 -34.31
CA SER F 251 -39.06 3.93 -34.43
C SER F 251 -37.99 3.25 -33.54
N ALA F 252 -38.38 2.33 -32.67
CA ALA F 252 -37.44 1.71 -31.69
C ALA F 252 -36.41 0.89 -32.47
N THR F 253 -35.18 1.38 -32.51
CA THR F 253 -34.04 0.80 -33.27
C THR F 253 -33.52 -0.42 -32.49
N ARG F 254 -33.03 -0.13 -31.28
CA ARG F 254 -32.34 -1.05 -30.33
C ARG F 254 -33.36 -1.99 -29.65
N GLY F 255 -34.62 -2.00 -30.10
CA GLY F 255 -35.77 -2.60 -29.38
C GLY F 255 -36.30 -1.66 -28.30
N ILE F 256 -37.51 -1.93 -27.79
CA ILE F 256 -38.13 -1.13 -26.69
C ILE F 256 -37.74 -1.73 -25.35
N THR F 257 -37.90 -0.95 -24.28
CA THR F 257 -37.74 -1.35 -22.88
C THR F 257 -38.85 -2.33 -22.54
N ARG F 258 -38.49 -3.52 -22.06
CA ARG F 258 -39.45 -4.61 -21.74
C ARG F 258 -39.58 -4.73 -20.23
C10 F30 G . 14.65 -19.76 9.05
C15 F30 G . 12.49 -22.34 14.97
C17 F30 G . 11.03 -23.71 16.33
C20 F30 G . 12.27 -21.75 17.38
BR01 F30 G . 15.93 -17.06 9.46
C02 F30 G . 15.32 -18.63 8.47
C03 F30 G . 15.45 -18.91 7.11
N04 F30 G . 14.90 -20.11 6.87
C05 F30 G . 14.40 -20.67 8.01
C06 F30 G . 13.73 -21.91 8.28
C07 F30 G . 13.34 -22.21 9.60
C08 F30 G . 13.63 -21.32 10.66
C09 F30 G . 14.27 -20.09 10.38
C11 F30 G . 13.18 -21.57 12.10
O12 F30 G . 13.20 -20.63 12.85
N13 F30 G . 12.70 -22.89 12.54
C14 F30 G . 12.19 -23.15 13.87
C16 F30 G . 11.92 -22.64 16.20
C18 F30 G . 10.73 -24.51 15.24
C19 F30 G . 11.29 -24.22 14.01
N21 F30 G . 11.59 -21.70 18.56
N22 F30 G . 12.19 -20.74 19.32
N23 F30 G . 13.22 -20.21 18.63
N24 F30 G . 13.26 -20.83 17.40
C10 F30 H . 22.05 -0.89 11.12
C15 F30 H . 18.07 1.09 16.29
C17 F30 H . 16.68 2.75 17.39
C20 F30 H . 17.19 0.63 18.58
BR01 F30 H . 23.42 -3.47 11.59
C02 F30 H . 22.99 -1.84 10.71
C03 F30 H . 23.51 -1.40 9.49
N04 F30 H . 22.92 -0.23 9.18
C05 F30 H . 22.02 0.10 10.15
C06 F30 H . 21.17 1.23 10.31
C07 F30 H . 20.33 1.36 11.41
C08 F30 H . 20.35 0.34 12.38
C09 F30 H . 21.21 -0.77 12.26
C11 F30 H . 19.48 0.39 13.63
O12 F30 H . 19.26 -0.62 14.21
N13 F30 H . 18.96 1.67 14.03
C14 F30 H . 18.16 1.93 15.19
C16 F30 H . 17.31 1.52 17.36
C18 F30 H . 16.78 3.59 16.29
C19 F30 H . 17.53 3.19 15.22
N21 F30 H . 17.43 -0.69 18.63
N22 F30 H . 17.26 -1.08 19.93
N23 F30 H . 16.92 0.03 20.63
N24 F30 H . 16.90 1.10 19.81
C10 F30 I . 34.43 -16.68 15.34
C15 F30 I . 35.38 -15.82 22.00
C17 F30 I . 36.36 -15.84 24.18
C20 F30 I . 33.89 -15.19 23.86
BR01 F30 I . 31.55 -16.65 14.53
C02 F30 I . 33.46 -16.75 14.31
C03 F30 I . 34.11 -16.91 13.11
N04 F30 I . 35.41 -16.93 13.37
C05 F30 I . 35.66 -16.78 14.70
C06 F30 I . 36.86 -16.74 15.46
C07 F30 I . 36.81 -16.59 16.85
C08 F30 I . 35.57 -16.46 17.50
C09 F30 I . 34.38 -16.50 16.74
C11 F30 I . 35.45 -16.28 19.02
O12 F30 I . 34.36 -15.95 19.41
N13 F30 I . 36.61 -16.45 19.92
C14 F30 I . 36.54 -16.25 21.39
C16 F30 I . 35.28 -15.59 23.36
C18 F30 I . 37.56 -16.27 23.58
C19 F30 I . 37.66 -16.46 22.20
N21 F30 I . 33.46 -15.18 25.13
N22 F30 I . 32.14 -14.84 25.11
N23 F30 I . 31.74 -14.67 23.85
N24 F30 I . 32.83 -14.89 23.07
C10 F30 J . 39.93 -13.34 19.78
C15 F30 J . 38.29 -13.08 26.30
C17 F30 J . 38.78 -11.93 28.35
C20 F30 J . 36.71 -13.42 28.25
BR01 F30 J . 37.01 -13.38 19.05
C02 F30 J . 38.96 -13.51 18.76
C03 F30 J . 39.64 -13.75 17.56
N04 F30 J . 40.95 -13.74 17.82
C05 F30 J . 41.17 -13.49 19.16
C06 F30 J . 42.34 -13.37 19.97
C07 F30 J . 42.27 -13.10 21.36
C08 F30 J . 41.02 -12.97 21.98
C09 F30 J . 39.86 -13.07 21.18
C11 F30 J . 40.90 -12.63 23.48
O12 F30 J . 41.83 -12.08 23.98
N13 F30 J . 39.67 -12.88 24.28
C14 F30 J . 39.42 -12.55 25.69
C16 F30 J . 37.97 -12.80 27.62
C18 F30 J . 39.90 -11.39 27.75
C19 F30 J . 40.21 -11.68 26.44
N21 F30 J . 35.88 -14.30 27.67
N22 F30 J . 34.88 -14.59 28.54
N23 F30 J . 35.09 -13.87 29.66
N24 F30 J . 36.23 -13.15 29.48
C10 F30 K . -21.78 8.79 -21.22
C15 F30 K . -21.94 2.09 -22.48
C17 F30 K . -21.77 0.16 -23.96
C20 F30 K . -23.05 -0.02 -21.83
BR01 F30 K . -23.63 9.56 -18.98
C02 F30 K . -22.31 9.81 -20.40
C03 F30 K . -21.72 11.02 -20.78
N04 F30 K . -20.86 10.76 -21.77
C05 F30 K . -20.87 9.42 -22.06
C06 F30 K . -20.13 8.63 -23.01
C07 F30 K . -20.35 7.23 -23.08
C08 F30 K . -21.24 6.60 -22.20
C09 F30 K . -21.97 7.37 -21.30
C11 F30 K . -21.56 5.10 -22.29
O12 F30 K . -22.52 4.67 -21.70
N13 F30 K . -20.83 4.21 -23.19
C14 F30 K . -21.17 2.84 -23.38
C16 F30 K . -22.21 0.75 -22.79
C18 F30 K . -21.03 0.93 -24.84
C19 F30 K . -20.73 2.25 -24.54
N21 F30 K . -23.39 0.41 -20.59
N22 F30 K . -24.24 -0.53 -20.07
N23 F30 K . -24.44 -1.49 -21.01
N24 F30 K . -23.70 -1.17 -22.11
C1 GOL L . -19.04 -3.89 -24.00
O1 GOL L . -20.02 -2.91 -23.67
C2 GOL L . -17.69 -3.28 -24.28
O2 GOL L . -16.95 -4.14 -25.14
C3 GOL L . -17.76 -1.90 -24.91
O3 GOL L . -16.62 -1.63 -25.70
C10 F30 M . -17.82 7.29 -1.00
C15 F30 M . -20.22 1.45 1.53
C17 F30 M . -20.07 -0.36 3.12
C20 F30 M . -21.46 -0.63 1.06
BR01 F30 M . -18.61 7.91 -3.75
C02 F30 M . -17.77 8.16 -2.09
C03 F30 M . -17.07 9.32 -1.71
N04 F30 M . -16.69 9.16 -0.47
C05 F30 M . -17.09 7.93 0.01
C06 F30 M . -16.96 7.32 1.28
C07 F30 M . -17.55 6.05 1.48
C08 F30 M . -18.28 5.42 0.45
C09 F30 M . -18.41 6.03 -0.77
C11 F30 M . -18.85 4.01 0.62
O12 F30 M . -19.07 3.33 -0.38
N13 F30 M . -18.95 3.50 2.01
C14 F30 M . -19.38 2.20 2.35
C16 F30 M . -20.57 0.18 1.94
C18 F30 M . -19.20 0.40 3.93
C19 F30 M . -18.84 1.69 3.55
N21 F30 M . -22.09 -0.22 -0.03
N22 F30 M . -22.77 -1.28 -0.52
N23 F30 M . -22.52 -2.35 0.25
N24 F30 M . -21.71 -1.94 1.24
C10 F30 N . -35.73 14.28 -6.95
C15 F30 N . -40.30 9.46 -8.18
C17 F30 N . -42.54 8.60 -8.42
C20 F30 N . -40.61 7.01 -8.45
BR01 F30 N . -32.99 13.27 -6.47
C02 F30 N . -34.38 14.53 -6.62
C03 F30 N . -34.16 15.89 -6.47
N04 F30 N . -35.33 16.45 -6.69
C05 F30 N . -36.33 15.50 -6.96
C06 F30 N . -37.73 15.64 -7.23
C07 F30 N . -38.49 14.51 -7.52
C08 F30 N . -37.85 13.24 -7.50
C09 F30 N . -36.49 13.13 -7.22
C11 F30 N . -38.62 11.93 -7.76
O12 F30 N . -38.01 10.90 -7.90
N13 F30 N . -40.05 11.94 -7.84
C14 F30 N . -40.85 10.75 -8.07
C16 F30 N . -41.17 8.41 -8.36
C18 F30 N . -43.08 9.88 -8.32
C19 F30 N . -42.23 10.95 -8.13
N21 F30 N . -39.33 6.65 -8.74
N22 F30 N . -39.28 5.30 -8.68
N23 F30 N . -40.49 4.82 -8.36
N24 F30 N . -41.32 5.87 -8.18
#